data_2OPA
# 
_entry.id   2OPA 
# 
_audit_conform.dict_name       mmcif_pdbx.dic 
_audit_conform.dict_version    5.377 
_audit_conform.dict_location   http://mmcif.pdb.org/dictionaries/ascii/mmcif_pdbx.dic 
# 
loop_
_database_2.database_id 
_database_2.database_code 
_database_2.pdbx_database_accession 
_database_2.pdbx_DOI 
PDB   2OPA         pdb_00002opa 10.2210/pdb2opa/pdb 
RCSB  RCSB041418   ?            ?                   
WWPDB D_1000041418 ?            ?                   
# 
_pdbx_database_related.db_name        PDB 
_pdbx_database_related.db_id          2OP8 
_pdbx_database_related.details        'Native YwhB' 
_pdbx_database_related.content_type   unspecified 
# 
_pdbx_database_status.status_code                     REL 
_pdbx_database_status.entry_id                        2OPA 
_pdbx_database_status.recvd_initial_deposition_date   2007-01-28 
_pdbx_database_status.deposit_site                    RCSB 
_pdbx_database_status.process_site                    RCSB 
_pdbx_database_status.status_code_sf                  REL 
_pdbx_database_status.status_code_mr                  ? 
_pdbx_database_status.SG_entry                        ? 
_pdbx_database_status.pdb_format_compatible           Y 
_pdbx_database_status.status_code_cs                  ? 
_pdbx_database_status.methods_development_category    ? 
_pdbx_database_status.status_code_nmr_data            ? 
# 
loop_
_audit_author.name 
_audit_author.pdbx_ordinal 
'Hackert, M.L.' 1 
'Whitman, C.P.' 2 
'Almrud, J.J.'  3 
# 
_citation.id                        primary 
_citation.title                     
;The Crystal Structure of YwhB, a 4-Oxalocrotonate Tautomerase Homologue from Bacillus subtilis: the Structural Basis for Catalysis, Inhibition, and Reaction Stereoselectivity.
;
_citation.journal_abbrev            'TO BE PUBLISHED' 
_citation.journal_volume            ? 
_citation.page_first                ? 
_citation.page_last                 ? 
_citation.year                      ? 
_citation.journal_id_ASTM           ? 
_citation.country                   ? 
_citation.journal_id_ISSN           ? 
_citation.journal_id_CSD            0353 
_citation.book_publisher            ? 
_citation.pdbx_database_id_PubMed   ? 
_citation.pdbx_database_id_DOI      ? 
# 
loop_
_citation_author.citation_id 
_citation_author.name 
_citation_author.ordinal 
_citation_author.identifier_ORCID 
primary 'Hackert, M.L.' 1 ? 
primary 'Whitman, C.P.' 2 ? 
primary 'Almrud, J.J.'  3 ? 
primary 'Dasgupta, R.'  4 ? 
primary 'Wang, S.C.'    5 ? 
primary 'Johnson, W.H.' 6 ? 
# 
_cell.entry_id           2OPA 
_cell.length_a           141.339 
_cell.length_b           141.339 
_cell.length_c           141.339 
_cell.angle_alpha        90.00 
_cell.angle_beta         90.00 
_cell.angle_gamma        90.00 
_cell.Z_PDB              96 
_cell.pdbx_unique_axis   ? 
_cell.length_a_esd       ? 
_cell.length_b_esd       ? 
_cell.length_c_esd       ? 
_cell.angle_alpha_esd    ? 
_cell.angle_beta_esd     ? 
_cell.angle_gamma_esd    ? 
# 
_symmetry.entry_id                         2OPA 
_symmetry.space_group_name_H-M             'I 4 3 2' 
_symmetry.pdbx_full_space_group_name_H-M   ? 
_symmetry.cell_setting                     ? 
_symmetry.Int_Tables_number                211 
_symmetry.space_group_name_Hall            ? 
# 
loop_
_entity.id 
_entity.type 
_entity.src_method 
_entity.pdbx_description 
_entity.formula_weight 
_entity.pdbx_number_of_molecules 
_entity.pdbx_ec 
_entity.pdbx_mutation 
_entity.pdbx_fragment 
_entity.details 
1 polymer     man 'Probable tautomerase ywhB'                   7026.026 2  5.3.2.- ? ? ? 
2 non-polymer syn '2-FLUORO-3-(4-HYDROXYPHENYL)-2E-PROPENEOATE' 181.141  1  ?       ? ? ? 
3 water       nat water                                         18.015   56 ?       ? ? ? 
# 
_entity_poly.entity_id                      1 
_entity_poly.type                           'polypeptide(L)' 
_entity_poly.nstd_linkage                   no 
_entity_poly.nstd_monomer                   no 
_entity_poly.pdbx_seq_one_letter_code       PYVTVKMLEGRTDEQKRNLVEKVTEAVKETTGASEEKIVVFIEEMRKDHYAVAGKRLSDME 
_entity_poly.pdbx_seq_one_letter_code_can   PYVTVKMLEGRTDEQKRNLVEKVTEAVKETTGASEEKIVVFIEEMRKDHYAVAGKRLSDME 
_entity_poly.pdbx_strand_id                 A,B 
_entity_poly.pdbx_target_identifier         ? 
# 
loop_
_entity_poly_seq.entity_id 
_entity_poly_seq.num 
_entity_poly_seq.mon_id 
_entity_poly_seq.hetero 
1 1  PRO n 
1 2  TYR n 
1 3  VAL n 
1 4  THR n 
1 5  VAL n 
1 6  LYS n 
1 7  MET n 
1 8  LEU n 
1 9  GLU n 
1 10 GLY n 
1 11 ARG n 
1 12 THR n 
1 13 ASP n 
1 14 GLU n 
1 15 GLN n 
1 16 LYS n 
1 17 ARG n 
1 18 ASN n 
1 19 LEU n 
1 20 VAL n 
1 21 GLU n 
1 22 LYS n 
1 23 VAL n 
1 24 THR n 
1 25 GLU n 
1 26 ALA n 
1 27 VAL n 
1 28 LYS n 
1 29 GLU n 
1 30 THR n 
1 31 THR n 
1 32 GLY n 
1 33 ALA n 
1 34 SER n 
1 35 GLU n 
1 36 GLU n 
1 37 LYS n 
1 38 ILE n 
1 39 VAL n 
1 40 VAL n 
1 41 PHE n 
1 42 ILE n 
1 43 GLU n 
1 44 GLU n 
1 45 MET n 
1 46 ARG n 
1 47 LYS n 
1 48 ASP n 
1 49 HIS n 
1 50 TYR n 
1 51 ALA n 
1 52 VAL n 
1 53 ALA n 
1 54 GLY n 
1 55 LYS n 
1 56 ARG n 
1 57 LEU n 
1 58 SER n 
1 59 ASP n 
1 60 MET n 
1 61 GLU n 
# 
_entity_src_gen.entity_id                          1 
_entity_src_gen.pdbx_src_id                        1 
_entity_src_gen.pdbx_alt_source_flag               sample 
_entity_src_gen.pdbx_seq_type                      ? 
_entity_src_gen.pdbx_beg_seq_num                   ? 
_entity_src_gen.pdbx_end_seq_num                   ? 
_entity_src_gen.gene_src_common_name               ? 
_entity_src_gen.gene_src_genus                     Bacillus 
_entity_src_gen.pdbx_gene_src_gene                 ywhB 
_entity_src_gen.gene_src_species                   ? 
_entity_src_gen.gene_src_strain                    168 
_entity_src_gen.gene_src_tissue                    ? 
_entity_src_gen.gene_src_tissue_fraction           ? 
_entity_src_gen.gene_src_details                   ? 
_entity_src_gen.pdbx_gene_src_fragment             ? 
_entity_src_gen.pdbx_gene_src_scientific_name      'Bacillus subtilis' 
_entity_src_gen.pdbx_gene_src_ncbi_taxonomy_id     1423 
_entity_src_gen.pdbx_gene_src_variant              ? 
_entity_src_gen.pdbx_gene_src_cell_line            ? 
_entity_src_gen.pdbx_gene_src_atcc                 ? 
_entity_src_gen.pdbx_gene_src_organ                ? 
_entity_src_gen.pdbx_gene_src_organelle            ? 
_entity_src_gen.pdbx_gene_src_cell                 ? 
_entity_src_gen.pdbx_gene_src_cellular_location    ? 
_entity_src_gen.host_org_common_name               ? 
_entity_src_gen.pdbx_host_org_scientific_name      'Escherichia coli' 
_entity_src_gen.pdbx_host_org_ncbi_taxonomy_id     562 
_entity_src_gen.host_org_genus                     Escherichia 
_entity_src_gen.pdbx_host_org_gene                 ? 
_entity_src_gen.pdbx_host_org_organ                ? 
_entity_src_gen.host_org_species                   ? 
_entity_src_gen.pdbx_host_org_tissue               ? 
_entity_src_gen.pdbx_host_org_tissue_fraction      ? 
_entity_src_gen.pdbx_host_org_strain               'BL21-Gold(DE3) pLysS' 
_entity_src_gen.pdbx_host_org_variant              ? 
_entity_src_gen.pdbx_host_org_cell_line            ? 
_entity_src_gen.pdbx_host_org_atcc                 ? 
_entity_src_gen.pdbx_host_org_culture_collection   ? 
_entity_src_gen.pdbx_host_org_cell                 ? 
_entity_src_gen.pdbx_host_org_organelle            ? 
_entity_src_gen.pdbx_host_org_cellular_location    ? 
_entity_src_gen.pdbx_host_org_vector_type          plasmid 
_entity_src_gen.pdbx_host_org_vector               ? 
_entity_src_gen.host_org_details                   ? 
_entity_src_gen.expression_system_id               ? 
_entity_src_gen.plasmid_name                       'pET-24a(+)' 
_entity_src_gen.plasmid_details                    ? 
_entity_src_gen.pdbx_description                   ? 
# 
_struct_ref.id                         1 
_struct_ref.db_name                    UNP 
_struct_ref.db_code                    YWHB_BACSU 
_struct_ref.pdbx_db_accession          P70994 
_struct_ref.entity_id                  1 
_struct_ref.pdbx_seq_one_letter_code   PYVTVKMLEGRTDEQKRNLVEKVTEAVKETTGASEEKIVVFIEEMRKDHYAVAGKRLSDME 
_struct_ref.pdbx_align_begin           2 
_struct_ref.pdbx_db_isoform            ? 
# 
loop_
_struct_ref_seq.align_id 
_struct_ref_seq.ref_id 
_struct_ref_seq.pdbx_PDB_id_code 
_struct_ref_seq.pdbx_strand_id 
_struct_ref_seq.seq_align_beg 
_struct_ref_seq.pdbx_seq_align_beg_ins_code 
_struct_ref_seq.seq_align_end 
_struct_ref_seq.pdbx_seq_align_end_ins_code 
_struct_ref_seq.pdbx_db_accession 
_struct_ref_seq.db_align_beg 
_struct_ref_seq.pdbx_db_align_beg_ins_code 
_struct_ref_seq.db_align_end 
_struct_ref_seq.pdbx_db_align_end_ins_code 
_struct_ref_seq.pdbx_auth_seq_align_beg 
_struct_ref_seq.pdbx_auth_seq_align_end 
1 1 2OPA A 1 ? 61 ? P70994 2 ? 62 ? 1 61 
2 1 2OPA B 1 ? 61 ? P70994 2 ? 62 ? 1 61 
# 
loop_
_chem_comp.id 
_chem_comp.type 
_chem_comp.mon_nstd_flag 
_chem_comp.name 
_chem_comp.pdbx_synonyms 
_chem_comp.formula 
_chem_comp.formula_weight 
ALA 'L-peptide linking' y ALANINE                                       ?                                 'C3 H7 N O2'     89.093  
ARG 'L-peptide linking' y ARGININE                                      ?                                 'C6 H15 N4 O2 1' 175.209 
ASN 'L-peptide linking' y ASPARAGINE                                    ?                                 'C4 H8 N2 O3'    132.118 
ASP 'L-peptide linking' y 'ASPARTIC ACID'                               ?                                 'C4 H7 N O4'     133.103 
FHC non-polymer         . '2-FLUORO-3-(4-HYDROXYPHENYL)-2E-PROPENEOATE' '(E)-2-FLUORO-P-HYDROXYCINNAMATE' 'C9 H6 F O3 -1'  181.141 
GLN 'L-peptide linking' y GLUTAMINE                                     ?                                 'C5 H10 N2 O3'   146.144 
GLU 'L-peptide linking' y 'GLUTAMIC ACID'                               ?                                 'C5 H9 N O4'     147.129 
GLY 'peptide linking'   y GLYCINE                                       ?                                 'C2 H5 N O2'     75.067  
HIS 'L-peptide linking' y HISTIDINE                                     ?                                 'C6 H10 N3 O2 1' 156.162 
HOH non-polymer         . WATER                                         ?                                 'H2 O'           18.015  
ILE 'L-peptide linking' y ISOLEUCINE                                    ?                                 'C6 H13 N O2'    131.173 
LEU 'L-peptide linking' y LEUCINE                                       ?                                 'C6 H13 N O2'    131.173 
LYS 'L-peptide linking' y LYSINE                                        ?                                 'C6 H15 N2 O2 1' 147.195 
MET 'L-peptide linking' y METHIONINE                                    ?                                 'C5 H11 N O2 S'  149.211 
PHE 'L-peptide linking' y PHENYLALANINE                                 ?                                 'C9 H11 N O2'    165.189 
PRO 'L-peptide linking' y PROLINE                                       ?                                 'C5 H9 N O2'     115.130 
SER 'L-peptide linking' y SERINE                                        ?                                 'C3 H7 N O3'     105.093 
THR 'L-peptide linking' y THREONINE                                     ?                                 'C4 H9 N O3'     119.119 
TYR 'L-peptide linking' y TYROSINE                                      ?                                 'C9 H11 N O3'    181.189 
VAL 'L-peptide linking' y VALINE                                        ?                                 'C5 H11 N O2'    117.146 
# 
_exptl.entry_id          2OPA 
_exptl.method            'X-RAY DIFFRACTION' 
_exptl.crystals_number   1 
# 
_exptl_crystal.id                    1 
_exptl_crystal.density_meas          ? 
_exptl_crystal.density_Matthews      4.19 
_exptl_crystal.density_percent_sol   70.61 
_exptl_crystal.description           ? 
_exptl_crystal.F_000                 ? 
_exptl_crystal.preparation           ? 
# 
_exptl_crystal_grow.crystal_id      1 
_exptl_crystal_grow.method          'VAPOR DIFFUSION, SITTING DROP' 
_exptl_crystal_grow.temp            277 
_exptl_crystal_grow.temp_details    ? 
_exptl_crystal_grow.pH              6.5 
_exptl_crystal_grow.pdbx_details    
;5 uL of YwhB protein (25 mg/ml) in 50 mM HEPES, pH 7.3, was mixed with 5 uL of 50% MPD in 0.2M (NH4)H2PO4, pH 6.5, and allowed to equilibrate, VAPOR DIFFUSION, SITTING DROP, temperature 277K
;
_exptl_crystal_grow.pdbx_pH_range   . 
# 
_diffrn.id                     1 
_diffrn.ambient_temp           108 
_diffrn.ambient_temp_details   ? 
_diffrn.crystal_id             1 
# 
_diffrn_detector.diffrn_id              1 
_diffrn_detector.detector               CCD 
_diffrn_detector.type                   'ADSC QUANTUM 210' 
_diffrn_detector.pdbx_collection_date   ? 
_diffrn_detector.details                ? 
# 
_diffrn_radiation.diffrn_id                        1 
_diffrn_radiation.wavelength_id                    1 
_diffrn_radiation.pdbx_monochromatic_or_laue_m_l   M 
_diffrn_radiation.monochromator                    ? 
_diffrn_radiation.pdbx_diffrn_protocol             'SINGLE WAVELENGTH' 
_diffrn_radiation.pdbx_scattering_type             x-ray 
# 
_diffrn_radiation_wavelength.id           1 
_diffrn_radiation_wavelength.wavelength   1.0 
_diffrn_radiation_wavelength.wt           1.0 
# 
_diffrn_source.diffrn_id                   1 
_diffrn_source.source                      SYNCHROTRON 
_diffrn_source.type                        'ALS BEAMLINE 8.2.1' 
_diffrn_source.pdbx_synchrotron_site       ALS 
_diffrn_source.pdbx_synchrotron_beamline   8.2.1 
_diffrn_source.pdbx_wavelength             1.0 
_diffrn_source.pdbx_wavelength_list        ? 
# 
_reflns.entry_id                     2OPA 
_reflns.observed_criterion_sigma_F   ? 
_reflns.observed_criterion_sigma_I   1.0 
_reflns.d_resolution_high            2.40 
_reflns.d_resolution_low             44.7 
_reflns.number_all                   9747 
_reflns.number_obs                   9731 
_reflns.percent_possible_obs         0.998 
_reflns.pdbx_Rmerge_I_obs            0.082 
_reflns.pdbx_Rsym_value              0.078 
_reflns.pdbx_netI_over_sigmaI        8.1 
_reflns.B_iso_Wilson_estimate        39.6 
_reflns.pdbx_redundancy              13.6 
_reflns.R_free_details               ? 
_reflns.limit_h_max                  ? 
_reflns.limit_h_min                  ? 
_reflns.limit_k_max                  ? 
_reflns.limit_k_min                  ? 
_reflns.limit_l_max                  ? 
_reflns.limit_l_min                  ? 
_reflns.observed_criterion_F_max     ? 
_reflns.observed_criterion_F_min     ? 
_reflns.pdbx_chi_squared             ? 
_reflns.pdbx_scaling_rejects         ? 
_reflns.pdbx_ordinal                 1 
_reflns.pdbx_diffrn_id               1 
# 
_reflns_shell.d_res_high             2.40 
_reflns_shell.d_res_low              2.52 
_reflns_shell.percent_possible_all   100.0 
_reflns_shell.Rmerge_I_obs           0.61 
_reflns_shell.pdbx_Rsym_value        0.59 
_reflns_shell.meanI_over_sigI_obs    1.3 
_reflns_shell.pdbx_redundancy        13.9 
_reflns_shell.percent_possible_obs   ? 
_reflns_shell.number_unique_all      1387 
_reflns_shell.number_measured_all    ? 
_reflns_shell.number_measured_obs    ? 
_reflns_shell.number_unique_obs      ? 
_reflns_shell.pdbx_chi_squared       ? 
_reflns_shell.pdbx_ordinal           1 
_reflns_shell.pdbx_diffrn_id         1 
# 
_refine.entry_id                                 2OPA 
_refine.ls_d_res_high                            2.4 
_refine.ls_d_res_low                             44.7 
_refine.pdbx_ls_sigma_F                          2.0 
_refine.pdbx_ls_sigma_I                          ? 
_refine.ls_number_reflns_all                     9747 
_refine.ls_number_reflns_obs                     9731 
_refine.ls_number_reflns_R_free                  469 
_refine.ls_percent_reflns_obs                    99.8 
_refine.ls_R_factor_all                          ? 
_refine.ls_R_factor_obs                          ? 
_refine.ls_R_factor_R_work                       0.217 
_refine.ls_R_factor_R_free                       0.249 
_refine.ls_redundancy_reflns_obs                 ? 
_refine.pdbx_data_cutoff_high_absF               ? 
_refine.pdbx_data_cutoff_low_absF                ? 
_refine.ls_number_parameters                     ? 
_refine.ls_number_restraints                     ? 
_refine.ls_percent_reflns_R_free                 ? 
_refine.ls_R_factor_R_free_error                 ? 
_refine.ls_R_factor_R_free_error_details         ? 
_refine.pdbx_method_to_determine_struct          'MOLECULAR REPLACEMENT' 
_refine.pdbx_starting_model                      'PDB entry 2OP8' 
_refine.pdbx_ls_cross_valid_method               THROUGHOUT 
_refine.pdbx_R_Free_selection_details            Random 
_refine.pdbx_stereochem_target_val_spec_case     ? 
_refine.pdbx_stereochemistry_target_values       'Engh & Huber' 
_refine.solvent_model_details                    ? 
_refine.solvent_model_param_bsol                 ? 
_refine.solvent_model_param_ksol                 ? 
_refine.occupancy_max                            ? 
_refine.occupancy_min                            ? 
_refine.pdbx_isotropic_thermal_model             anisotropic 
_refine.B_iso_mean                               43.5 
_refine.aniso_B[1][1]                            0.25 
_refine.aniso_B[1][2]                            0 
_refine.aniso_B[1][3]                            0 
_refine.aniso_B[2][2]                            -0.13 
_refine.aniso_B[2][3]                            0 
_refine.aniso_B[3][3]                            -0.13 
_refine.details                                  ? 
_refine.B_iso_min                                ? 
_refine.B_iso_max                                ? 
_refine.correlation_coeff_Fo_to_Fc               ? 
_refine.correlation_coeff_Fo_to_Fc_free          ? 
_refine.pdbx_solvent_vdw_probe_radii             ? 
_refine.pdbx_solvent_ion_probe_radii             ? 
_refine.pdbx_solvent_shrinkage_radii             ? 
_refine.overall_SU_R_Cruickshank_DPI             ? 
_refine.overall_SU_R_free                        ? 
_refine.overall_SU_ML                            ? 
_refine.overall_SU_B                             ? 
_refine.pdbx_overall_ESU_R_Free                  ? 
_refine.pdbx_data_cutoff_high_rms_absF           ? 
_refine.pdbx_overall_ESU_R                       ? 
_refine.ls_wR_factor_R_free                      ? 
_refine.ls_wR_factor_R_work                      ? 
_refine.overall_FOM_free_R_set                   ? 
_refine.overall_FOM_work_R_set                   ? 
_refine.pdbx_overall_phase_error                 ? 
_refine.pdbx_refine_id                           'X-RAY DIFFRACTION' 
_refine.pdbx_diffrn_id                           1 
_refine.pdbx_TLS_residual_ADP_flag               ? 
_refine.pdbx_overall_SU_R_free_Cruickshank_DPI   ? 
_refine.pdbx_overall_SU_R_Blow_DPI               ? 
_refine.pdbx_overall_SU_R_free_Blow_DPI          ? 
# 
_refine_analyze.entry_id                        2OPA 
_refine_analyze.Luzzati_coordinate_error_obs    0.27 
_refine_analyze.Luzzati_sigma_a_obs             0.24 
_refine_analyze.Luzzati_d_res_low_obs           5.00 
_refine_analyze.Luzzati_coordinate_error_free   2.40 
_refine_analyze.Luzzati_sigma_a_free            0.290 
_refine_analyze.Luzzati_d_res_low_free          ? 
_refine_analyze.number_disordered_residues      ? 
_refine_analyze.occupancy_sum_non_hydrogen      ? 
_refine_analyze.occupancy_sum_hydrogen          ? 
_refine_analyze.pdbx_Luzzati_d_res_high_obs     ? 
_refine_analyze.pdbx_refine_id                  'X-RAY DIFFRACTION' 
# 
_refine_hist.pdbx_refine_id                   'X-RAY DIFFRACTION' 
_refine_hist.cycle_id                         LAST 
_refine_hist.pdbx_number_atoms_protein        951 
_refine_hist.pdbx_number_atoms_nucleic_acid   0 
_refine_hist.pdbx_number_atoms_ligand         13 
_refine_hist.number_atoms_solvent             56 
_refine_hist.number_atoms_total               1020 
_refine_hist.d_res_high                       2.4 
_refine_hist.d_res_low                        44.7 
# 
loop_
_refine_ls_restr.type 
_refine_ls_restr.dev_ideal 
_refine_ls_restr.dev_ideal_target 
_refine_ls_restr.weight 
_refine_ls_restr.number 
_refine_ls_restr.pdbx_refine_id 
_refine_ls_restr.pdbx_restraint_function 
x_bond_d           0.006 ? ? ? 'X-RAY DIFFRACTION' ? 
x_angle_deg        1.1   ? ? ? 'X-RAY DIFFRACTION' ? 
x_dihedral_angle_d 25.2  ? ? ? 'X-RAY DIFFRACTION' ? 
x_improper_angle_d 0.58  ? ? ? 'X-RAY DIFFRACTION' ? 
# 
loop_
_refine_ls_shell.pdbx_total_number_of_bins_used 
_refine_ls_shell.d_res_high 
_refine_ls_shell.d_res_low 
_refine_ls_shell.number_reflns_R_work 
_refine_ls_shell.R_factor_R_work 
_refine_ls_shell.percent_reflns_obs 
_refine_ls_shell.R_factor_R_free 
_refine_ls_shell.R_factor_R_free_error 
_refine_ls_shell.percent_reflns_R_free 
_refine_ls_shell.number_reflns_R_free 
_refine_ls_shell.number_reflns_all 
_refine_ls_shell.R_factor_all 
_refine_ls_shell.number_reflns_obs 
_refine_ls_shell.redundancy_reflns_obs 
_refine_ls_shell.pdbx_refine_id 
. 2.40 2.51 . 0.264 100.0 0.289 0.036 . 64 . . 1179 . 'X-RAY DIFFRACTION' 
. 2.81 3.02 . 0.221 100.0 0.22  0.031 . 51 . . 1208 . 'X-RAY DIFFRACTION' 
. 4.80 44.7 . 0.241 98.8  0.239 0.027 . 81 . . 1331 . 'X-RAY DIFFRACTION' 
# 
_struct.entry_id                  2OPA 
_struct.title                     'YwhB binary complex with 2-Fluoro-p-hydroxycinnamate' 
_struct.pdbx_model_details        ? 
_struct.pdbx_CASP_flag            ? 
_struct.pdbx_model_type_details   ? 
# 
_struct_keywords.entry_id        2OPA 
_struct_keywords.pdbx_keywords   ISOMERASE 
_struct_keywords.text            'homohexamer, 4-Oxalocrotonate Tautomerase, inhibitor, 2-Fluoro-p-Hydroxycinnamate, ISOMERASE' 
# 
loop_
_struct_asym.id 
_struct_asym.pdbx_blank_PDB_chainid_flag 
_struct_asym.pdbx_modified 
_struct_asym.entity_id 
_struct_asym.details 
A N N 1 ? 
B N N 1 ? 
C N N 2 ? 
D N N 3 ? 
E N N 3 ? 
# 
_struct_biol.id        1 
_struct_biol.details   ? 
# 
loop_
_struct_conf.conf_type_id 
_struct_conf.id 
_struct_conf.pdbx_PDB_helix_id 
_struct_conf.beg_label_comp_id 
_struct_conf.beg_label_asym_id 
_struct_conf.beg_label_seq_id 
_struct_conf.pdbx_beg_PDB_ins_code 
_struct_conf.end_label_comp_id 
_struct_conf.end_label_asym_id 
_struct_conf.end_label_seq_id 
_struct_conf.pdbx_end_PDB_ins_code 
_struct_conf.beg_auth_comp_id 
_struct_conf.beg_auth_asym_id 
_struct_conf.beg_auth_seq_id 
_struct_conf.end_auth_comp_id 
_struct_conf.end_auth_asym_id 
_struct_conf.end_auth_seq_id 
_struct_conf.pdbx_PDB_helix_class 
_struct_conf.details 
_struct_conf.pdbx_PDB_helix_length 
HELX_P HELX_P1 1 THR A 12 ? GLY A 32 ? THR A 12 GLY A 32 1 ? 21 
HELX_P HELX_P2 2 SER A 34 ? ILE A 38 ? SER A 34 ILE A 38 5 ? 5  
HELX_P HELX_P3 3 ARG A 46 ? HIS A 49 ? ARG A 46 HIS A 49 5 ? 4  
HELX_P HELX_P4 4 SER A 58 ? MET A 60 ? SER A 58 MET A 60 5 ? 3  
HELX_P HELX_P5 5 THR B 12 ? GLY B 32 ? THR B 12 GLY B 32 1 ? 21 
HELX_P HELX_P6 6 SER B 34 ? ILE B 38 ? SER B 34 ILE B 38 5 ? 5  
HELX_P HELX_P7 7 SER B 58 ? MET B 60 ? SER B 58 MET B 60 5 ? 3  
# 
_struct_conf_type.id          HELX_P 
_struct_conf_type.criteria    ? 
_struct_conf_type.reference   ? 
# 
loop_
_struct_sheet.id 
_struct_sheet.type 
_struct_sheet.number_strands 
_struct_sheet.details 
A ? 4 ? 
B ? 2 ? 
C ? 2 ? 
# 
loop_
_struct_sheet_order.sheet_id 
_struct_sheet_order.range_id_1 
_struct_sheet_order.range_id_2 
_struct_sheet_order.offset 
_struct_sheet_order.sense 
A 1 2 ? parallel      
A 2 3 ? anti-parallel 
A 3 4 ? parallel      
B 1 2 ? anti-parallel 
C 1 2 ? anti-parallel 
# 
loop_
_struct_sheet_range.sheet_id 
_struct_sheet_range.id 
_struct_sheet_range.beg_label_comp_id 
_struct_sheet_range.beg_label_asym_id 
_struct_sheet_range.beg_label_seq_id 
_struct_sheet_range.pdbx_beg_PDB_ins_code 
_struct_sheet_range.end_label_comp_id 
_struct_sheet_range.end_label_asym_id 
_struct_sheet_range.end_label_seq_id 
_struct_sheet_range.pdbx_end_PDB_ins_code 
_struct_sheet_range.beg_auth_comp_id 
_struct_sheet_range.beg_auth_asym_id 
_struct_sheet_range.beg_auth_seq_id 
_struct_sheet_range.end_auth_comp_id 
_struct_sheet_range.end_auth_asym_id 
_struct_sheet_range.end_auth_seq_id 
A 1 VAL A 39 ? MET A 45 ? VAL A 39 MET A 45 
A 2 TYR A 2  ? LEU A 8  ? TYR A 2  LEU A 8  
A 3 TYR B 2  ? LEU B 8  ? TYR B 2  LEU B 8  
A 4 VAL B 39 ? MET B 45 ? VAL B 39 MET B 45 
B 1 ALA A 51 ? VAL A 52 ? ALA A 51 VAL A 52 
B 2 LYS A 55 ? ARG A 56 ? LYS A 55 ARG A 56 
C 1 ALA B 51 ? VAL B 52 ? ALA B 51 VAL B 52 
C 2 LYS B 55 ? ARG B 56 ? LYS B 55 ARG B 56 
# 
loop_
_pdbx_struct_sheet_hbond.sheet_id 
_pdbx_struct_sheet_hbond.range_id_1 
_pdbx_struct_sheet_hbond.range_id_2 
_pdbx_struct_sheet_hbond.range_1_label_atom_id 
_pdbx_struct_sheet_hbond.range_1_label_comp_id 
_pdbx_struct_sheet_hbond.range_1_label_asym_id 
_pdbx_struct_sheet_hbond.range_1_label_seq_id 
_pdbx_struct_sheet_hbond.range_1_PDB_ins_code 
_pdbx_struct_sheet_hbond.range_1_auth_atom_id 
_pdbx_struct_sheet_hbond.range_1_auth_comp_id 
_pdbx_struct_sheet_hbond.range_1_auth_asym_id 
_pdbx_struct_sheet_hbond.range_1_auth_seq_id 
_pdbx_struct_sheet_hbond.range_2_label_atom_id 
_pdbx_struct_sheet_hbond.range_2_label_comp_id 
_pdbx_struct_sheet_hbond.range_2_label_asym_id 
_pdbx_struct_sheet_hbond.range_2_label_seq_id 
_pdbx_struct_sheet_hbond.range_2_PDB_ins_code 
_pdbx_struct_sheet_hbond.range_2_auth_atom_id 
_pdbx_struct_sheet_hbond.range_2_auth_comp_id 
_pdbx_struct_sheet_hbond.range_2_auth_asym_id 
_pdbx_struct_sheet_hbond.range_2_auth_seq_id 
A 1 2 O PHE A 41 ? O PHE A 41 N VAL A 3  ? N VAL A 3  
A 2 3 N LYS A 6  ? N LYS A 6  O TYR B 2  ? O TYR B 2  
A 3 4 N VAL B 3  ? N VAL B 3  O PHE B 41 ? O PHE B 41 
B 1 2 N VAL A 52 ? N VAL A 52 O LYS A 55 ? O LYS A 55 
C 1 2 N VAL B 52 ? N VAL B 52 O LYS B 55 ? O LYS B 55 
# 
_struct_site.id                   AC1 
_struct_site.pdbx_evidence_code   Software 
_struct_site.pdbx_auth_asym_id    A 
_struct_site.pdbx_auth_comp_id    FHC 
_struct_site.pdbx_auth_seq_id     500 
_struct_site.pdbx_auth_ins_code   ? 
_struct_site.pdbx_num_residues    6 
_struct_site.details              'BINDING SITE FOR RESIDUE FHC A 500' 
# 
loop_
_struct_site_gen.id 
_struct_site_gen.site_id 
_struct_site_gen.pdbx_num_res 
_struct_site_gen.label_comp_id 
_struct_site_gen.label_asym_id 
_struct_site_gen.label_seq_id 
_struct_site_gen.pdbx_auth_ins_code 
_struct_site_gen.auth_comp_id 
_struct_site_gen.auth_asym_id 
_struct_site_gen.auth_seq_id 
_struct_site_gen.label_atom_id 
_struct_site_gen.label_alt_id 
_struct_site_gen.symmetry 
_struct_site_gen.details 
1 AC1 6 MET A 7  ? MET A 7  . ? 1_555 ? 
2 AC1 6 LEU A 8  ? LEU A 8  . ? 1_555 ? 
3 AC1 6 ARG A 11 ? ARG A 11 . ? 1_555 ? 
4 AC1 6 MET A 45 ? MET A 45 . ? 1_555 ? 
5 AC1 6 TYR A 50 ? TYR A 50 . ? 1_555 ? 
6 AC1 6 PRO B 1  ? PRO B 1  . ? 1_555 ? 
# 
_atom_sites.entry_id                    2OPA 
_atom_sites.fract_transf_matrix[1][1]   0.00496324 
_atom_sites.fract_transf_matrix[1][2]   -0.00348704 
_atom_sites.fract_transf_matrix[1][3]   -0.00364177 
_atom_sites.fract_transf_matrix[2][1]   -0.00405607 
_atom_sites.fract_transf_matrix[2][2]   -0.00579684 
_atom_sites.fract_transf_matrix[2][3]   0.00002268 
_atom_sites.fract_transf_matrix[3][1]   -0.00299503 
_atom_sites.fract_transf_matrix[3][2]   0.00207190 
_atom_sites.fract_transf_matrix[3][3]   -0.00606569 
_atom_sites.fract_transf_vector[1]      0.134016 
_atom_sites.fract_transf_vector[2]      0.147601 
_atom_sites.fract_transf_vector[3]      0.243208 
# 
loop_
_atom_type.symbol 
C 
F 
N 
O 
S 
# 
loop_
_atom_site.group_PDB 
_atom_site.id 
_atom_site.type_symbol 
_atom_site.label_atom_id 
_atom_site.label_alt_id 
_atom_site.label_comp_id 
_atom_site.label_asym_id 
_atom_site.label_entity_id 
_atom_site.label_seq_id 
_atom_site.pdbx_PDB_ins_code 
_atom_site.Cartn_x 
_atom_site.Cartn_y 
_atom_site.Cartn_z 
_atom_site.occupancy 
_atom_site.B_iso_or_equiv 
_atom_site.pdbx_formal_charge 
_atom_site.auth_seq_id 
_atom_site.auth_comp_id 
_atom_site.auth_asym_id 
_atom_site.auth_atom_id 
_atom_site.pdbx_PDB_model_num 
ATOM   1    N N   . PRO A 1 1  ? 8.834   5.728   -0.186  1.00 36.65 ? 1   PRO A N   1 
ATOM   2    C CA  . PRO A 1 1  ? 7.741   4.928   0.419   1.00 36.48 ? 1   PRO A CA  1 
ATOM   3    C C   . PRO A 1 1  ? 7.464   3.633   -0.355  1.00 35.64 ? 1   PRO A C   1 
ATOM   4    O O   . PRO A 1 1  ? 7.381   3.637   -1.586  1.00 35.00 ? 1   PRO A O   1 
ATOM   5    C CB  . PRO A 1 1  ? 6.510   5.820   0.444   1.00 37.02 ? 1   PRO A CB  1 
ATOM   6    C CG  . PRO A 1 1  ? 7.160   7.215   0.527   1.00 36.71 ? 1   PRO A CG  1 
ATOM   7    C CD  . PRO A 1 1  ? 8.382   7.114   -0.400  1.00 36.49 ? 1   PRO A CD  1 
ATOM   8    N N   . TYR A 1 2  ? 7.333   2.532   0.383   1.00 33.65 ? 2   TYR A N   1 
ATOM   9    C CA  . TYR A 1 2  ? 7.064   1.229   -0.211  1.00 32.61 ? 2   TYR A CA  1 
ATOM   10   C C   . TYR A 1 2  ? 5.640   0.800   0.073   1.00 31.20 ? 2   TYR A C   1 
ATOM   11   O O   . TYR A 1 2  ? 5.247   0.622   1.227   1.00 31.80 ? 2   TYR A O   1 
ATOM   12   C CB  . TYR A 1 2  ? 8.047   0.191   0.327   1.00 33.16 ? 2   TYR A CB  1 
ATOM   13   C CG  . TYR A 1 2  ? 9.466   0.540   -0.014  1.00 34.86 ? 2   TYR A CG  1 
ATOM   14   C CD1 . TYR A 1 2  ? 10.173  1.472   0.744   1.00 34.82 ? 2   TYR A CD1 1 
ATOM   15   C CD2 . TYR A 1 2  ? 10.073  0.017   -1.155  1.00 34.76 ? 2   TYR A CD2 1 
ATOM   16   C CE1 . TYR A 1 2  ? 11.450  1.885   0.374   1.00 35.80 ? 2   TYR A CE1 1 
ATOM   17   C CE2 . TYR A 1 2  ? 11.352  0.424   -1.538  1.00 37.12 ? 2   TYR A CE2 1 
ATOM   18   C CZ  . TYR A 1 2  ? 12.032  1.359   -0.770  1.00 36.36 ? 2   TYR A CZ  1 
ATOM   19   O OH  . TYR A 1 2  ? 13.286  1.771   -1.153  1.00 39.90 ? 2   TYR A OH  1 
ATOM   20   N N   . VAL A 1 3  ? 4.867   0.639   -0.992  1.00 28.71 ? 3   VAL A N   1 
ATOM   21   C CA  . VAL A 1 3  ? 3.477   0.249   -0.858  1.00 28.53 ? 3   VAL A CA  1 
ATOM   22   C C   . VAL A 1 3  ? 3.236   -1.165  -1.361  1.00 28.83 ? 3   VAL A C   1 
ATOM   23   O O   . VAL A 1 3  ? 3.539   -1.490  -2.508  1.00 29.65 ? 3   VAL A O   1 
ATOM   24   C CB  . VAL A 1 3  ? 2.557   1.215   -1.639  1.00 28.45 ? 3   VAL A CB  1 
ATOM   25   C CG1 . VAL A 1 3  ? 1.111   0.789   -1.493  1.00 28.44 ? 3   VAL A CG1 1 
ATOM   26   C CG2 . VAL A 1 3  ? 2.747   2.637   -1.128  1.00 29.59 ? 3   VAL A CG2 1 
ATOM   27   N N   . THR A 1 4  ? 2.704   -2.006  -0.485  1.00 28.65 ? 4   THR A N   1 
ATOM   28   C CA  . THR A 1 4  ? 2.385   -3.376  -0.833  1.00 28.52 ? 4   THR A CA  1 
ATOM   29   C C   . THR A 1 4  ? 0.861   -3.485  -0.844  1.00 29.27 ? 4   THR A C   1 
ATOM   30   O O   . THR A 1 4  ? 0.205   -3.199  0.157   1.00 28.74 ? 4   THR A O   1 
ATOM   31   C CB  . THR A 1 4  ? 2.955   -4.376  0.202   1.00 29.32 ? 4   THR A CB  1 
ATOM   32   O OG1 . THR A 1 4  ? 4.380   -4.259  0.243   1.00 29.85 ? 4   THR A OG1 1 
ATOM   33   C CG2 . THR A 1 4  ? 2.596   -5.816  -0.179  1.00 29.27 ? 4   THR A CG2 1 
ATOM   34   N N   . VAL A 1 5  ? 0.300   -3.869  -1.983  1.00 28.73 ? 5   VAL A N   1 
ATOM   35   C CA  . VAL A 1 5  ? -1.142  -4.035  -2.091  1.00 29.21 ? 5   VAL A CA  1 
ATOM   36   C C   . VAL A 1 5  ? -1.411  -5.520  -2.195  1.00 28.53 ? 5   VAL A C   1 
ATOM   37   O O   . VAL A 1 5  ? -1.043  -6.154  -3.179  1.00 30.34 ? 5   VAL A O   1 
ATOM   38   C CB  . VAL A 1 5  ? -1.728  -3.350  -3.352  1.00 29.58 ? 5   VAL A CB  1 
ATOM   39   C CG1 . VAL A 1 5  ? -3.235  -3.529  -3.372  1.00 28.30 ? 5   VAL A CG1 1 
ATOM   40   C CG2 . VAL A 1 5  ? -1.379  -1.877  -3.369  1.00 28.75 ? 5   VAL A CG2 1 
ATOM   41   N N   . LYS A 1 6  ? -2.031  -6.079  -1.167  1.00 29.63 ? 6   LYS A N   1 
ATOM   42   C CA  . LYS A 1 6  ? -2.350  -7.495  -1.148  1.00 29.41 ? 6   LYS A CA  1 
ATOM   43   C C   . LYS A 1 6  ? -3.846  -7.641  -1.426  1.00 29.35 ? 6   LYS A C   1 
ATOM   44   O O   . LYS A 1 6  ? -4.683  -7.143  -0.673  1.00 29.74 ? 6   LYS A O   1 
ATOM   45   C CB  . LYS A 1 6  ? -1.975  -8.092  0.213   1.00 31.90 ? 6   LYS A CB  1 
ATOM   46   C CG  . LYS A 1 6  ? -2.296  -9.571  0.354   1.00 40.21 ? 6   LYS A CG  1 
ATOM   47   C CD  . LYS A 1 6  ? -1.906  -10.122 1.724   1.00 43.42 ? 6   LYS A CD  1 
ATOM   48   C CE  . LYS A 1 6  ? -0.402  -10.222 1.876   1.00 48.34 ? 6   LYS A CE  1 
ATOM   49   N NZ  . LYS A 1 6  ? 0.194   -11.121 0.840   1.00 51.50 ? 6   LYS A NZ  1 
ATOM   50   N N   . MET A 1 7  ? -4.180  -8.300  -2.530  1.00 28.74 ? 7   MET A N   1 
ATOM   51   C CA  . MET A 1 7  ? -5.576  -8.495  -2.915  1.00 29.15 ? 7   MET A CA  1 
ATOM   52   C C   . MET A 1 7  ? -5.775  -9.843  -3.584  1.00 28.54 ? 7   MET A C   1 
ATOM   53   O O   . MET A 1 7  ? -4.814  -10.480 -4.000  1.00 30.39 ? 7   MET A O   1 
ATOM   54   C CB  . MET A 1 7  ? -6.022  -7.388  -3.874  1.00 28.67 ? 7   MET A CB  1 
ATOM   55   C CG  . MET A 1 7  ? -5.169  -7.280  -5.123  1.00 31.48 ? 7   MET A CG  1 
ATOM   56   S SD  . MET A 1 7  ? -5.654  -5.923  -6.200  1.00 37.13 ? 7   MET A SD  1 
ATOM   57   C CE  . MET A 1 7  ? -4.640  -6.253  -7.640  1.00 29.73 ? 7   MET A CE  1 
ATOM   58   N N   . LEU A 1 8  ? -7.030  -10.264 -3.687  1.00 28.32 ? 8   LEU A N   1 
ATOM   59   C CA  . LEU A 1 8  ? -7.381  -11.532 -4.311  1.00 29.94 ? 8   LEU A CA  1 
ATOM   60   C C   . LEU A 1 8  ? -7.129  -11.553 -5.808  1.00 30.56 ? 8   LEU A C   1 
ATOM   61   O O   . LEU A 1 8  ? -7.156  -10.518 -6.474  1.00 31.44 ? 8   LEU A O   1 
ATOM   62   C CB  . LEU A 1 8  ? -8.864  -11.856 -4.071  1.00 28.84 ? 8   LEU A CB  1 
ATOM   63   C CG  . LEU A 1 8  ? -9.302  -12.275 -2.664  1.00 32.38 ? 8   LEU A CG  1 
ATOM   64   C CD1 . LEU A 1 8  ? -10.814 -12.398 -2.624  1.00 32.74 ? 8   LEU A CD1 1 
ATOM   65   C CD2 . LEU A 1 8  ? -8.653  -13.604 -2.285  1.00 30.56 ? 8   LEU A CD2 1 
ATOM   66   N N   . GLU A 1 9  ? -6.880  -12.746 -6.335  1.00 32.31 ? 9   GLU A N   1 
ATOM   67   C CA  . GLU A 1 9  ? -6.688  -12.918 -7.771  1.00 31.89 ? 9   GLU A CA  1 
ATOM   68   C C   . GLU A 1 9  ? -8.025  -12.516 -8.394  1.00 32.72 ? 9   GLU A C   1 
ATOM   69   O O   . GLU A 1 9  ? -9.062  -12.558 -7.724  1.00 30.51 ? 9   GLU A O   1 
ATOM   70   C CB  . GLU A 1 9  ? -6.415  -14.385 -8.106  1.00 30.53 ? 9   GLU A CB  1 
ATOM   71   C CG  . GLU A 1 9  ? -5.175  -14.970 -7.455  1.00 33.35 ? 9   GLU A CG  1 
ATOM   72   C CD  . GLU A 1 9  ? -5.032  -16.464 -7.717  1.00 34.21 ? 9   GLU A CD  1 
ATOM   73   O OE1 . GLU A 1 9  ? -6.043  -17.185 -7.565  1.00 33.68 ? 9   GLU A OE1 1 
ATOM   74   O OE2 . GLU A 1 9  ? -3.914  -16.917 -8.054  1.00 34.90 ? 9   GLU A OE2 1 
ATOM   75   N N   . GLY A 1 10 ? -8.012  -12.125 -9.664  1.00 34.63 ? 10  GLY A N   1 
ATOM   76   C CA  . GLY A 1 10 ? -9.261  -11.749 -10.305 1.00 37.54 ? 10  GLY A CA  1 
ATOM   77   C C   . GLY A 1 10 ? -9.275  -10.402 -11.001 1.00 39.17 ? 10  GLY A C   1 
ATOM   78   O O   . GLY A 1 10 ? -10.197 -10.113 -11.771 1.00 42.05 ? 10  GLY A O   1 
ATOM   79   N N   . ARG A 1 11 ? -8.274  -9.570  -10.736 1.00 37.14 ? 11  ARG A N   1 
ATOM   80   C CA  . ARG A 1 11 ? -8.202  -8.262  -11.366 1.00 36.12 ? 11  ARG A CA  1 
ATOM   81   C C   . ARG A 1 11 ? -7.514  -8.338  -12.724 1.00 35.81 ? 11  ARG A C   1 
ATOM   82   O O   . ARG A 1 11 ? -6.627  -9.166  -12.940 1.00 37.78 ? 11  ARG A O   1 
ATOM   83   C CB  . ARG A 1 11 ? -7.462  -7.266  -10.466 1.00 36.15 ? 11  ARG A CB  1 
ATOM   84   C CG  . ARG A 1 11 ? -8.339  -6.573  -9.433  1.00 39.58 ? 11  ARG A CG  1 
ATOM   85   C CD  . ARG A 1 11 ? -8.740  -7.472  -8.287  1.00 43.16 ? 11  ARG A CD  1 
ATOM   86   N NE  . ARG A 1 11 ? -9.689  -6.807  -7.394  1.00 50.02 ? 11  ARG A NE  1 
ATOM   87   C CZ  . ARG A 1 11 ? -9.954  -7.188  -6.145  1.00 52.31 ? 11  ARG A CZ  1 
ATOM   88   N NH1 . ARG A 1 11 ? -9.335  -8.240  -5.627  1.00 52.40 ? 11  ARG A NH1 1 
ATOM   89   N NH2 . ARG A 1 11 ? -10.842 -6.519  -5.415  1.00 51.22 ? 11  ARG A NH2 1 
ATOM   90   N N   . THR A 1 12 ? -7.926  -7.468  -13.639 1.00 33.62 ? 12  THR A N   1 
ATOM   91   C CA  . THR A 1 12 ? -7.343  -7.437  -14.974 1.00 32.33 ? 12  THR A CA  1 
ATOM   92   C C   . THR A 1 12 ? -6.000  -6.718  -14.924 1.00 32.85 ? 12  THR A C   1 
ATOM   93   O O   . THR A 1 12 ? -5.709  -6.003  -13.966 1.00 33.38 ? 12  THR A O   1 
ATOM   94   C CB  . THR A 1 12 ? -8.272  -6.697  -15.965 1.00 33.49 ? 12  THR A CB  1 
ATOM   95   O OG1 . THR A 1 12 ? -8.463  -5.345  -15.527 1.00 33.69 ? 12  THR A OG1 1 
ATOM   96   C CG2 . THR A 1 12 ? -9.637  -7.389  -16.040 1.00 28.46 ? 12  THR A CG2 1 
ATOM   97   N N   . ASP A 1 13 ? -5.179  -6.900  -15.950 1.00 33.89 ? 13  ASP A N   1 
ATOM   98   C CA  . ASP A 1 13 ? -3.881  -6.239  -15.989 1.00 35.28 ? 13  ASP A CA  1 
ATOM   99   C C   . ASP A 1 13 ? -4.091  -4.718  -16.030 1.00 37.44 ? 13  ASP A C   1 
ATOM   100  O O   . ASP A 1 13 ? -3.268  -3.960  -15.508 1.00 36.12 ? 13  ASP A O   1 
ATOM   101  C CB  . ASP A 1 13 ? -3.078  -6.703  -17.212 1.00 35.21 ? 13  ASP A CB  1 
ATOM   102  C CG  . ASP A 1 13 ? -1.631  -6.224  -17.185 1.00 36.81 ? 13  ASP A CG  1 
ATOM   103  O OD1 . ASP A 1 13 ? -0.908  -6.554  -16.226 1.00 37.16 ? 13  ASP A OD1 1 
ATOM   104  O OD2 . ASP A 1 13 ? -1.209  -5.523  -18.129 1.00 37.75 ? 13  ASP A OD2 1 
ATOM   105  N N   . GLU A 1 14 ? -5.198  -4.280  -16.637 1.00 37.44 ? 14  GLU A N   1 
ATOM   106  C CA  . GLU A 1 14 ? -5.513  -2.852  -16.724 1.00 38.76 ? 14  GLU A CA  1 
ATOM   107  C C   . GLU A 1 14 ? -5.833  -2.278  -15.345 1.00 38.29 ? 14  GLU A C   1 
ATOM   108  O O   . GLU A 1 14 ? -5.404  -1.173  -15.017 1.00 37.97 ? 14  GLU A O   1 
ATOM   109  C CB  . GLU A 1 14 ? -6.700  -2.595  -17.665 1.00 39.41 ? 14  GLU A CB  1 
ATOM   110  C CG  . GLU A 1 14 ? -6.374  -2.761  -19.143 1.00 45.01 ? 14  GLU A CG  1 
ATOM   111  C CD  . GLU A 1 14 ? -6.168  -4.214  -19.549 1.00 49.79 ? 14  GLU A CD  1 
ATOM   112  O OE1 . GLU A 1 14 ? -5.440  -4.450  -20.537 1.00 53.22 ? 14  GLU A OE1 1 
ATOM   113  O OE2 . GLU A 1 14 ? -6.737  -5.117  -18.895 1.00 50.72 ? 14  GLU A OE2 1 
ATOM   114  N N   . GLN A 1 15 ? -6.592  -3.022  -14.545 1.00 36.17 ? 15  GLN A N   1 
ATOM   115  C CA  . GLN A 1 15 ? -6.926  -2.558  -13.210 1.00 35.42 ? 15  GLN A CA  1 
ATOM   116  C C   . GLN A 1 15 ? -5.657  -2.456  -12.374 1.00 35.58 ? 15  GLN A C   1 
ATOM   117  O O   . GLN A 1 15 ? -5.534  -1.565  -11.538 1.00 37.48 ? 15  GLN A O   1 
ATOM   118  C CB  . GLN A 1 15 ? -7.907  -3.510  -12.530 1.00 36.20 ? 15  GLN A CB  1 
ATOM   119  C CG  . GLN A 1 15 ? -9.332  -3.413  -13.035 1.00 37.19 ? 15  GLN A CG  1 
ATOM   120  C CD  . GLN A 1 15 ? -10.230 -4.437  -12.380 1.00 39.46 ? 15  GLN A CD  1 
ATOM   121  O OE1 . GLN A 1 15 ? -10.005 -5.640  -12.502 1.00 40.04 ? 15  GLN A OE1 1 
ATOM   122  N NE2 . GLN A 1 15 ? -11.250 -3.969  -11.675 1.00 40.97 ? 15  GLN A NE2 1 
ATOM   123  N N   . LYS A 1 16 ? -4.722  -3.373  -12.596 1.00 35.10 ? 16  LYS A N   1 
ATOM   124  C CA  . LYS A 1 16 ? -3.466  -3.371  -11.862 1.00 36.40 ? 16  LYS A CA  1 
ATOM   125  C C   . LYS A 1 16 ? -2.630  -2.147  -12.229 1.00 37.23 ? 16  LYS A C   1 
ATOM   126  O O   . LYS A 1 16 ? -2.020  -1.524  -11.363 1.00 37.38 ? 16  LYS A O   1 
ATOM   127  C CB  . LYS A 1 16 ? -2.673  -4.650  -12.154 1.00 35.43 ? 16  LYS A CB  1 
ATOM   128  C CG  . LYS A 1 16 ? -3.317  -5.906  -11.608 1.00 35.15 ? 16  LYS A CG  1 
ATOM   129  C CD  . LYS A 1 16 ? -2.522  -7.129  -12.005 1.00 36.88 ? 16  LYS A CD  1 
ATOM   130  C CE  . LYS A 1 16 ? -3.193  -8.402  -11.528 1.00 38.39 ? 16  LYS A CE  1 
ATOM   131  N NZ  . LYS A 1 16 ? -2.393  -9.615  -11.896 1.00 43.38 ? 16  LYS A NZ  1 
ATOM   132  N N   . ARG A 1 17 ? -2.602  -1.810  -13.515 1.00 37.75 ? 17  ARG A N   1 
ATOM   133  C CA  . ARG A 1 17 ? -1.852  -0.653  -13.975 1.00 38.70 ? 17  ARG A CA  1 
ATOM   134  C C   . ARG A 1 17 ? -2.447  0.623   -13.371 1.00 39.09 ? 17  ARG A C   1 
ATOM   135  O O   . ARG A 1 17 ? -1.708  1.501   -12.919 1.00 38.51 ? 17  ARG A O   1 
ATOM   136  C CB  . ARG A 1 17 ? -1.889  -0.562  -15.501 1.00 39.86 ? 17  ARG A CB  1 
ATOM   137  C CG  . ARG A 1 17 ? -1.152  0.646   -16.062 1.00 41.29 ? 17  ARG A CG  1 
ATOM   138  C CD  . ARG A 1 17 ? -1.273  0.716   -17.575 1.00 46.21 ? 17  ARG A CD  1 
ATOM   139  N NE  . ARG A 1 17 ? -0.622  -0.409  -18.238 1.00 51.30 ? 17  ARG A NE  1 
ATOM   140  C CZ  . ARG A 1 17 ? -1.198  -1.171  -19.168 1.00 53.51 ? 17  ARG A CZ  1 
ATOM   141  N NH1 . ARG A 1 17 ? -2.450  -0.931  -19.550 1.00 53.87 ? 17  ARG A NH1 1 
ATOM   142  N NH2 . ARG A 1 17 ? -0.520  -2.170  -19.722 1.00 54.17 ? 17  ARG A NH2 1 
ATOM   143  N N   . ASN A 1 18 ? -3.779  0.710   -13.358 1.00 37.56 ? 18  ASN A N   1 
ATOM   144  C CA  . ASN A 1 18 ? -4.465  1.874   -12.806 1.00 38.92 ? 18  ASN A CA  1 
ATOM   145  C C   . ASN A 1 18 ? -4.222  1.984   -11.313 1.00 37.49 ? 18  ASN A C   1 
ATOM   146  O O   . ASN A 1 18 ? -3.988  3.075   -10.799 1.00 37.46 ? 18  ASN A O   1 
ATOM   147  C CB  . ASN A 1 18 ? -5.974  1.810   -13.086 1.00 40.57 ? 18  ASN A CB  1 
ATOM   148  C CG  . ASN A 1 18 ? -6.291  1.814   -14.576 1.00 45.58 ? 18  ASN A CG  1 
ATOM   149  O OD1 . ASN A 1 18 ? -5.560  2.420   -15.378 1.00 49.14 ? 18  ASN A OD1 1 
ATOM   150  N ND2 . ASN A 1 18 ? -7.391  1.151   -14.957 1.00 46.67 ? 18  ASN A ND2 1 
ATOM   151  N N   . LEU A 1 19 ? -4.282  0.848   -10.624 1.00 36.10 ? 19  LEU A N   1 
ATOM   152  C CA  . LEU A 1 19 ? -4.047  0.792   -9.183  1.00 33.93 ? 19  LEU A CA  1 
ATOM   153  C C   . LEU A 1 19 ? -2.693  1.418   -8.856  1.00 33.71 ? 19  LEU A C   1 
ATOM   154  O O   . LEU A 1 19 ? -2.574  2.279   -7.987  1.00 32.40 ? 19  LEU A O   1 
ATOM   155  C CB  . LEU A 1 19 ? -4.060  -0.664  -8.717  1.00 33.29 ? 19  LEU A CB  1 
ATOM   156  C CG  . LEU A 1 19 ? -3.571  -0.969  -7.301  1.00 32.69 ? 19  LEU A CG  1 
ATOM   157  C CD1 . LEU A 1 19 ? -4.570  -0.443  -6.294  1.00 31.73 ? 19  LEU A CD1 1 
ATOM   158  C CD2 . LEU A 1 19 ? -3.384  -2.475  -7.133  1.00 32.68 ? 19  LEU A CD2 1 
ATOM   159  N N   . VAL A 1 20 ? -1.667  0.969   -9.564  1.00 33.51 ? 20  VAL A N   1 
ATOM   160  C CA  . VAL A 1 20 ? -0.324  1.477   -9.359  1.00 34.97 ? 20  VAL A CA  1 
ATOM   161  C C   . VAL A 1 20 ? -0.263  2.988   -9.569  1.00 36.38 ? 20  VAL A C   1 
ATOM   162  O O   . VAL A 1 20 ? 0.312   3.707   -8.751  1.00 35.75 ? 20  VAL A O   1 
ATOM   163  C CB  . VAL A 1 20 ? 0.667   0.764   -10.304 1.00 34.19 ? 20  VAL A CB  1 
ATOM   164  C CG1 . VAL A 1 20 ? 1.999   1.496   -10.337 1.00 34.70 ? 20  VAL A CG1 1 
ATOM   165  C CG2 . VAL A 1 20 ? 0.863   -0.671  -9.830  1.00 32.12 ? 20  VAL A CG2 1 
ATOM   166  N N   . GLU A 1 21 ? -0.858  3.468   -10.658 1.00 36.51 ? 21  GLU A N   1 
ATOM   167  C CA  . GLU A 1 21 ? -0.860  4.898   -10.950 1.00 36.68 ? 21  GLU A CA  1 
ATOM   168  C C   . GLU A 1 21 ? -1.525  5.683   -9.820  1.00 36.63 ? 21  GLU A C   1 
ATOM   169  O O   . GLU A 1 21 ? -0.895  6.538   -9.200  1.00 37.72 ? 21  GLU A O   1 
ATOM   170  C CB  . GLU A 1 21 ? -1.574  5.165   -12.268 1.00 35.48 ? 21  GLU A CB  1 
ATOM   171  N N   . LYS A 1 22 ? -2.788  5.376   -9.545  1.00 37.10 ? 22  LYS A N   1 
ATOM   172  C CA  . LYS A 1 22 ? -3.547  6.053   -8.500  1.00 38.34 ? 22  LYS A CA  1 
ATOM   173  C C   . LYS A 1 22 ? -2.940  5.994   -7.102  1.00 38.81 ? 22  LYS A C   1 
ATOM   174  O O   . LYS A 1 22 ? -2.898  7.007   -6.406  1.00 40.15 ? 22  LYS A O   1 
ATOM   175  C CB  . LYS A 1 22 ? -4.972  5.503   -8.451  1.00 42.00 ? 22  LYS A CB  1 
ATOM   176  C CG  . LYS A 1 22 ? -5.979  6.294   -9.272  1.00 46.65 ? 22  LYS A CG  1 
ATOM   177  C CD  . LYS A 1 22 ? -5.558  6.406   -10.722 1.00 52.32 ? 22  LYS A CD  1 
ATOM   178  C CE  . LYS A 1 22 ? -6.568  7.207   -11.531 1.00 54.88 ? 22  LYS A CE  1 
ATOM   179  N NZ  . LYS A 1 22 ? -6.144  7.312   -12.957 1.00 57.27 ? 22  LYS A NZ  1 
ATOM   180  N N   . VAL A 1 23 ? -2.492  4.814   -6.683  1.00 37.46 ? 23  VAL A N   1 
ATOM   181  C CA  . VAL A 1 23 ? -1.890  4.656   -5.361  1.00 36.87 ? 23  VAL A CA  1 
ATOM   182  C C   . VAL A 1 23 ? -0.611  5.486   -5.249  1.00 36.71 ? 23  VAL A C   1 
ATOM   183  O O   . VAL A 1 23 ? -0.368  6.137   -4.229  1.00 34.98 ? 23  VAL A O   1 
ATOM   184  C CB  . VAL A 1 23 ? -1.569  3.161   -5.067  1.00 38.04 ? 23  VAL A CB  1 
ATOM   185  C CG1 . VAL A 1 23 ? -0.635  3.031   -3.861  1.00 38.58 ? 23  VAL A CG1 1 
ATOM   186  C CG2 . VAL A 1 23 ? -2.856  2.408   -4.794  1.00 35.61 ? 23  VAL A CG2 1 
ATOM   187  N N   . THR A 1 24 ? 0.203   5.454   -6.297  1.00 37.09 ? 24  THR A N   1 
ATOM   188  C CA  . THR A 1 24 ? 1.445   6.215   -6.326  1.00 38.11 ? 24  THR A CA  1 
ATOM   189  C C   . THR A 1 24 ? 1.124   7.707   -6.191  1.00 40.00 ? 24  THR A C   1 
ATOM   190  O O   . THR A 1 24 ? 1.798   8.439   -5.461  1.00 39.30 ? 24  THR A O   1 
ATOM   191  C CB  . THR A 1 24 ? 2.203   5.980   -7.643  1.00 36.55 ? 24  THR A CB  1 
ATOM   192  O OG1 . THR A 1 24 ? 2.533   4.592   -7.757  1.00 37.24 ? 24  THR A OG1 1 
ATOM   193  C CG2 . THR A 1 24 ? 3.483   6.810   -7.693  1.00 34.71 ? 24  THR A CG2 1 
ATOM   194  N N   . GLU A 1 25 ? 0.083   8.149   -6.889  1.00 41.19 ? 25  GLU A N   1 
ATOM   195  C CA  . GLU A 1 25 ? -0.317  9.547   -6.831  1.00 42.46 ? 25  GLU A CA  1 
ATOM   196  C C   . GLU A 1 25 ? -0.850  9.914   -5.453  1.00 40.49 ? 25  GLU A C   1 
ATOM   197  O O   . GLU A 1 25 ? -0.546  10.984  -4.937  1.00 41.05 ? 25  GLU A O   1 
ATOM   198  C CB  . GLU A 1 25 ? -1.381  9.854   -7.886  1.00 45.90 ? 25  GLU A CB  1 
ATOM   199  C CG  . GLU A 1 25 ? -1.854  11.298  -7.861  1.00 53.22 ? 25  GLU A CG  1 
ATOM   200  C CD  . GLU A 1 25 ? -0.731  12.289  -8.122  1.00 56.51 ? 25  GLU A CD  1 
ATOM   201  O OE1 . GLU A 1 25 ? -0.917  13.490  -7.838  0.00 56.88 ? 25  GLU A OE1 1 
ATOM   202  O OE2 . GLU A 1 25 ? 0.333   11.868  -8.618  1.00 61.20 ? 25  GLU A OE2 1 
ATOM   203  N N   . ALA A 1 26 ? -1.638  9.027   -4.853  1.00 38.15 ? 26  ALA A N   1 
ATOM   204  C CA  . ALA A 1 26 ? -2.196  9.297   -3.537  1.00 37.21 ? 26  ALA A CA  1 
ATOM   205  C C   . ALA A 1 26 ? -1.085  9.487   -2.511  1.00 39.81 ? 26  ALA A C   1 
ATOM   206  O O   . ALA A 1 26 ? -1.162  10.374  -1.657  1.00 40.86 ? 26  ALA A O   1 
ATOM   207  C CB  . ALA A 1 26 ? -3.111  8.170   -3.113  1.00 34.89 ? 26  ALA A CB  1 
ATOM   208  N N   . VAL A 1 27 ? -0.052  8.654   -2.604  1.00 40.03 ? 27  VAL A N   1 
ATOM   209  C CA  . VAL A 1 27 ? 1.084   8.721   -1.689  1.00 40.09 ? 27  VAL A CA  1 
ATOM   210  C C   . VAL A 1 27 ? 1.881   10.001  -1.913  1.00 41.60 ? 27  VAL A C   1 
ATOM   211  O O   . VAL A 1 27 ? 2.263   10.684  -0.962  1.00 41.22 ? 27  VAL A O   1 
ATOM   212  C CB  . VAL A 1 27 ? 2.033   7.500   -1.882  1.00 39.30 ? 27  VAL A CB  1 
ATOM   213  C CG1 . VAL A 1 27 ? 3.329   7.697   -1.099  1.00 37.60 ? 27  VAL A CG1 1 
ATOM   214  C CG2 . VAL A 1 27 ? 1.339   6.231   -1.426  1.00 36.63 ? 27  VAL A CG2 1 
ATOM   215  N N   . LYS A 1 28 ? 2.124   10.317  -3.178  1.00 43.22 ? 28  LYS A N   1 
ATOM   216  C CA  . LYS A 1 28 ? 2.881   11.505  -3.538  1.00 44.88 ? 28  LYS A CA  1 
ATOM   217  C C   . LYS A 1 28 ? 2.259   12.794  -3.017  1.00 46.19 ? 28  LYS A C   1 
ATOM   218  O O   . LYS A 1 28 ? 2.958   13.658  -2.488  1.00 47.12 ? 28  LYS A O   1 
ATOM   219  C CB  . LYS A 1 28 ? 3.009   11.596  -5.054  1.00 46.02 ? 28  LYS A CB  1 
ATOM   220  C CG  . LYS A 1 28 ? 3.704   12.848  -5.544  1.00 49.86 ? 28  LYS A CG  1 
ATOM   221  C CD  . LYS A 1 28 ? 3.677   12.916  -7.059  1.00 53.17 ? 28  LYS A CD  1 
ATOM   222  C CE  . LYS A 1 28 ? 4.415   14.139  -7.570  1.00 55.30 ? 28  LYS A CE  1 
ATOM   223  N NZ  . LYS A 1 28 ? 4.416   14.187  -9.060  1.00 58.34 ? 28  LYS A NZ  1 
ATOM   224  N N   . GLU A 1 29 ? 0.944   12.920  -3.151  1.00 46.37 ? 29  GLU A N   1 
ATOM   225  C CA  . GLU A 1 29 ? 0.280   14.137  -2.724  1.00 48.05 ? 29  GLU A CA  1 
ATOM   226  C C   . GLU A 1 29 ? -0.085  14.242  -1.249  1.00 47.33 ? 29  GLU A C   1 
ATOM   227  O O   . GLU A 1 29 ? -0.555  15.287  -0.811  1.00 47.64 ? 29  GLU A O   1 
ATOM   228  C CB  . GLU A 1 29 ? -0.961  14.388  -3.588  1.00 50.32 ? 29  GLU A CB  1 
ATOM   229  C CG  . GLU A 1 29 ? -2.167  13.533  -3.274  1.00 56.31 ? 29  GLU A CG  1 
ATOM   230  C CD  . GLU A 1 29 ? -3.274  13.710  -4.305  1.00 62.00 ? 29  GLU A CD  1 
ATOM   231  O OE1 . GLU A 1 29 ? -4.445  13.393  -3.991  1.00 63.97 ? 29  GLU A OE1 1 
ATOM   232  O OE2 . GLU A 1 29 ? -2.967  14.156  -5.439  1.00 63.73 ? 29  GLU A OE2 1 
ATOM   233  N N   . THR A 1 30 ? 0.133   13.186  -0.474  1.00 45.66 ? 30  THR A N   1 
ATOM   234  C CA  . THR A 1 30 ? -0.193  13.245  0.947   1.00 43.95 ? 30  THR A CA  1 
ATOM   235  C C   . THR A 1 30 ? 1.031   13.124  1.851   1.00 43.75 ? 30  THR A C   1 
ATOM   236  O O   . THR A 1 30 ? 0.956   13.436  3.038   1.00 44.17 ? 30  THR A O   1 
ATOM   237  C CB  . THR A 1 30 ? -1.196  12.138  1.359   1.00 44.69 ? 30  THR A CB  1 
ATOM   238  O OG1 . THR A 1 30 ? -0.632  10.850  1.083   1.00 45.04 ? 30  THR A OG1 1 
ATOM   239  C CG2 . THR A 1 30 ? -2.511  12.290  0.607   1.00 43.16 ? 30  THR A CG2 1 
ATOM   240  N N   . THR A 1 31 ? 2.157   12.684  1.297   1.00 43.65 ? 31  THR A N   1 
ATOM   241  C CA  . THR A 1 31 ? 3.362   12.511  2.103   1.00 43.17 ? 31  THR A CA  1 
ATOM   242  C C   . THR A 1 31 ? 4.548   13.355  1.668   1.00 43.66 ? 31  THR A C   1 
ATOM   243  O O   . THR A 1 31 ? 5.577   13.381  2.342   1.00 43.37 ? 31  THR A O   1 
ATOM   244  C CB  . THR A 1 31 ? 3.814   11.039  2.116   1.00 41.33 ? 31  THR A CB  1 
ATOM   245  O OG1 . THR A 1 31 ? 4.272   10.667  0.812   1.00 39.63 ? 31  THR A OG1 1 
ATOM   246  C CG2 . THR A 1 31 ? 2.666   10.142  2.519   1.00 40.32 ? 31  THR A CG2 1 
ATOM   247  N N   . GLY A 1 32 ? 4.413   14.038  0.541   1.00 45.51 ? 32  GLY A N   1 
ATOM   248  C CA  . GLY A 1 32 ? 5.505   14.864  0.066   1.00 47.45 ? 32  GLY A CA  1 
ATOM   249  C C   . GLY A 1 32 ? 6.680   14.045  -0.427  1.00 49.09 ? 32  GLY A C   1 
ATOM   250  O O   . GLY A 1 32 ? 7.793   14.553  -0.562  1.00 50.02 ? 32  GLY A O   1 
ATOM   251  N N   . ALA A 1 33 ? 6.438   12.767  -0.694  1.00 49.39 ? 33  ALA A N   1 
ATOM   252  C CA  . ALA A 1 33 ? 7.490   11.891  -1.189  1.00 49.04 ? 33  ALA A CA  1 
ATOM   253  C C   . ALA A 1 33 ? 7.660   12.119  -2.683  1.00 48.88 ? 33  ALA A C   1 
ATOM   254  O O   . ALA A 1 33 ? 6.680   12.295  -3.408  1.00 48.27 ? 33  ALA A O   1 
ATOM   255  C CB  . ALA A 1 33 ? 7.132   10.439  -0.922  1.00 49.11 ? 33  ALA A CB  1 
ATOM   256  N N   . SER A 1 34 ? 8.905   12.127  -3.141  1.00 49.31 ? 34  SER A N   1 
ATOM   257  C CA  . SER A 1 34 ? 9.169   12.325  -4.556  1.00 50.18 ? 34  SER A CA  1 
ATOM   258  C C   . SER A 1 34 ? 8.663   11.112  -5.340  1.00 49.70 ? 34  SER A C   1 
ATOM   259  O O   . SER A 1 34 ? 8.708   9.979   -4.858  1.00 49.15 ? 34  SER A O   1 
ATOM   260  C CB  . SER A 1 34 ? 10.666  12.518  -4.795  1.00 52.58 ? 34  SER A CB  1 
ATOM   261  O OG  . SER A 1 34 ? 10.914  12.804  -6.159  1.00 54.89 ? 34  SER A OG  1 
ATOM   262  N N   . GLU A 1 35 ? 8.191   11.362  -6.554  1.00 48.98 ? 35  GLU A N   1 
ATOM   263  C CA  . GLU A 1 35 ? 7.642   10.322  -7.419  1.00 48.45 ? 35  GLU A CA  1 
ATOM   264  C C   . GLU A 1 35 ? 8.565   9.124   -7.659  1.00 47.33 ? 35  GLU A C   1 
ATOM   265  O O   . GLU A 1 35 ? 8.123   7.980   -7.582  1.00 46.84 ? 35  GLU A O   1 
ATOM   266  C CB  . GLU A 1 35 ? 7.244   10.942  -8.760  1.00 50.13 ? 35  GLU A CB  1 
ATOM   267  C CG  . GLU A 1 35 ? 6.106   10.237  -9.475  1.00 50.36 ? 35  GLU A CG  1 
ATOM   268  C CD  . GLU A 1 35 ? 5.705   10.942  -10.753 0.00 49.74 ? 35  GLU A CD  1 
ATOM   269  O OE1 . GLU A 1 35 ? 5.419   12.154  -10.700 0.00 49.59 ? 35  GLU A OE1 1 
ATOM   270  O OE2 . GLU A 1 35 ? 5.674   10.283  -11.812 0.00 49.59 ? 35  GLU A OE2 1 
ATOM   271  N N   . GLU A 1 36 ? 9.839   9.377   -7.945  1.00 44.75 ? 36  GLU A N   1 
ATOM   272  C CA  . GLU A 1 36 ? 10.772  8.289   -8.205  1.00 43.71 ? 36  GLU A CA  1 
ATOM   273  C C   . GLU A 1 36 ? 11.158  7.524   -6.946  1.00 43.76 ? 36  GLU A C   1 
ATOM   274  O O   . GLU A 1 36 ? 11.953  6.590   -7.006  1.00 44.19 ? 36  GLU A O   1 
ATOM   275  C CB  . GLU A 1 36 ? 12.038  8.809   -8.898  1.00 44.19 ? 36  GLU A CB  1 
ATOM   276  C CG  . GLU A 1 36 ? 13.074  9.472   -7.996  1.00 45.10 ? 36  GLU A CG  1 
ATOM   277  C CD  . GLU A 1 36 ? 12.565  10.722  -7.318  0.00 46.32 ? 36  GLU A CD  1 
ATOM   278  O OE1 . GLU A 1 36 ? 11.866  11.512  -7.976  1.00 48.91 ? 36  GLU A OE1 1 
ATOM   279  O OE2 . GLU A 1 36 ? 12.879  10.926  -6.128  0.00 46.56 ? 36  GLU A OE2 1 
ATOM   280  N N   . LYS A 1 37 ? 10.592  7.919   -5.810  1.00 43.35 ? 37  LYS A N   1 
ATOM   281  C CA  . LYS A 1 37 ? 10.883  7.255   -4.539  1.00 43.31 ? 37  LYS A CA  1 
ATOM   282  C C   . LYS A 1 37 ? 9.723   6.363   -4.097  1.00 41.81 ? 37  LYS A C   1 
ATOM   283  O O   . LYS A 1 37 ? 9.821   5.665   -3.092  1.00 42.19 ? 37  LYS A O   1 
ATOM   284  C CB  . LYS A 1 37 ? 11.132  8.291   -3.443  1.00 46.47 ? 37  LYS A CB  1 
ATOM   285  C CG  . LYS A 1 37 ? 12.315  9.202   -3.689  1.00 49.86 ? 37  LYS A CG  1 
ATOM   286  C CD  . LYS A 1 37 ? 13.614  8.459   -3.512  1.00 52.02 ? 37  LYS A CD  1 
ATOM   287  C CE  . LYS A 1 37 ? 14.791  9.393   -3.668  1.00 53.54 ? 37  LYS A CE  1 
ATOM   288  N NZ  . LYS A 1 37 ? 16.070  8.708   -3.328  1.00 56.27 ? 37  LYS A NZ  1 
ATOM   289  N N   . ILE A 1 38 ? 8.622   6.400   -4.841  1.00 38.43 ? 38  ILE A N   1 
ATOM   290  C CA  . ILE A 1 38 ? 7.456   5.606   -4.493  1.00 35.27 ? 38  ILE A CA  1 
ATOM   291  C C   . ILE A 1 38 ? 7.424   4.282   -5.251  1.00 34.86 ? 38  ILE A C   1 
ATOM   292  O O   . ILE A 1 38 ? 7.318   4.239   -6.480  1.00 33.67 ? 38  ILE A O   1 
ATOM   293  C CB  . ILE A 1 38 ? 6.168   6.398   -4.756  1.00 34.14 ? 38  ILE A CB  1 
ATOM   294  C CG1 . ILE A 1 38 ? 6.245   7.751   -4.037  1.00 33.23 ? 38  ILE A CG1 1 
ATOM   295  C CG2 . ILE A 1 38 ? 4.964   5.609   -4.253  1.00 32.06 ? 38  ILE A CG2 1 
ATOM   296  C CD1 . ILE A 1 38 ? 5.124   8.709   -4.384  1.00 31.75 ? 38  ILE A CD1 1 
ATOM   297  N N   . VAL A 1 39 ? 7.529   3.201   -4.489  1.00 33.17 ? 39  VAL A N   1 
ATOM   298  C CA  . VAL A 1 39 ? 7.536   1.854   -5.030  1.00 32.11 ? 39  VAL A CA  1 
ATOM   299  C C   . VAL A 1 39 ? 6.256   1.123   -4.644  1.00 32.77 ? 39  VAL A C   1 
ATOM   300  O O   . VAL A 1 39 ? 5.790   1.232   -3.506  1.00 32.91 ? 39  VAL A O   1 
ATOM   301  C CB  . VAL A 1 39 ? 8.743   1.071   -4.488  1.00 32.92 ? 39  VAL A CB  1 
ATOM   302  C CG1 . VAL A 1 39 ? 8.663   -0.400  -4.902  1.00 30.96 ? 39  VAL A CG1 1 
ATOM   303  C CG2 . VAL A 1 39 ? 10.027  1.710   -4.994  1.00 29.25 ? 39  VAL A CG2 1 
ATOM   304  N N   . VAL A 1 40 ? 5.691   0.386   -5.597  1.00 30.17 ? 40  VAL A N   1 
ATOM   305  C CA  . VAL A 1 40 ? 4.476   -0.370  -5.339  1.00 30.88 ? 40  VAL A CA  1 
ATOM   306  C C   . VAL A 1 40 ? 4.645   -1.853  -5.689  1.00 31.37 ? 40  VAL A C   1 
ATOM   307  O O   . VAL A 1 40 ? 5.132   -2.196  -6.769  1.00 31.00 ? 40  VAL A O   1 
ATOM   308  C CB  . VAL A 1 40 ? 3.275   0.194   -6.141  1.00 30.15 ? 40  VAL A CB  1 
ATOM   309  C CG1 . VAL A 1 40 ? 2.020   -0.600  -5.826  1.00 27.95 ? 40  VAL A CG1 1 
ATOM   310  C CG2 . VAL A 1 40 ? 3.064   1.658   -5.806  1.00 30.23 ? 40  VAL A CG2 1 
ATOM   311  N N   . PHE A 1 41 ? 4.253   -2.719  -4.758  1.00 29.65 ? 41  PHE A N   1 
ATOM   312  C CA  . PHE A 1 41 ? 4.320   -4.158  -4.971  1.00 29.01 ? 41  PHE A CA  1 
ATOM   313  C C   . PHE A 1 41 ? 2.892   -4.671  -4.944  1.00 28.30 ? 41  PHE A C   1 
ATOM   314  O O   . PHE A 1 41 ? 2.108   -4.272  -4.085  1.00 28.15 ? 41  PHE A O   1 
ATOM   315  C CB  . PHE A 1 41 ? 5.078   -4.881  -3.848  1.00 29.73 ? 41  PHE A CB  1 
ATOM   316  C CG  . PHE A 1 41 ? 6.474   -4.386  -3.616  1.00 32.68 ? 41  PHE A CG  1 
ATOM   317  C CD1 . PHE A 1 41 ? 6.756   -3.535  -2.549  1.00 35.13 ? 41  PHE A CD1 1 
ATOM   318  C CD2 . PHE A 1 41 ? 7.518   -4.795  -4.440  1.00 32.87 ? 41  PHE A CD2 1 
ATOM   319  C CE1 . PHE A 1 41 ? 8.064   -3.103  -2.302  1.00 33.38 ? 41  PHE A CE1 1 
ATOM   320  C CE2 . PHE A 1 41 ? 8.824   -4.368  -4.203  1.00 32.58 ? 41  PHE A CE2 1 
ATOM   321  C CZ  . PHE A 1 41 ? 9.095   -3.522  -3.132  1.00 33.48 ? 41  PHE A CZ  1 
ATOM   322  N N   . ILE A 1 42 ? 2.546   -5.540  -5.884  1.00 26.65 ? 42  ILE A N   1 
ATOM   323  C CA  . ILE A 1 42 ? 1.219   -6.128  -5.880  1.00 27.77 ? 42  ILE A CA  1 
ATOM   324  C C   . ILE A 1 42 ? 1.397   -7.594  -5.514  1.00 28.52 ? 42  ILE A C   1 
ATOM   325  O O   . ILE A 1 42 ? 2.198   -8.304  -6.124  1.00 29.01 ? 42  ILE A O   1 
ATOM   326  C CB  . ILE A 1 42 ? 0.527   -6.057  -7.256  1.00 27.98 ? 42  ILE A CB  1 
ATOM   327  C CG1 . ILE A 1 42 ? 0.138   -4.615  -7.581  1.00 28.72 ? 42  ILE A CG1 1 
ATOM   328  C CG2 . ILE A 1 42 ? -0.716  -6.948  -7.250  1.00 25.57 ? 42  ILE A CG2 1 
ATOM   329  C CD1 . ILE A 1 42 ? -0.420  -4.428  -8.989  1.00 28.55 ? 42  ILE A CD1 1 
ATOM   330  N N   . GLU A 1 43 ? 0.665   -8.034  -4.502  1.00 28.37 ? 43  GLU A N   1 
ATOM   331  C CA  . GLU A 1 43 ? 0.715   -9.417  -4.058  1.00 29.83 ? 43  GLU A CA  1 
ATOM   332  C C   . GLU A 1 43 ? -0.686  -9.995  -4.177  1.00 30.32 ? 43  GLU A C   1 
ATOM   333  O O   . GLU A 1 43 ? -1.622  -9.517  -3.540  1.00 30.85 ? 43  GLU A O   1 
ATOM   334  C CB  . GLU A 1 43 ? 1.196   -9.495  -2.612  1.00 31.76 ? 43  GLU A CB  1 
ATOM   335  C CG  . GLU A 1 43 ? 2.702   -9.400  -2.472  1.00 37.32 ? 43  GLU A CG  1 
ATOM   336  C CD  . GLU A 1 43 ? 3.159   -9.217  -1.038  1.00 40.90 ? 43  GLU A CD  1 
ATOM   337  O OE1 . GLU A 1 43 ? 2.397   -9.570  -0.109  1.00 40.43 ? 43  GLU A OE1 1 
ATOM   338  O OE2 . GLU A 1 43 ? 4.292   -8.728  -0.844  1.00 45.56 ? 43  GLU A OE2 1 
ATOM   339  N N   . GLU A 1 44 ? -0.830  -11.018 -5.006  1.00 29.52 ? 44  GLU A N   1 
ATOM   340  C CA  . GLU A 1 44 ? -2.123  -11.642 -5.199  1.00 30.37 ? 44  GLU A CA  1 
ATOM   341  C C   . GLU A 1 44 ? -2.360  -12.813 -4.267  1.00 30.24 ? 44  GLU A C   1 
ATOM   342  O O   . GLU A 1 44 ? -1.467  -13.615 -4.019  1.00 33.32 ? 44  GLU A O   1 
ATOM   343  C CB  . GLU A 1 44 ? -2.267  -12.088 -6.642  1.00 30.94 ? 44  GLU A CB  1 
ATOM   344  C CG  . GLU A 1 44 ? -2.686  -10.954 -7.547  1.00 32.33 ? 44  GLU A CG  1 
ATOM   345  C CD  . GLU A 1 44 ? -2.905  -11.393 -8.961  1.00 33.40 ? 44  GLU A CD  1 
ATOM   346  O OE1 . GLU A 1 44 ? -3.726  -10.765 -9.651  1.00 35.07 ? 44  GLU A OE1 1 
ATOM   347  O OE2 . GLU A 1 44 ? -2.247  -12.361 -9.389  1.00 39.53 ? 44  GLU A OE2 1 
ATOM   348  N N   . MET A 1 45 ? -3.576  -12.898 -3.745  1.00 30.45 ? 45  MET A N   1 
ATOM   349  C CA  . MET A 1 45 ? -3.943  -13.970 -2.837  1.00 29.65 ? 45  MET A CA  1 
ATOM   350  C C   . MET A 1 45 ? -4.908  -14.946 -3.493  1.00 29.38 ? 45  MET A C   1 
ATOM   351  O O   . MET A 1 45 ? -5.747  -14.561 -4.305  1.00 30.76 ? 45  MET A O   1 
ATOM   352  C CB  . MET A 1 45 ? -4.628  -13.408 -1.595  1.00 31.94 ? 45  MET A CB  1 
ATOM   353  C CG  . MET A 1 45 ? -3.807  -12.471 -0.753  1.00 35.47 ? 45  MET A CG  1 
ATOM   354  S SD  . MET A 1 45 ? -4.789  -11.973 0.683   1.00 44.24 ? 45  MET A SD  1 
ATOM   355  C CE  . MET A 1 45 ? -5.929  -10.797 -0.042  1.00 37.16 ? 45  MET A CE  1 
ATOM   356  N N   . ARG A 1 46 ? -4.788  -16.211 -3.116  1.00 28.40 ? 46  ARG A N   1 
ATOM   357  C CA  . ARG A 1 46 ? -5.673  -17.254 -3.606  1.00 26.77 ? 46  ARG A CA  1 
ATOM   358  C C   . ARG A 1 46 ? -6.785  -17.408 -2.563  1.00 27.06 ? 46  ARG A C   1 
ATOM   359  O O   . ARG A 1 46 ? -6.526  -17.297 -1.359  1.00 24.14 ? 46  ARG A O   1 
ATOM   360  C CB  . ARG A 1 46 ? -4.894  -18.557 -3.742  1.00 27.26 ? 46  ARG A CB  1 
ATOM   361  C CG  . ARG A 1 46 ? -3.919  -18.570 -4.903  1.00 29.80 ? 46  ARG A CG  1 
ATOM   362  C CD  . ARG A 1 46 ? -3.004  -19.777 -4.850  1.00 28.64 ? 46  ARG A CD  1 
ATOM   363  N NE  . ARG A 1 46 ? -3.726  -21.013 -4.561  1.00 31.46 ? 46  ARG A NE  1 
ATOM   364  C CZ  . ARG A 1 46 ? -3.222  -22.233 -4.741  1.00 31.92 ? 46  ARG A CZ  1 
ATOM   365  N NH1 . ARG A 1 46 ? -3.944  -23.306 -4.441  1.00 29.16 ? 46  ARG A NH1 1 
ATOM   366  N NH2 . ARG A 1 46 ? -2.001  -22.383 -5.239  1.00 31.42 ? 46  ARG A NH2 1 
ATOM   367  N N   . LYS A 1 47 ? -8.016  -17.655 -3.012  1.00 26.98 ? 47  LYS A N   1 
ATOM   368  C CA  . LYS A 1 47 ? -9.140  -17.823 -2.083  1.00 26.72 ? 47  LYS A CA  1 
ATOM   369  C C   . LYS A 1 47 ? -8.938  -18.958 -1.081  1.00 27.46 ? 47  LYS A C   1 
ATOM   370  O O   . LYS A 1 47 ? -9.449  -18.900 0.036   1.00 27.23 ? 47  LYS A O   1 
ATOM   371  C CB  . LYS A 1 47 ? -10.443 -18.053 -2.844  1.00 25.60 ? 47  LYS A CB  1 
ATOM   372  C CG  . LYS A 1 47 ? -10.878 -16.851 -3.650  1.00 29.12 ? 47  LYS A CG  1 
ATOM   373  C CD  . LYS A 1 47 ? -12.106 -17.145 -4.488  1.00 31.54 ? 47  LYS A CD  1 
ATOM   374  C CE  . LYS A 1 47 ? -13.334 -17.357 -3.627  1.00 37.26 ? 47  LYS A CE  1 
ATOM   375  N NZ  . LYS A 1 47 ? -14.552 -17.572 -4.457  1.00 40.98 ? 47  LYS A NZ  1 
ATOM   376  N N   . ASP A 1 48 ? -8.202  -19.993 -1.470  1.00 27.48 ? 48  ASP A N   1 
ATOM   377  C CA  . ASP A 1 48 ? -7.958  -21.104 -0.560  1.00 28.93 ? 48  ASP A CA  1 
ATOM   378  C C   . ASP A 1 48 ? -6.786  -20.834 0.390   1.00 28.55 ? 48  ASP A C   1 
ATOM   379  O O   . ASP A 1 48 ? -6.394  -21.708 1.156   1.00 29.77 ? 48  ASP A O   1 
ATOM   380  C CB  . ASP A 1 48 ? -7.720  -22.402 -1.345  1.00 29.94 ? 48  ASP A CB  1 
ATOM   381  C CG  . ASP A 1 48 ? -6.590  -22.279 -2.350  1.00 32.38 ? 48  ASP A CG  1 
ATOM   382  O OD1 . ASP A 1 48 ? -6.062  -21.165 -2.521  1.00 35.22 ? 48  ASP A OD1 1 
ATOM   383  O OD2 . ASP A 1 48 ? -6.236  -23.293 -2.979  1.00 34.90 ? 48  ASP A OD2 1 
ATOM   384  N N   . HIS A 1 49 ? -6.236  -19.624 0.338   1.00 28.01 ? 49  HIS A N   1 
ATOM   385  C CA  . HIS A 1 49 ? -5.123  -19.224 1.203   1.00 28.51 ? 49  HIS A CA  1 
ATOM   386  C C   . HIS A 1 49 ? -5.498  -17.967 1.985   1.00 29.21 ? 49  HIS A C   1 
ATOM   387  O O   . HIS A 1 49 ? -4.648  -17.304 2.587   1.00 28.42 ? 49  HIS A O   1 
ATOM   388  C CB  . HIS A 1 49 ? -3.861  -18.942 0.371   1.00 28.83 ? 49  HIS A CB  1 
ATOM   389  C CG  . HIS A 1 49 ? -3.184  -20.172 -0.145  1.00 28.73 ? 49  HIS A CG  1 
ATOM   390  N ND1 . HIS A 1 49 ? -2.066  -20.124 -0.948  1.00 32.45 ? 49  HIS A ND1 1 
ATOM   391  C CD2 . HIS A 1 49 ? -3.466  -21.485 0.027   1.00 30.04 ? 49  HIS A CD2 1 
ATOM   392  C CE1 . HIS A 1 49 ? -1.690  -21.353 -1.248  1.00 30.61 ? 49  HIS A CE1 1 
ATOM   393  N NE2 . HIS A 1 49 ? -2.522  -22.196 -0.669  1.00 28.78 ? 49  HIS A NE2 1 
ATOM   394  N N   . TYR A 1 50 ? -6.783  -17.642 1.971   1.00 30.03 ? 50  TYR A N   1 
ATOM   395  C CA  . TYR A 1 50 ? -7.266  -16.463 2.659   1.00 31.77 ? 50  TYR A CA  1 
ATOM   396  C C   . TYR A 1 50 ? -8.537  -16.797 3.438   1.00 32.30 ? 50  TYR A C   1 
ATOM   397  O O   . TYR A 1 50 ? -9.499  -17.340 2.891   1.00 31.44 ? 50  TYR A O   1 
ATOM   398  C CB  . TYR A 1 50 ? -7.521  -15.356 1.633   1.00 31.83 ? 50  TYR A CB  1 
ATOM   399  C CG  . TYR A 1 50 ? -8.105  -14.094 2.206   1.00 35.83 ? 50  TYR A CG  1 
ATOM   400  C CD1 . TYR A 1 50 ? -7.505  -13.447 3.286   1.00 37.37 ? 50  TYR A CD1 1 
ATOM   401  C CD2 . TYR A 1 50 ? -9.244  -13.522 1.645   1.00 38.38 ? 50  TYR A CD2 1 
ATOM   402  C CE1 . TYR A 1 50 ? -8.023  -12.256 3.791   1.00 37.70 ? 50  TYR A CE1 1 
ATOM   403  C CE2 . TYR A 1 50 ? -9.768  -12.337 2.138   1.00 39.88 ? 50  TYR A CE2 1 
ATOM   404  C CZ  . TYR A 1 50 ? -9.153  -11.708 3.212   1.00 40.56 ? 50  TYR A CZ  1 
ATOM   405  O OH  . TYR A 1 50 ? -9.683  -10.532 3.697   1.00 43.78 ? 50  TYR A OH  1 
ATOM   406  N N   . ALA A 1 51 ? -8.536  -16.473 4.724   1.00 31.52 ? 51  ALA A N   1 
ATOM   407  C CA  . ALA A 1 51 ? -9.686  -16.769 5.558   1.00 32.63 ? 51  ALA A CA  1 
ATOM   408  C C   . ALA A 1 51 ? -10.081 -15.629 6.480   1.00 34.07 ? 51  ALA A C   1 
ATOM   409  O O   . ALA A 1 51 ? -9.259  -14.792 6.848   1.00 34.33 ? 51  ALA A O   1 
ATOM   410  C CB  . ALA A 1 51 ? -9.408  -18.022 6.385   1.00 30.57 ? 51  ALA A CB  1 
ATOM   411  N N   . VAL A 1 52 ? -11.358 -15.606 6.837   1.00 35.81 ? 52  VAL A N   1 
ATOM   412  C CA  . VAL A 1 52 ? -11.891 -14.613 7.758   1.00 36.24 ? 52  VAL A CA  1 
ATOM   413  C C   . VAL A 1 52 ? -12.808 -15.401 8.674   1.00 36.31 ? 52  VAL A C   1 
ATOM   414  O O   . VAL A 1 52 ? -13.546 -16.262 8.209   1.00 36.39 ? 52  VAL A O   1 
ATOM   415  C CB  . VAL A 1 52 ? -12.722 -13.535 7.048   1.00 35.98 ? 52  VAL A CB  1 
ATOM   416  C CG1 . VAL A 1 52 ? -13.175 -12.496 8.065   1.00 36.42 ? 52  VAL A CG1 1 
ATOM   417  C CG2 . VAL A 1 52 ? -11.905 -12.878 5.951   1.00 36.41 ? 52  VAL A CG2 1 
ATOM   418  N N   . ALA A 1 53 ? -12.739 -15.130 9.971   1.00 37.66 ? 53  ALA A N   1 
ATOM   419  C CA  . ALA A 1 53 ? -13.577 -15.824 10.942  1.00 38.00 ? 53  ALA A CA  1 
ATOM   420  C C   . ALA A 1 53 ? -13.400 -17.344 10.889  1.00 39.84 ? 53  ALA A C   1 
ATOM   421  O O   . ALA A 1 53 ? -14.358 -18.095 11.080  1.00 42.28 ? 53  ALA A O   1 
ATOM   422  C CB  . ALA A 1 53 ? -15.042 -15.460 10.718  1.00 35.40 ? 53  ALA A CB  1 
ATOM   423  N N   . GLY A 1 54 ? -12.180 -17.791 10.617  1.00 39.20 ? 54  GLY A N   1 
ATOM   424  C CA  . GLY A 1 54 ? -11.911 -19.215 10.565  1.00 37.63 ? 54  GLY A CA  1 
ATOM   425  C C   . GLY A 1 54 ? -12.387 -19.946 9.324   1.00 38.00 ? 54  GLY A C   1 
ATOM   426  O O   . GLY A 1 54 ? -12.274 -21.170 9.252   1.00 38.44 ? 54  GLY A O   1 
ATOM   427  N N   . LYS A 1 55 ? -12.916 -19.220 8.347   1.00 37.06 ? 55  LYS A N   1 
ATOM   428  C CA  . LYS A 1 55 ? -13.388 -19.859 7.124   1.00 36.41 ? 55  LYS A CA  1 
ATOM   429  C C   . LYS A 1 55 ? -12.711 -19.290 5.884   1.00 35.61 ? 55  LYS A C   1 
ATOM   430  O O   . LYS A 1 55 ? -12.814 -18.097 5.601   1.00 33.93 ? 55  LYS A O   1 
ATOM   431  C CB  . LYS A 1 55 ? -14.914 -19.713 6.999   1.00 37.84 ? 55  LYS A CB  1 
ATOM   432  N N   . ARG A 1 56 ? -12.020 -20.154 5.147   1.00 33.94 ? 56  ARG A N   1 
ATOM   433  C CA  . ARG A 1 56 ? -11.336 -19.748 3.924   1.00 34.29 ? 56  ARG A CA  1 
ATOM   434  C C   . ARG A 1 56 ? -12.366 -19.324 2.895   1.00 34.17 ? 56  ARG A C   1 
ATOM   435  O O   . ARG A 1 56 ? -13.440 -19.918 2.812   1.00 34.03 ? 56  ARG A O   1 
ATOM   436  C CB  . ARG A 1 56 ? -10.531 -20.908 3.350   1.00 33.76 ? 56  ARG A CB  1 
ATOM   437  C CG  . ARG A 1 56 ? -9.421  -21.388 4.240   1.00 34.74 ? 56  ARG A CG  1 
ATOM   438  C CD  . ARG A 1 56 ? -8.622  -22.440 3.524   1.00 34.74 ? 56  ARG A CD  1 
ATOM   439  N NE  . ARG A 1 56 ? -9.467  -23.554 3.125   1.00 35.51 ? 56  ARG A NE  1 
ATOM   440  C CZ  . ARG A 1 56 ? -9.055  -24.567 2.374   1.00 35.35 ? 56  ARG A CZ  1 
ATOM   441  N NH1 . ARG A 1 56 ? -7.803  -24.596 1.936   1.00 32.06 ? 56  ARG A NH1 1 
ATOM   442  N NH2 . ARG A 1 56 ? -9.890  -25.554 2.077   1.00 33.29 ? 56  ARG A NH2 1 
ATOM   443  N N   . LEU A 1 57 ? -12.038 -18.310 2.101   1.00 32.97 ? 57  LEU A N   1 
ATOM   444  C CA  . LEU A 1 57 ? -12.960 -17.840 1.082   1.00 34.65 ? 57  LEU A CA  1 
ATOM   445  C C   . LEU A 1 57 ? -13.328 -18.923 0.074   1.00 35.63 ? 57  LEU A C   1 
ATOM   446  O O   . LEU A 1 57 ? -14.407 -18.884 -0.515  1.00 36.01 ? 57  LEU A O   1 
ATOM   447  C CB  . LEU A 1 57 ? -12.376 -16.631 0.353   1.00 36.18 ? 57  LEU A CB  1 
ATOM   448  C CG  . LEU A 1 57 ? -12.815 -15.271 0.899   1.00 36.44 ? 57  LEU A CG  1 
ATOM   449  C CD1 . LEU A 1 57 ? -12.433 -15.151 2.358   1.00 36.58 ? 57  LEU A CD1 1 
ATOM   450  C CD2 . LEU A 1 57 ? -12.169 -14.173 0.079   1.00 37.42 ? 57  LEU A CD2 1 
ATOM   451  N N   . SER A 1 58 ? -12.432 -19.884 -0.132  1.00 35.46 ? 58  SER A N   1 
ATOM   452  C CA  . SER A 1 58 ? -12.699 -20.965 -1.071  1.00 35.30 ? 58  SER A CA  1 
ATOM   453  C C   . SER A 1 58 ? -13.760 -21.909 -0.511  1.00 38.53 ? 58  SER A C   1 
ATOM   454  O O   . SER A 1 58 ? -14.319 -22.726 -1.240  1.00 35.65 ? 58  SER A O   1 
ATOM   455  C CB  . SER A 1 58 ? -11.416 -21.747 -1.372  1.00 32.55 ? 58  SER A CB  1 
ATOM   456  O OG  . SER A 1 58 ? -10.957 -22.450 -0.232  1.00 29.42 ? 58  SER A OG  1 
ATOM   457  N N   . ASP A 1 59 ? -14.031 -21.785 0.785   1.00 41.99 ? 59  ASP A N   1 
ATOM   458  C CA  . ASP A 1 59 ? -15.031 -22.616 1.456   1.00 45.86 ? 59  ASP A CA  1 
ATOM   459  C C   . ASP A 1 59 ? -16.344 -21.864 1.694   1.00 49.45 ? 59  ASP A C   1 
ATOM   460  O O   . ASP A 1 59 ? -17.229 -22.353 2.392   1.00 51.20 ? 59  ASP A O   1 
ATOM   461  C CB  . ASP A 1 59 ? -14.477 -23.110 2.794   1.00 44.71 ? 59  ASP A CB  1 
ATOM   462  C CG  . ASP A 1 59 ? -13.334 -24.088 2.623   1.00 45.39 ? 59  ASP A CG  1 
ATOM   463  O OD1 . ASP A 1 59 ? -12.564 -24.282 3.584   1.00 45.64 ? 59  ASP A OD1 1 
ATOM   464  O OD2 . ASP A 1 59 ? -13.207 -24.672 1.530   1.00 48.73 ? 59  ASP A OD2 1 
ATOM   465  N N   . MET A 1 60 ? -16.463 -20.675 1.118   1.00 52.99 ? 60  MET A N   1 
ATOM   466  C CA  . MET A 1 60 ? -17.665 -19.865 1.263   1.00 57.98 ? 60  MET A CA  1 
ATOM   467  C C   . MET A 1 60 ? -18.389 -19.778 -0.073  1.00 60.80 ? 60  MET A C   1 
ATOM   468  O O   . MET A 1 60 ? -17.844 -20.168 -1.105  1.00 61.51 ? 60  MET A O   1 
ATOM   469  C CB  . MET A 1 60 ? -17.300 -18.460 1.744   1.00 58.95 ? 60  MET A CB  1 
ATOM   470  C CG  . MET A 1 60 ? -16.879 -18.396 3.198   1.00 62.67 ? 60  MET A CG  1 
ATOM   471  S SD  . MET A 1 60 ? -16.099 -16.829 3.612   1.00 68.21 ? 60  MET A SD  1 
ATOM   472  C CE  . MET A 1 60 ? -17.481 -15.690 3.383   1.00 68.07 ? 60  MET A CE  1 
ATOM   473  N N   . GLU A 1 61 ? -19.615 -19.265 -0.054  1.00 63.87 ? 61  GLU A N   1 
ATOM   474  C CA  . GLU A 1 61 ? -20.389 -19.134 -1.281  1.00 66.95 ? 61  GLU A CA  1 
ATOM   475  C C   . GLU A 1 61 ? -19.692 -18.157 -2.231  1.00 69.29 ? 61  GLU A C   1 
ATOM   476  O O   . GLU A 1 61 ? -18.902 -17.317 -1.741  1.00 70.15 ? 61  GLU A O   1 
ATOM   477  C CB  . GLU A 1 61 ? -21.801 -18.647 -0.961  1.00 66.58 ? 61  GLU A CB  1 
ATOM   478  O OXT . GLU A 1 61 ? -19.948 -18.238 -3.454  1.00 71.05 ? 61  GLU A OXT 1 
ATOM   479  N N   . PRO B 1 1  ? -9.074  -5.452  -0.044  1.00 34.19 ? 1   PRO B N   1 
ATOM   480  C CA  . PRO B 1 1  ? -7.596  -5.476  -0.153  1.00 33.62 ? 1   PRO B CA  1 
ATOM   481  C C   . PRO B 1 1  ? -6.868  -4.892  1.049   1.00 32.62 ? 1   PRO B C   1 
ATOM   482  O O   . PRO B 1 1  ? -7.433  -4.116  1.819   1.00 33.00 ? 1   PRO B O   1 
ATOM   483  C CB  . PRO B 1 1  ? -7.217  -4.730  -1.428  1.00 33.24 ? 1   PRO B CB  1 
ATOM   484  C CG  . PRO B 1 1  ? -8.520  -4.035  -1.796  1.00 35.39 ? 1   PRO B CG  1 
ATOM   485  C CD  . PRO B 1 1  ? -9.646  -4.935  -1.293  1.00 32.54 ? 1   PRO B CD  1 
ATOM   486  N N   . TYR B 1 2  ? -5.606  -5.282  1.195   1.00 31.19 ? 2   TYR B N   1 
ATOM   487  C CA  . TYR B 1 2  ? -4.762  -4.839  2.294   1.00 30.44 ? 2   TYR B CA  1 
ATOM   488  C C   . TYR B 1 2  ? -3.578  -4.081  1.752   1.00 32.02 ? 2   TYR B C   1 
ATOM   489  O O   . TYR B 1 2  ? -2.790  -4.610  0.963   1.00 34.06 ? 2   TYR B O   1 
ATOM   490  C CB  . TYR B 1 2  ? -4.263  -6.029  3.098   1.00 29.67 ? 2   TYR B CB  1 
ATOM   491  C CG  . TYR B 1 2  ? -5.386  -6.848  3.655   1.00 31.44 ? 2   TYR B CG  1 
ATOM   492  C CD1 . TYR B 1 2  ? -5.976  -7.867  2.901   1.00 31.19 ? 2   TYR B CD1 1 
ATOM   493  C CD2 . TYR B 1 2  ? -5.905  -6.567  4.911   1.00 32.31 ? 2   TYR B CD2 1 
ATOM   494  C CE1 . TYR B 1 2  ? -7.060  -8.584  3.394   1.00 32.51 ? 2   TYR B CE1 1 
ATOM   495  C CE2 . TYR B 1 2  ? -6.984  -7.270  5.411   1.00 33.90 ? 2   TYR B CE2 1 
ATOM   496  C CZ  . TYR B 1 2  ? -7.561  -8.275  4.653   1.00 34.69 ? 2   TYR B CZ  1 
ATOM   497  O OH  . TYR B 1 2  ? -8.639  -8.960  5.165   1.00 38.11 ? 2   TYR B OH  1 
ATOM   498  N N   . VAL B 1 3  ? -3.459  -2.835  2.184   1.00 31.24 ? 3   VAL B N   1 
ATOM   499  C CA  . VAL B 1 3  ? -2.382  -1.978  1.741   1.00 29.67 ? 3   VAL B CA  1 
ATOM   500  C C   . VAL B 1 3  ? -1.475  -1.629  2.897   1.00 29.85 ? 3   VAL B C   1 
ATOM   501  O O   . VAL B 1 3  ? -1.932  -1.157  3.940   1.00 29.42 ? 3   VAL B O   1 
ATOM   502  C CB  . VAL B 1 3  ? -2.925  -0.664  1.153   1.00 29.22 ? 3   VAL B CB  1 
ATOM   503  C CG1 . VAL B 1 3  ? -1.785  0.150   0.569   1.00 27.46 ? 3   VAL B CG1 1 
ATOM   504  C CG2 . VAL B 1 3  ? -3.985  -0.961  0.102   1.00 27.16 ? 3   VAL B CG2 1 
ATOM   505  N N   . THR B 1 4  ? -0.187  -1.878  2.714   1.00 28.83 ? 4   THR B N   1 
ATOM   506  C CA  . THR B 1 4  ? 0.784   -1.537  3.729   1.00 28.76 ? 4   THR B CA  1 
ATOM   507  C C   . THR B 1 4  ? 1.662   -0.446  3.122   1.00 30.22 ? 4   THR B C   1 
ATOM   508  O O   . THR B 1 4  ? 2.219   -0.616  2.033   1.00 28.88 ? 4   THR B O   1 
ATOM   509  C CB  . THR B 1 4  ? 1.672   -2.746  4.115   1.00 29.29 ? 4   THR B CB  1 
ATOM   510  O OG1 . THR B 1 4  ? 0.854   -3.779  4.671   1.00 32.89 ? 4   THR B OG1 1 
ATOM   511  C CG2 . THR B 1 4  ? 2.719   -2.339  5.155   1.00 27.95 ? 4   THR B CG2 1 
ATOM   512  N N   . VAL B 1 5  ? 1.744   0.692   3.803   1.00 30.20 ? 5   VAL B N   1 
ATOM   513  C CA  . VAL B 1 5  ? 2.588   1.784   3.345   1.00 29.71 ? 5   VAL B CA  1 
ATOM   514  C C   . VAL B 1 5  ? 3.746   1.837   4.332   1.00 31.48 ? 5   VAL B C   1 
ATOM   515  O O   . VAL B 1 5  ? 3.540   2.066   5.523   1.00 31.24 ? 5   VAL B O   1 
ATOM   516  C CB  . VAL B 1 5  ? 1.856   3.141   3.371   1.00 30.20 ? 5   VAL B CB  1 
ATOM   517  C CG1 . VAL B 1 5  ? 2.772   4.233   2.816   1.00 29.46 ? 5   VAL B CG1 1 
ATOM   518  C CG2 . VAL B 1 5  ? 0.578   3.063   2.551   1.00 29.03 ? 5   VAL B CG2 1 
ATOM   519  N N   . LYS B 1 6  ? 4.956   1.589   3.842   1.00 32.14 ? 6   LYS B N   1 
ATOM   520  C CA  . LYS B 1 6  ? 6.146   1.614   4.686   1.00 33.42 ? 6   LYS B CA  1 
ATOM   521  C C   . LYS B 1 6  ? 6.937   2.866   4.329   1.00 34.37 ? 6   LYS B C   1 
ATOM   522  O O   . LYS B 1 6  ? 7.399   3.011   3.197   1.00 35.08 ? 6   LYS B O   1 
ATOM   523  C CB  . LYS B 1 6  ? 6.998   0.357   4.444   1.00 34.73 ? 6   LYS B CB  1 
ATOM   524  C CG  . LYS B 1 6  ? 8.169   0.215   5.395   1.00 39.38 ? 6   LYS B CG  1 
ATOM   525  C CD  . LYS B 1 6  ? 8.838   -1.153  5.309   1.00 44.14 ? 6   LYS B CD  1 
ATOM   526  C CE  . LYS B 1 6  ? 9.862   -1.307  6.439   1.00 48.78 ? 6   LYS B CE  1 
ATOM   527  N NZ  . LYS B 1 6  ? 10.602  -2.607  6.427   1.00 52.21 ? 6   LYS B NZ  1 
ATOM   528  N N   . MET B 1 7  ? 7.081   3.776   5.288   1.00 33.39 ? 7   MET B N   1 
ATOM   529  C CA  . MET B 1 7  ? 7.805   5.019   5.041   1.00 34.60 ? 7   MET B CA  1 
ATOM   530  C C   . MET B 1 7  ? 8.577   5.498   6.268   1.00 34.93 ? 7   MET B C   1 
ATOM   531  O O   . MET B 1 7  ? 8.329   5.052   7.391   1.00 34.12 ? 7   MET B O   1 
ATOM   532  C CB  . MET B 1 7  ? 6.829   6.112   4.584   1.00 32.32 ? 7   MET B CB  1 
ATOM   533  C CG  . MET B 1 7  ? 5.792   6.467   5.625   1.00 33.64 ? 7   MET B CG  1 
ATOM   534  S SD  . MET B 1 7  ? 4.555   7.652   5.077   1.00 36.44 ? 7   MET B SD  1 
ATOM   535  C CE  . MET B 1 7  ? 3.555   7.764   6.551   1.00 28.12 ? 7   MET B CE  1 
ATOM   536  N N   . LEU B 1 8  ? 9.516   6.409   6.040   1.00 36.53 ? 8   LEU B N   1 
ATOM   537  C CA  . LEU B 1 8  ? 10.333  6.963   7.114   1.00 38.99 ? 8   LEU B CA  1 
ATOM   538  C C   . LEU B 1 8  ? 9.515   7.778   8.110   1.00 38.78 ? 8   LEU B C   1 
ATOM   539  O O   . LEU B 1 8  ? 8.492   8.360   7.747   1.00 36.65 ? 8   LEU B O   1 
ATOM   540  C CB  . LEU B 1 8  ? 11.429  7.850   6.523   1.00 40.72 ? 8   LEU B CB  1 
ATOM   541  C CG  . LEU B 1 8  ? 12.606  7.140   5.861   1.00 43.67 ? 8   LEU B CG  1 
ATOM   542  C CD1 . LEU B 1 8  ? 13.460  8.156   5.138   1.00 46.42 ? 8   LEU B CD1 1 
ATOM   543  C CD2 . LEU B 1 8  ? 13.431  6.402   6.917   1.00 43.83 ? 8   LEU B CD2 1 
ATOM   544  N N   . GLU B 1 9  ? 9.965   7.803   9.365   1.00 40.12 ? 9   GLU B N   1 
ATOM   545  C CA  . GLU B 1 9  ? 9.297   8.580   10.416  1.00 43.32 ? 9   GLU B CA  1 
ATOM   546  C C   . GLU B 1 9  ? 9.304   10.037  9.985   1.00 41.82 ? 9   GLU B C   1 
ATOM   547  O O   . GLU B 1 9  ? 10.154  10.448  9.204   1.00 41.74 ? 9   GLU B O   1 
ATOM   548  C CB  . GLU B 1 9  ? 10.071  8.533   11.731  1.00 46.05 ? 9   GLU B CB  1 
ATOM   549  C CG  . GLU B 1 9  ? 10.511  7.187   12.215  1.00 53.11 ? 9   GLU B CG  1 
ATOM   550  C CD  . GLU B 1 9  ? 11.406  7.313   13.437  1.00 56.89 ? 9   GLU B CD  1 
ATOM   551  O OE1 . GLU B 1 9  ? 12.493  7.930   13.317  1.00 55.59 ? 9   GLU B OE1 1 
ATOM   552  O OE2 . GLU B 1 9  ? 11.017  6.805   14.512  1.00 60.00 ? 9   GLU B OE2 1 
ATOM   553  N N   . GLY B 1 10 ? 8.377   10.826  10.506  1.00 43.44 ? 10  GLY B N   1 
ATOM   554  C CA  . GLY B 1 10 ? 8.372   12.229  10.149  1.00 45.13 ? 10  GLY B CA  1 
ATOM   555  C C   . GLY B 1 10 ? 7.045   12.822  9.737   1.00 46.52 ? 10  GLY B C   1 
ATOM   556  O O   . GLY B 1 10 ? 6.775   13.982  10.038  1.00 49.37 ? 10  GLY B O   1 
ATOM   557  N N   . ARG B 1 11 ? 6.216   12.054  9.040   1.00 45.01 ? 11  ARG B N   1 
ATOM   558  C CA  . ARG B 1 11 ? 4.930   12.584  8.616   1.00 43.99 ? 11  ARG B CA  1 
ATOM   559  C C   . ARG B 1 11 ? 4.103   12.983  9.828   1.00 43.70 ? 11  ARG B C   1 
ATOM   560  O O   . ARG B 1 11 ? 4.221   12.384  10.890  1.00 44.96 ? 11  ARG B O   1 
ATOM   561  C CB  . ARG B 1 11 ? 4.172   11.554  7.773   1.00 42.49 ? 11  ARG B CB  1 
ATOM   562  C CG  . ARG B 1 11 ? 4.573   11.543  6.309   1.00 39.19 ? 11  ARG B CG  1 
ATOM   563  C CD  . ARG B 1 11 ? 6.004   11.072  6.108   1.00 39.01 ? 11  ARG B CD  1 
ATOM   564  N NE  . ARG B 1 11 ? 6.432   11.296  4.731   1.00 41.24 ? 11  ARG B NE  1 
ATOM   565  C CZ  . ARG B 1 11 ? 7.439   10.664  4.138   1.00 40.86 ? 11  ARG B CZ  1 
ATOM   566  N NH1 . ARG B 1 11 ? 8.140   9.752   4.798   1.00 40.23 ? 11  ARG B NH1 1 
ATOM   567  N NH2 . ARG B 1 11 ? 7.744   10.944  2.877   1.00 39.80 ? 11  ARG B NH2 1 
ATOM   568  N N   . THR B 1 12 ? 3.277   14.008  9.667   1.00 44.44 ? 12  THR B N   1 
ATOM   569  C CA  . THR B 1 12 ? 2.428   14.479  10.753  1.00 44.11 ? 12  THR B CA  1 
ATOM   570  C C   . THR B 1 12 ? 1.187   13.602  10.833  1.00 45.61 ? 12  THR B C   1 
ATOM   571  O O   . THR B 1 12 ? 0.908   12.829  9.917   1.00 45.68 ? 12  THR B O   1 
ATOM   572  C CB  . THR B 1 12 ? 1.982   15.932  10.517  1.00 44.14 ? 12  THR B CB  1 
ATOM   573  O OG1 . THR B 1 12 ? 1.118   15.990  9.375   1.00 42.48 ? 12  THR B OG1 1 
ATOM   574  C CG2 . THR B 1 12 ? 3.194   16.822  10.271  1.00 42.00 ? 12  THR B CG2 1 
ATOM   575  N N   . ASP B 1 13 ? 0.437   13.721  11.923  1.00 46.88 ? 13  ASP B N   1 
ATOM   576  C CA  . ASP B 1 13 ? -0.772  12.930  12.079  1.00 48.08 ? 13  ASP B CA  1 
ATOM   577  C C   . ASP B 1 13 ? -1.749  13.262  10.959  1.00 48.60 ? 13  ASP B C   1 
ATOM   578  O O   . ASP B 1 13 ? -2.477  12.395  10.481  1.00 49.89 ? 13  ASP B O   1 
ATOM   579  C CB  . ASP B 1 13 ? -1.437  13.217  13.423  1.00 49.61 ? 13  ASP B CB  1 
ATOM   580  C CG  . ASP B 1 13 ? -2.646  12.332  13.675  1.00 53.28 ? 13  ASP B CG  1 
ATOM   581  O OD1 . ASP B 1 13 ? -2.460  11.134  13.978  1.00 54.89 ? 13  ASP B OD1 1 
ATOM   582  O OD2 . ASP B 1 13 ? -3.785  12.832  13.560  1.00 55.81 ? 13  ASP B OD2 1 
ATOM   583  N N   . GLU B 1 14 ? -1.749  14.524  10.542  1.00 48.92 ? 14  GLU B N   1 
ATOM   584  C CA  . GLU B 1 14 ? -2.635  14.990  9.484   1.00 49.66 ? 14  GLU B CA  1 
ATOM   585  C C   . GLU B 1 14 ? -2.298  14.314  8.159   1.00 48.14 ? 14  GLU B C   1 
ATOM   586  O O   . GLU B 1 14 ? -3.188  13.838  7.453   1.00 47.39 ? 14  GLU B O   1 
ATOM   587  C CB  . GLU B 1 14 ? -2.515  16.508  9.331   1.00 53.03 ? 14  GLU B CB  1 
ATOM   588  C CG  . GLU B 1 14 ? -3.837  17.244  9.193   1.00 57.71 ? 14  GLU B CG  1 
ATOM   589  C CD  . GLU B 1 14 ? -4.618  16.850  7.953   1.00 60.79 ? 14  GLU B CD  1 
ATOM   590  O OE1 . GLU B 1 14 ? -5.034  15.679  7.854   0.00 60.94 ? 14  GLU B OE1 1 
ATOM   591  O OE2 . GLU B 1 14 ? -4.817  17.720  7.075   1.00 64.70 ? 14  GLU B OE2 1 
ATOM   592  N N   . GLN B 1 15 ? -1.014  14.284  7.819   1.00 45.94 ? 15  GLN B N   1 
ATOM   593  C CA  . GLN B 1 15 ? -0.577  13.655  6.583   1.00 45.11 ? 15  GLN B CA  1 
ATOM   594  C C   . GLN B 1 15 ? -0.968  12.183  6.563   1.00 44.98 ? 15  GLN B C   1 
ATOM   595  O O   . GLN B 1 15 ? -1.368  11.667  5.527   1.00 46.57 ? 15  GLN B O   1 
ATOM   596  C CB  . GLN B 1 15 ? 0.936   13.779  6.422   1.00 44.97 ? 15  GLN B CB  1 
ATOM   597  C CG  . GLN B 1 15 ? 1.411   15.177  6.102   1.00 45.08 ? 15  GLN B CG  1 
ATOM   598  C CD  . GLN B 1 15 ? 2.909   15.237  5.931   1.00 45.37 ? 15  GLN B CD  1 
ATOM   599  O OE1 . GLN B 1 15 ? 3.662   14.970  6.865   1.00 46.47 ? 15  GLN B OE1 1 
ATOM   600  N NE2 . GLN B 1 15 ? 3.353   15.583  4.731   1.00 46.35 ? 15  GLN B NE2 1 
ATOM   601  N N   . LYS B 1 16 ? -0.863  11.510  7.704   1.00 43.74 ? 16  LYS B N   1 
ATOM   602  C CA  . LYS B 1 16 ? -1.224  10.100  7.772   1.00 44.90 ? 16  LYS B CA  1 
ATOM   603  C C   . LYS B 1 16 ? -2.720  9.922   7.543   1.00 45.92 ? 16  LYS B C   1 
ATOM   604  O O   . LYS B 1 16 ? -3.142  8.966   6.890   1.00 46.76 ? 16  LYS B O   1 
ATOM   605  C CB  . LYS B 1 16 ? -0.824  9.501   9.123   1.00 43.05 ? 16  LYS B CB  1 
ATOM   606  C CG  . LYS B 1 16 ? 0.680   9.458   9.340   1.00 43.51 ? 16  LYS B CG  1 
ATOM   607  C CD  . LYS B 1 16 ? 1.025   8.993   10.741  1.00 43.75 ? 16  LYS B CD  1 
ATOM   608  C CE  . LYS B 1 16 ? 2.510   9.158   11.013  1.00 45.20 ? 16  LYS B CE  1 
ATOM   609  N NZ  . LYS B 1 16 ? 2.896   8.710   12.384  1.00 46.46 ? 16  LYS B NZ  1 
ATOM   610  N N   . ARG B 1 17 ? -3.520  10.842  8.077   1.00 45.60 ? 17  ARG B N   1 
ATOM   611  C CA  . ARG B 1 17 ? -4.967  10.779  7.901   1.00 44.73 ? 17  ARG B CA  1 
ATOM   612  C C   . ARG B 1 17 ? -5.309  10.906  6.421   1.00 43.19 ? 17  ARG B C   1 
ATOM   613  O O   . ARG B 1 17 ? -6.180  10.209  5.915   1.00 42.24 ? 17  ARG B O   1 
ATOM   614  C CB  . ARG B 1 17 ? -5.647  11.907  8.675   1.00 47.59 ? 17  ARG B CB  1 
ATOM   615  C CG  . ARG B 1 17 ? -7.142  11.996  8.431   1.00 49.63 ? 17  ARG B CG  1 
ATOM   616  C CD  . ARG B 1 17 ? -7.764  13.160  9.184   1.00 54.96 ? 17  ARG B CD  1 
ATOM   617  N NE  . ARG B 1 17 ? -7.589  13.033  10.632  1.00 59.24 ? 17  ARG B NE  1 
ATOM   618  C CZ  . ARG B 1 17 ? -6.764  13.779  11.362  1.00 60.36 ? 17  ARG B CZ  1 
ATOM   619  N NH1 . ARG B 1 17 ? -6.026  14.718  10.784  1.00 61.07 ? 17  ARG B NH1 1 
ATOM   620  N NH2 . ARG B 1 17 ? -6.673  13.578  12.672  1.00 59.98 ? 17  ARG B NH2 1 
ATOM   621  N N   . ASN B 1 18 ? -4.610  11.802  5.733   1.00 42.78 ? 18  ASN B N   1 
ATOM   622  C CA  . ASN B 1 18 ? -4.833  12.028  4.311   1.00 43.70 ? 18  ASN B CA  1 
ATOM   623  C C   . ASN B 1 18 ? -4.337  10.849  3.480   1.00 42.32 ? 18  ASN B C   1 
ATOM   624  O O   . ASN B 1 18 ? -4.956  10.480  2.478   1.00 40.52 ? 18  ASN B O   1 
ATOM   625  C CB  . ASN B 1 18 ? -4.121  13.308  3.870   1.00 46.04 ? 18  ASN B CB  1 
ATOM   626  C CG  . ASN B 1 18 ? -4.674  14.550  4.555   1.00 51.07 ? 18  ASN B CG  1 
ATOM   627  O OD1 . ASN B 1 18 ? -4.001  15.584  4.624   1.00 52.45 ? 18  ASN B OD1 1 
ATOM   628  N ND2 . ASN B 1 18 ? -5.907  14.458  5.058   1.00 49.33 ? 18  ASN B ND2 1 
ATOM   629  N N   . LEU B 1 19 ? -3.210  10.277  3.898   1.00 40.72 ? 19  LEU B N   1 
ATOM   630  C CA  . LEU B 1 19 ? -2.623  9.130   3.214   1.00 38.58 ? 19  LEU B CA  1 
ATOM   631  C C   . LEU B 1 19 ? -3.624  7.981   3.196   1.00 37.07 ? 19  LEU B C   1 
ATOM   632  O O   . LEU B 1 19 ? -3.881  7.387   2.159   1.00 37.46 ? 19  LEU B O   1 
ATOM   633  C CB  . LEU B 1 19 ? -1.347  8.680   3.930   1.00 37.82 ? 19  LEU B CB  1 
ATOM   634  C CG  . LEU B 1 19 ? -0.744  7.347   3.472   1.00 37.22 ? 19  LEU B CG  1 
ATOM   635  C CD1 . LEU B 1 19 ? -0.403  7.409   1.995   1.00 36.41 ? 19  LEU B CD1 1 
ATOM   636  C CD2 . LEU B 1 19 ? 0.492   7.039   4.292   1.00 34.03 ? 19  LEU B CD2 1 
ATOM   637  N N   . VAL B 1 20 ? -4.188  7.690   4.359   1.00 36.73 ? 20  VAL B N   1 
ATOM   638  C CA  . VAL B 1 20 ? -5.162  6.627   4.509   1.00 38.43 ? 20  VAL B CA  1 
ATOM   639  C C   . VAL B 1 20 ? -6.398  6.852   3.646   1.00 40.75 ? 20  VAL B C   1 
ATOM   640  O O   . VAL B 1 20 ? -6.893  5.923   2.997   1.00 41.61 ? 20  VAL B O   1 
ATOM   641  C CB  . VAL B 1 20 ? -5.587  6.490   5.992   1.00 38.26 ? 20  VAL B CB  1 
ATOM   642  C CG1 . VAL B 1 20 ? -6.918  5.766   6.099   1.00 37.49 ? 20  VAL B CG1 1 
ATOM   643  C CG2 . VAL B 1 20 ? -4.522  5.727   6.759   1.00 34.69 ? 20  VAL B CG2 1 
ATOM   644  N N   . GLU B 1 21 ? -6.896  8.083   3.636   1.00 40.97 ? 21  GLU B N   1 
ATOM   645  C CA  . GLU B 1 21 ? -8.083  8.403   2.857   1.00 41.12 ? 21  GLU B CA  1 
ATOM   646  C C   . GLU B 1 21 ? -7.816  8.321   1.353   1.00 40.26 ? 21  GLU B C   1 
ATOM   647  O O   . GLU B 1 21 ? -8.528  7.633   0.630   1.00 39.63 ? 21  GLU B O   1 
ATOM   648  C CB  . GLU B 1 21 ? -8.600  9.798   3.236   1.00 38.83 ? 21  GLU B CB  1 
ATOM   649  N N   . LYS B 1 22 ? -6.785  9.009   0.888   1.00 40.55 ? 22  LYS B N   1 
ATOM   650  C CA  . LYS B 1 22 ? -6.467  9.003   -0.532  1.00 41.89 ? 22  LYS B CA  1 
ATOM   651  C C   . LYS B 1 22 ? -6.158  7.603   -1.055  1.00 41.49 ? 22  LYS B C   1 
ATOM   652  O O   . LYS B 1 22 ? -6.656  7.200   -2.113  1.00 39.90 ? 22  LYS B O   1 
ATOM   653  C CB  . LYS B 1 22 ? -5.283  9.925   -0.810  1.00 44.45 ? 22  LYS B CB  1 
ATOM   654  C CG  . LYS B 1 22 ? -5.574  11.394  -0.571  1.00 49.18 ? 22  LYS B CG  1 
ATOM   655  C CD  . LYS B 1 22 ? -6.644  11.890  -1.523  1.00 54.07 ? 22  LYS B CD  1 
ATOM   656  C CE  . LYS B 1 22 ? -6.757  13.409  -1.487  1.00 56.79 ? 22  LYS B CE  1 
ATOM   657  N NZ  . LYS B 1 22 ? -7.110  13.898  -0.129  1.00 60.17 ? 22  LYS B NZ  1 
ATOM   658  N N   . VAL B 1 23 ? -5.335  6.865   -0.314  1.00 39.84 ? 23  VAL B N   1 
ATOM   659  C CA  . VAL B 1 23 ? -4.968  5.518   -0.725  1.00 38.89 ? 23  VAL B CA  1 
ATOM   660  C C   . VAL B 1 23 ? -6.201  4.621   -0.790  1.00 38.18 ? 23  VAL B C   1 
ATOM   661  O O   . VAL B 1 23 ? -6.335  3.820   -1.709  1.00 37.34 ? 23  VAL B O   1 
ATOM   662  C CB  . VAL B 1 23 ? -3.905  4.913   0.222   1.00 37.28 ? 23  VAL B CB  1 
ATOM   663  C CG1 . VAL B 1 23 ? -3.868  3.400   0.085   1.00 38.64 ? 23  VAL B CG1 1 
ATOM   664  C CG2 . VAL B 1 23 ? -2.542  5.486   -0.122  1.00 33.31 ? 23  VAL B CG2 1 
ATOM   665  N N   . THR B 1 24 ? -7.106  4.766   0.173   1.00 38.27 ? 24  THR B N   1 
ATOM   666  C CA  . THR B 1 24 ? -8.323  3.965   0.176   1.00 38.62 ? 24  THR B CA  1 
ATOM   667  C C   . THR B 1 24 ? -9.174  4.281   -1.051  1.00 40.30 ? 24  THR B C   1 
ATOM   668  O O   . THR B 1 24 ? -9.736  3.384   -1.671  1.00 40.80 ? 24  THR B O   1 
ATOM   669  C CB  . THR B 1 24 ? -9.166  4.214   1.433   1.00 38.77 ? 24  THR B CB  1 
ATOM   670  O OG1 . THR B 1 24 ? -8.455  3.743   2.587   1.00 37.49 ? 24  THR B OG1 1 
ATOM   671  C CG2 . THR B 1 24 ? -10.500 3.485   1.326   1.00 35.60 ? 24  THR B CG2 1 
ATOM   672  N N   . GLU B 1 25 ? -9.263  5.556   -1.408  1.00 41.83 ? 25  GLU B N   1 
ATOM   673  C CA  . GLU B 1 25 ? -10.044 5.942   -2.576  1.00 43.29 ? 25  GLU B CA  1 
ATOM   674  C C   . GLU B 1 25 ? -9.406  5.408   -3.850  1.00 40.93 ? 25  GLU B C   1 
ATOM   675  O O   . GLU B 1 25 ? -10.106 4.967   -4.761  1.00 39.80 ? 25  GLU B O   1 
ATOM   676  C CB  . GLU B 1 25 ? -10.176 7.464   -2.662  1.00 46.63 ? 25  GLU B CB  1 
ATOM   677  C CG  . GLU B 1 25 ? -11.618 7.942   -2.641  1.00 55.08 ? 25  GLU B CG  1 
ATOM   678  C CD  . GLU B 1 25 ? -12.409 7.474   -3.852  1.00 59.05 ? 25  GLU B CD  1 
ATOM   679  O OE1 . GLU B 1 25 ? -13.655 7.422   -3.767  1.00 61.80 ? 25  GLU B OE1 1 
ATOM   680  O OE2 . GLU B 1 25 ? -11.787 7.170   -4.893  1.00 62.69 ? 25  GLU B OE2 1 
ATOM   681  N N   . ALA B 1 26 ? -8.080  5.443   -3.912  1.00 38.85 ? 26  ALA B N   1 
ATOM   682  C CA  . ALA B 1 26 ? -7.366  4.952   -5.084  1.00 38.33 ? 26  ALA B CA  1 
ATOM   683  C C   . ALA B 1 26 ? -7.673  3.469   -5.287  1.00 38.85 ? 26  ALA B C   1 
ATOM   684  O O   . ALA B 1 26 ? -7.935  3.027   -6.402  1.00 39.05 ? 26  ALA B O   1 
ATOM   685  C CB  . ALA B 1 26 ? -5.862  5.168   -4.918  1.00 35.63 ? 26  ALA B CB  1 
ATOM   686  N N   . VAL B 1 27 ? -7.652  2.703   -4.202  1.00 39.02 ? 27  VAL B N   1 
ATOM   687  C CA  . VAL B 1 27 ? -7.935  1.276   -4.287  1.00 38.47 ? 27  VAL B CA  1 
ATOM   688  C C   . VAL B 1 27 ? -9.386  1.037   -4.704  1.00 40.96 ? 27  VAL B C   1 
ATOM   689  O O   . VAL B 1 27 ? -9.654  0.255   -5.621  1.00 40.91 ? 27  VAL B O   1 
ATOM   690  C CB  . VAL B 1 27 ? -7.666  0.566   -2.932  1.00 36.62 ? 27  VAL B CB  1 
ATOM   691  C CG1 . VAL B 1 27 ? -8.166  -0.879  -2.979  1.00 34.30 ? 27  VAL B CG1 1 
ATOM   692  C CG2 . VAL B 1 27 ? -6.177  0.591   -2.621  1.00 31.52 ? 27  VAL B CG2 1 
ATOM   693  N N   . LYS B 1 28 ? -10.319 1.716   -4.039  1.00 42.27 ? 28  LYS B N   1 
ATOM   694  C CA  . LYS B 1 28 ? -11.741 1.564   -4.346  1.00 44.41 ? 28  LYS B CA  1 
ATOM   695  C C   . LYS B 1 28 ? -12.081 1.850   -5.809  1.00 44.29 ? 28  LYS B C   1 
ATOM   696  O O   . LYS B 1 28 ? -12.784 1.077   -6.455  1.00 44.59 ? 28  LYS B O   1 
ATOM   697  C CB  . LYS B 1 28 ? -12.584 2.491   -3.469  1.00 46.85 ? 28  LYS B CB  1 
ATOM   698  C CG  . LYS B 1 28 ? -14.052 2.498   -3.862  1.00 50.95 ? 28  LYS B CG  1 
ATOM   699  C CD  . LYS B 1 28 ? -14.649 3.899   -3.812  1.00 56.15 ? 28  LYS B CD  1 
ATOM   700  C CE  . LYS B 1 28 ? -15.325 4.185   -2.480  1.00 58.57 ? 28  LYS B CE  1 
ATOM   701  N NZ  . LYS B 1 28 ? -16.522 3.326   -2.277  1.00 59.71 ? 28  LYS B NZ  1 
ATOM   702  N N   . GLU B 1 29 ? -11.577 2.966   -6.321  1.00 44.06 ? 29  GLU B N   1 
ATOM   703  C CA  . GLU B 1 29 ? -11.848 3.381   -7.691  1.00 45.21 ? 29  GLU B CA  1 
ATOM   704  C C   . GLU B 1 29 ? -11.134 2.575   -8.755  1.00 45.87 ? 29  GLU B C   1 
ATOM   705  O O   . GLU B 1 29 ? -11.542 2.566   -9.915  1.00 47.05 ? 29  GLU B O   1 
ATOM   706  C CB  . GLU B 1 29 ? -11.491 4.857   -7.860  1.00 44.69 ? 29  GLU B CB  1 
ATOM   707  N N   . THR B 1 30 ? -10.078 1.881   -8.365  1.00 46.11 ? 30  THR B N   1 
ATOM   708  C CA  . THR B 1 30 ? -9.292  1.143   -9.332  1.00 43.94 ? 30  THR B CA  1 
ATOM   709  C C   . THR B 1 30 ? -9.480  -0.376  -9.340  1.00 44.22 ? 30  THR B C   1 
ATOM   710  O O   . THR B 1 30 ? -9.151  -1.037  -10.329 1.00 44.19 ? 30  THR B O   1 
ATOM   711  C CB  . THR B 1 30 ? -7.808  1.485   -9.121  1.00 44.06 ? 30  THR B CB  1 
ATOM   712  O OG1 . THR B 1 30 ? -7.092  1.294   -10.343 1.00 51.08 ? 30  THR B OG1 1 
ATOM   713  C CG2 . THR B 1 30 ? -7.211  0.613   -8.034  1.00 40.97 ? 30  THR B CG2 1 
ATOM   714  N N   . THR B 1 31 ? -10.016 -0.929  -8.256  1.00 43.03 ? 31  THR B N   1 
ATOM   715  C CA  . THR B 1 31 ? -10.209 -2.374  -8.163  1.00 43.57 ? 31  THR B CA  1 
ATOM   716  C C   . THR B 1 31 ? -11.673 -2.765  -7.990  1.00 45.35 ? 31  THR B C   1 
ATOM   717  O O   . THR B 1 31 ? -12.034 -3.934  -8.138  1.00 44.40 ? 31  THR B O   1 
ATOM   718  C CB  . THR B 1 31 ? -9.430  -2.967  -6.974  1.00 43.09 ? 31  THR B CB  1 
ATOM   719  O OG1 . THR B 1 31 ? -10.069 -2.588  -5.749  1.00 40.83 ? 31  THR B OG1 1 
ATOM   720  C CG2 . THR B 1 31 ? -7.997  -2.466  -6.969  1.00 39.86 ? 31  THR B CG2 1 
ATOM   721  N N   . GLY B 1 32 ? -12.509 -1.784  -7.670  1.00 46.44 ? 32  GLY B N   1 
ATOM   722  C CA  . GLY B 1 32 ? -13.918 -2.058  -7.486  1.00 48.87 ? 32  GLY B CA  1 
ATOM   723  C C   . GLY B 1 32 ? -14.257 -2.484  -6.073  1.00 51.13 ? 32  GLY B C   1 
ATOM   724  O O   . GLY B 1 32 ? -15.430 -2.607  -5.721  1.00 52.78 ? 32  GLY B O   1 
ATOM   725  N N   . ALA B 1 33 ? -13.231 -2.706  -5.255  1.00 51.69 ? 33  ALA B N   1 
ATOM   726  C CA  . ALA B 1 33 ? -13.438 -3.120  -3.873  1.00 51.56 ? 33  ALA B CA  1 
ATOM   727  C C   . ALA B 1 33 ? -14.242 -2.091  -3.084  1.00 52.19 ? 33  ALA B C   1 
ATOM   728  O O   . ALA B 1 33 ? -14.087 -0.885  -3.266  1.00 51.21 ? 33  ALA B O   1 
ATOM   729  C CB  . ALA B 1 33 ? -12.100 -3.360  -3.192  1.00 51.29 ? 33  ALA B CB  1 
ATOM   730  N N   . SER B 1 34 ? -15.098 -2.582  -2.199  1.00 54.16 ? 34  SER B N   1 
ATOM   731  C CA  . SER B 1 34 ? -15.921 -1.724  -1.363  1.00 54.97 ? 34  SER B CA  1 
ATOM   732  C C   . SER B 1 34 ? -15.115 -1.228  -0.158  1.00 55.20 ? 34  SER B C   1 
ATOM   733  O O   . SER B 1 34 ? -14.357 -1.984  0.446   1.00 55.88 ? 34  SER B O   1 
ATOM   734  C CB  . SER B 1 34 ? -17.149 -2.496  -0.885  1.00 55.57 ? 34  SER B CB  1 
ATOM   735  O OG  . SER B 1 34 ? -17.980 -1.671  -0.092  1.00 60.92 ? 34  SER B OG  1 
ATOM   736  N N   . GLU B 1 35 ? -15.300 0.043   0.189   1.00 54.90 ? 35  GLU B N   1 
ATOM   737  C CA  . GLU B 1 35 ? -14.594 0.676   1.299   1.00 54.00 ? 35  GLU B CA  1 
ATOM   738  C C   . GLU B 1 35 ? -14.402 -0.140  2.574   1.00 52.04 ? 35  GLU B C   1 
ATOM   739  O O   . GLU B 1 35 ? -13.317 -0.128  3.152   1.00 50.48 ? 35  GLU B O   1 
ATOM   740  C CB  . GLU B 1 35 ? -15.284 1.988   1.670   1.00 57.78 ? 35  GLU B CB  1 
ATOM   741  C CG  . GLU B 1 35 ? -15.158 3.076   0.627   1.00 65.11 ? 35  GLU B CG  1 
ATOM   742  C CD  . GLU B 1 35 ? -15.856 4.357   1.044   1.00 69.66 ? 35  GLU B CD  1 
ATOM   743  O OE1 . GLU B 1 35 ? -15.738 5.368   0.315   1.00 70.03 ? 35  GLU B OE1 1 
ATOM   744  O OE2 . GLU B 1 35 ? -16.526 4.350   2.102   1.00 73.28 ? 35  GLU B OE2 1 
ATOM   745  N N   . GLU B 1 36 ? -15.442 -0.834  3.028   1.00 49.97 ? 36  GLU B N   1 
ATOM   746  C CA  . GLU B 1 36 ? -15.314 -1.603  4.262   1.00 49.15 ? 36  GLU B CA  1 
ATOM   747  C C   . GLU B 1 36 ? -14.441 -2.840  4.107   1.00 47.99 ? 36  GLU B C   1 
ATOM   748  O O   . GLU B 1 36 ? -14.195 -3.555  5.078   1.00 48.23 ? 36  GLU B O   1 
ATOM   749  C CB  . GLU B 1 36 ? -16.688 -2.015  4.802   1.00 50.66 ? 36  GLU B CB  1 
ATOM   750  C CG  . GLU B 1 36 ? -17.347 -3.199  4.105   1.00 53.92 ? 36  GLU B CG  1 
ATOM   751  C CD  . GLU B 1 36 ? -17.809 -2.871  2.704   1.00 56.50 ? 36  GLU B CD  1 
ATOM   752  O OE1 . GLU B 1 36 ? -18.311 -1.747  2.498   1.00 57.49 ? 36  GLU B OE1 1 
ATOM   753  O OE2 . GLU B 1 36 ? -17.689 -3.740  1.816   1.00 57.85 ? 36  GLU B OE2 1 
ATOM   754  N N   . LYS B 1 37 ? -13.976 -3.092  2.888   1.00 45.71 ? 37  LYS B N   1 
ATOM   755  C CA  . LYS B 1 37 ? -13.122 -4.242  2.624   1.00 44.71 ? 37  LYS B CA  1 
ATOM   756  C C   . LYS B 1 37 ? -11.698 -3.780  2.316   1.00 42.78 ? 37  LYS B C   1 
ATOM   757  O O   . LYS B 1 37 ? -10.847 -4.584  1.938   1.00 43.54 ? 37  LYS B O   1 
ATOM   758  C CB  . LYS B 1 37 ? -13.682 -5.055  1.456   1.00 45.13 ? 37  LYS B CB  1 
ATOM   759  N N   . ILE B 1 38 ? -11.448 -2.481  2.481   1.00 38.96 ? 38  ILE B N   1 
ATOM   760  C CA  . ILE B 1 38 ? -10.137 -1.897  2.225   1.00 34.96 ? 38  ILE B CA  1 
ATOM   761  C C   . ILE B 1 38 ? -9.439  -1.514  3.527   1.00 35.45 ? 38  ILE B C   1 
ATOM   762  O O   . ILE B 1 38 ? -9.847  -0.576  4.214   1.00 35.70 ? 38  ILE B O   1 
ATOM   763  C CB  . ILE B 1 38 ? -10.251 -0.639  1.355   1.00 34.05 ? 38  ILE B CB  1 
ATOM   764  C CG1 . ILE B 1 38 ? -10.951 -0.979  0.042   1.00 32.26 ? 38  ILE B CG1 1 
ATOM   765  C CG2 . ILE B 1 38 ? -8.862  -0.054  1.099   1.00 31.91 ? 38  ILE B CG2 1 
ATOM   766  C CD1 . ILE B 1 38 ? -11.199 0.228   -0.848  1.00 31.84 ? 38  ILE B CD1 1 
ATOM   767  N N   . VAL B 1 39 ? -8.377  -2.243  3.853   1.00 33.37 ? 39  VAL B N   1 
ATOM   768  C CA  . VAL B 1 39 ? -7.609  -2.019  5.068   1.00 32.39 ? 39  VAL B CA  1 
ATOM   769  C C   . VAL B 1 39 ? -6.241  -1.419  4.750   1.00 33.43 ? 39  VAL B C   1 
ATOM   770  O O   . VAL B 1 39 ? -5.582  -1.836  3.802   1.00 34.34 ? 39  VAL B O   1 
ATOM   771  C CB  . VAL B 1 39 ? -7.400  -3.344  5.817   1.00 31.41 ? 39  VAL B CB  1 
ATOM   772  C CG1 . VAL B 1 39 ? -6.564  -3.126  7.057   1.00 29.31 ? 39  VAL B CG1 1 
ATOM   773  C CG2 . VAL B 1 39 ? -8.741  -3.941  6.168   1.00 31.37 ? 39  VAL B CG2 1 
ATOM   774  N N   . VAL B 1 40 ? -5.820  -0.443  5.548   1.00 32.92 ? 40  VAL B N   1 
ATOM   775  C CA  . VAL B 1 40 ? -4.527  0.195   5.342   1.00 31.90 ? 40  VAL B CA  1 
ATOM   776  C C   . VAL B 1 40 ? -3.653  0.164   6.591   1.00 32.26 ? 40  VAL B C   1 
ATOM   777  O O   . VAL B 1 40 ? -4.085  0.555   7.673   1.00 33.42 ? 40  VAL B O   1 
ATOM   778  C CB  . VAL B 1 40 ? -4.692  1.662   4.920   1.00 31.95 ? 40  VAL B CB  1 
ATOM   779  C CG1 . VAL B 1 40 ? -3.320  2.299   4.750   1.00 30.27 ? 40  VAL B CG1 1 
ATOM   780  C CG2 . VAL B 1 40 ? -5.494  1.746   3.628   1.00 28.89 ? 40  VAL B CG2 1 
ATOM   781  N N   . PHE B 1 41 ? -2.422  -0.310  6.436   1.00 31.94 ? 41  PHE B N   1 
ATOM   782  C CA  . PHE B 1 41 ? -1.477  -0.367  7.545   1.00 30.85 ? 41  PHE B CA  1 
ATOM   783  C C   . PHE B 1 41 ? -0.350  0.613   7.253   1.00 31.31 ? 41  PHE B C   1 
ATOM   784  O O   . PHE B 1 41 ? 0.127   0.701   6.120   1.00 33.03 ? 41  PHE B O   1 
ATOM   785  C CB  . PHE B 1 41 ? -0.839  -1.750  7.686   1.00 29.31 ? 41  PHE B CB  1 
ATOM   786  C CG  . PHE B 1 41 ? -1.812  -2.874  7.850   1.00 31.37 ? 41  PHE B CG  1 
ATOM   787  C CD1 . PHE B 1 41 ? -2.355  -3.514  6.737   1.00 31.91 ? 41  PHE B CD1 1 
ATOM   788  C CD2 . PHE B 1 41 ? -2.144  -3.337  9.118   1.00 31.57 ? 41  PHE B CD2 1 
ATOM   789  C CE1 . PHE B 1 41 ? -3.207  -4.606  6.892   1.00 31.35 ? 41  PHE B CE1 1 
ATOM   790  C CE2 . PHE B 1 41 ? -2.997  -4.429  9.277   1.00 31.18 ? 41  PHE B CE2 1 
ATOM   791  C CZ  . PHE B 1 41 ? -3.525  -5.061  8.165   1.00 28.82 ? 41  PHE B CZ  1 
ATOM   792  N N   . ILE B 1 42 ? 0.077   1.348   8.268   1.00 30.40 ? 42  ILE B N   1 
ATOM   793  C CA  . ILE B 1 42 ? 1.179   2.280   8.101   1.00 31.60 ? 42  ILE B CA  1 
ATOM   794  C C   . ILE B 1 42 ? 2.350   1.749   8.926   1.00 31.78 ? 42  ILE B C   1 
ATOM   795  O O   . ILE B 1 42 ? 2.189   1.395   10.096  1.00 29.49 ? 42  ILE B O   1 
ATOM   796  C CB  . ILE B 1 42 ? 0.818   3.703   8.596   1.00 33.10 ? 42  ILE B CB  1 
ATOM   797  C CG1 . ILE B 1 42 ? -0.341  4.269   7.770   1.00 33.70 ? 42  ILE B CG1 1 
ATOM   798  C CG2 . ILE B 1 42 ? 2.038   4.610   8.498   1.00 30.39 ? 42  ILE B CG2 1 
ATOM   799  C CD1 . ILE B 1 42 ? -0.817  5.652   8.225   1.00 33.61 ? 42  ILE B CD1 1 
ATOM   800  N N   . GLU B 1 43 ? 3.517   1.667   8.306   1.00 32.30 ? 43  GLU B N   1 
ATOM   801  C CA  . GLU B 1 43 ? 4.711   1.188   8.987   1.00 35.61 ? 43  GLU B CA  1 
ATOM   802  C C   . GLU B 1 43 ? 5.804   2.235   8.825   1.00 36.17 ? 43  GLU B C   1 
ATOM   803  O O   . GLU B 1 43 ? 6.157   2.618   7.711   1.00 36.78 ? 43  GLU B O   1 
ATOM   804  C CB  . GLU B 1 43 ? 5.170   -0.148  8.394   1.00 36.96 ? 43  GLU B CB  1 
ATOM   805  C CG  . GLU B 1 43 ? 4.308   -1.332  8.803   1.00 42.45 ? 43  GLU B CG  1 
ATOM   806  C CD  . GLU B 1 43 ? 4.733   -2.628  8.123   1.00 47.12 ? 43  GLU B CD  1 
ATOM   807  O OE1 . GLU B 1 43 ? 5.891   -2.709  7.656   1.00 47.27 ? 43  GLU B OE1 1 
ATOM   808  O OE2 . GLU B 1 43 ? 3.910   -3.571  8.070   1.00 50.09 ? 43  GLU B OE2 1 
ATOM   809  N N   . GLU B 1 44 ? 6.329   2.708   9.943   1.00 36.82 ? 44  GLU B N   1 
ATOM   810  C CA  . GLU B 1 44 ? 7.365   3.720   9.902   1.00 38.00 ? 44  GLU B CA  1 
ATOM   811  C C   . GLU B 1 44 ? 8.750   3.134   10.075  1.00 37.37 ? 44  GLU B C   1 
ATOM   812  O O   . GLU B 1 44 ? 8.935   2.181   10.822  1.00 38.05 ? 44  GLU B O   1 
ATOM   813  C CB  . GLU B 1 44 ? 7.090   4.769   10.972  1.00 39.33 ? 44  GLU B CB  1 
ATOM   814  C CG  . GLU B 1 44 ? 5.933   5.687   10.622  1.00 41.53 ? 44  GLU B CG  1 
ATOM   815  C CD  . GLU B 1 44 ? 5.732   6.779   11.643  1.00 44.39 ? 44  GLU B CD  1 
ATOM   816  O OE1 . GLU B 1 44 ? 5.277   7.874   11.253  1.00 46.02 ? 44  GLU B OE1 1 
ATOM   817  O OE2 . GLU B 1 44 ? 6.019   6.539   12.836  1.00 45.95 ? 44  GLU B OE2 1 
ATOM   818  N N   . MET B 1 45 ? 9.718   3.698   9.363   1.00 37.54 ? 45  MET B N   1 
ATOM   819  C CA  . MET B 1 45 ? 11.100  3.234   9.446   1.00 38.52 ? 45  MET B CA  1 
ATOM   820  C C   . MET B 1 45 ? 11.985  4.305   10.069  1.00 36.66 ? 45  MET B C   1 
ATOM   821  O O   . MET B 1 45 ? 11.666  5.487   10.026  1.00 35.37 ? 45  MET B O   1 
ATOM   822  C CB  . MET B 1 45 ? 11.671  2.940   8.060   1.00 40.73 ? 45  MET B CB  1 
ATOM   823  C CG  . MET B 1 45 ? 10.903  1.979   7.213   1.00 42.61 ? 45  MET B CG  1 
ATOM   824  S SD  . MET B 1 45 ? 11.755  1.845   5.634   1.00 48.84 ? 45  MET B SD  1 
ATOM   825  C CE  . MET B 1 45 ? 11.130  3.273   4.760   1.00 43.31 ? 45  MET B CE  1 
ATOM   826  N N   . ARG B 1 46 ? 13.107  3.872   10.630  1.00 36.99 ? 46  ARG B N   1 
ATOM   827  C CA  . ARG B 1 46 ? 14.082  4.772   11.223  1.00 38.38 ? 46  ARG B CA  1 
ATOM   828  C C   . ARG B 1 46 ? 15.192  4.927   10.184  1.00 38.31 ? 46  ARG B C   1 
ATOM   829  O O   . ARG B 1 46 ? 15.503  3.973   9.462   1.00 37.67 ? 46  ARG B O   1 
ATOM   830  C CB  . ARG B 1 46 ? 14.652  4.165   12.501  1.00 39.79 ? 46  ARG B CB  1 
ATOM   831  C CG  . ARG B 1 46 ? 13.735  4.270   13.706  1.00 44.39 ? 46  ARG B CG  1 
ATOM   832  C CD  . ARG B 1 46 ? 14.165  3.310   14.814  1.00 46.97 ? 46  ARG B CD  1 
ATOM   833  N NE  . ARG B 1 46 ? 15.597  3.379   15.097  1.00 49.55 ? 46  ARG B NE  1 
ATOM   834  C CZ  . ARG B 1 46 ? 16.203  2.695   16.066  1.00 51.39 ? 46  ARG B CZ  1 
ATOM   835  N NH1 . ARG B 1 46 ? 15.505  1.889   16.856  1.00 53.03 ? 46  ARG B NH1 1 
ATOM   836  N NH2 . ARG B 1 46 ? 17.514  2.804   16.238  1.00 51.18 ? 46  ARG B NH2 1 
ATOM   837  N N   . LYS B 1 47 ? 15.777  6.118   10.101  1.00 37.63 ? 47  LYS B N   1 
ATOM   838  C CA  . LYS B 1 47 ? 16.848  6.381   9.139   1.00 37.33 ? 47  LYS B CA  1 
ATOM   839  C C   . LYS B 1 47 ? 18.052  5.462   9.331   1.00 36.34 ? 47  LYS B C   1 
ATOM   840  O O   . LYS B 1 47 ? 18.821  5.237   8.395   1.00 34.40 ? 47  LYS B O   1 
ATOM   841  C CB  . LYS B 1 47 ? 17.300  7.846   9.220   1.00 38.58 ? 47  LYS B CB  1 
ATOM   842  C CG  . LYS B 1 47 ? 16.284  8.855   8.684   1.00 42.16 ? 47  LYS B CG  1 
ATOM   843  C CD  . LYS B 1 47 ? 16.655  10.280  9.087   1.00 47.82 ? 47  LYS B CD  1 
ATOM   844  C CE  . LYS B 1 47 ? 15.584  11.304  8.694   1.00 49.34 ? 47  LYS B CE  1 
ATOM   845  N NZ  . LYS B 1 47 ? 15.510  11.504  7.223   1.00 52.41 ? 47  LYS B NZ  1 
ATOM   846  N N   . ASP B 1 48 ? 18.224  4.924   10.535  1.00 35.56 ? 48  ASP B N   1 
ATOM   847  C CA  . ASP B 1 48 ? 19.353  4.031   10.778  1.00 37.73 ? 48  ASP B CA  1 
ATOM   848  C C   . ASP B 1 48 ? 18.992  2.566   10.523  1.00 37.68 ? 48  ASP B C   1 
ATOM   849  O O   . ASP B 1 48 ? 19.811  1.673   10.744  1.00 38.31 ? 48  ASP B O   1 
ATOM   850  C CB  . ASP B 1 48 ? 19.898  4.220   12.204  1.00 38.48 ? 48  ASP B CB  1 
ATOM   851  C CG  . ASP B 1 48 ? 18.863  3.933   13.275  1.00 41.28 ? 48  ASP B CG  1 
ATOM   852  O OD1 . ASP B 1 48 ? 17.661  4.141   13.019  1.00 43.63 ? 48  ASP B OD1 1 
ATOM   853  O OD2 . ASP B 1 48 ? 19.256  3.518   14.385  1.00 43.23 ? 48  ASP B OD2 1 
ATOM   854  N N   . HIS B 1 49 ? 17.771  2.328   10.048  1.00 35.98 ? 49  HIS B N   1 
ATOM   855  C CA  . HIS B 1 49 ? 17.313  0.973   9.739   1.00 36.91 ? 49  HIS B CA  1 
ATOM   856  C C   . HIS B 1 49 ? 16.968  0.814   8.256   1.00 36.34 ? 49  HIS B C   1 
ATOM   857  O O   . HIS B 1 49 ? 16.416  -0.210  7.850   1.00 37.16 ? 49  HIS B O   1 
ATOM   858  C CB  . HIS B 1 49 ? 16.076  0.607   10.571  1.00 35.76 ? 49  HIS B CB  1 
ATOM   859  C CG  . HIS B 1 49 ? 16.379  0.268   11.999  1.00 35.91 ? 49  HIS B CG  1 
ATOM   860  N ND1 . HIS B 1 49 ? 17.656  0.024   12.452  1.00 38.75 ? 49  HIS B ND1 1 
ATOM   861  C CD2 . HIS B 1 49 ? 15.562  0.093   13.062  1.00 36.19 ? 49  HIS B CD2 1 
ATOM   862  C CE1 . HIS B 1 49 ? 17.616  -0.288  13.735  1.00 37.35 ? 49  HIS B CE1 1 
ATOM   863  N NE2 . HIS B 1 49 ? 16.356  -0.253  14.131  1.00 36.71 ? 49  HIS B NE2 1 
ATOM   864  N N   . TYR B 1 50 ? 17.292  1.824   7.455   1.00 34.71 ? 50  TYR B N   1 
ATOM   865  C CA  . TYR B 1 50 ? 16.999  1.801   6.028   1.00 33.72 ? 50  TYR B CA  1 
ATOM   866  C C   . TYR B 1 50 ? 18.242  2.179   5.236   1.00 35.71 ? 50  TYR B C   1 
ATOM   867  O O   . TYR B 1 50 ? 18.833  3.237   5.459   1.00 35.31 ? 50  TYR B O   1 
ATOM   868  C CB  . TYR B 1 50 ? 15.875  2.786   5.725   1.00 34.74 ? 50  TYR B CB  1 
ATOM   869  C CG  . TYR B 1 50 ? 15.563  2.942   4.260   1.00 36.34 ? 50  TYR B CG  1 
ATOM   870  C CD1 . TYR B 1 50 ? 15.035  1.884   3.520   1.00 36.91 ? 50  TYR B CD1 1 
ATOM   871  C CD2 . TYR B 1 50 ? 15.788  4.155   3.608   1.00 38.84 ? 50  TYR B CD2 1 
ATOM   872  C CE1 . TYR B 1 50 ? 14.737  2.029   2.164   1.00 38.68 ? 50  TYR B CE1 1 
ATOM   873  C CE2 . TYR B 1 50 ? 15.495  4.314   2.254   1.00 39.86 ? 50  TYR B CE2 1 
ATOM   874  C CZ  . TYR B 1 50 ? 14.970  3.247   1.540   1.00 39.10 ? 50  TYR B CZ  1 
ATOM   875  O OH  . TYR B 1 50 ? 14.682  3.405   0.210   1.00 38.84 ? 50  TYR B OH  1 
ATOM   876  N N   . ALA B 1 51 ? 18.637  1.322   4.303   1.00 34.85 ? 51  ALA B N   1 
ATOM   877  C CA  . ALA B 1 51 ? 19.829  1.599   3.518   1.00 34.78 ? 51  ALA B CA  1 
ATOM   878  C C   . ALA B 1 51 ? 19.660  1.393   2.019   1.00 36.48 ? 51  ALA B C   1 
ATOM   879  O O   . ALA B 1 51 ? 18.845  0.582   1.568   1.00 37.34 ? 51  ALA B O   1 
ATOM   880  C CB  . ALA B 1 51 ? 20.981  0.745   4.024   1.00 32.39 ? 51  ALA B CB  1 
ATOM   881  N N   . VAL B 1 52 ? 20.442  2.149   1.258   1.00 36.89 ? 52  VAL B N   1 
ATOM   882  C CA  . VAL B 1 52 ? 20.453  2.059   -0.194  1.00 38.93 ? 52  VAL B CA  1 
ATOM   883  C C   . VAL B 1 52 ? 21.912  2.126   -0.634  1.00 40.59 ? 52  VAL B C   1 
ATOM   884  O O   . VAL B 1 52 ? 22.670  2.971   -0.158  1.00 41.12 ? 52  VAL B O   1 
ATOM   885  C CB  . VAL B 1 52 ? 19.680  3.214   -0.846  1.00 37.98 ? 52  VAL B CB  1 
ATOM   886  C CG1 . VAL B 1 52 ? 19.737  3.082   -2.357  1.00 39.57 ? 52  VAL B CG1 1 
ATOM   887  C CG2 . VAL B 1 52 ? 18.236  3.194   -0.385  1.00 39.13 ? 52  VAL B CG2 1 
ATOM   888  N N   . ALA B 1 53 ? 22.310  1.220   -1.520  1.00 41.72 ? 53  ALA B N   1 
ATOM   889  C CA  . ALA B 1 53 ? 23.682  1.184   -2.007  1.00 42.90 ? 53  ALA B CA  1 
ATOM   890  C C   . ALA B 1 53 ? 24.679  0.940   -0.876  1.00 44.14 ? 53  ALA B C   1 
ATOM   891  O O   . ALA B 1 53 ? 25.803  1.440   -0.915  1.00 44.99 ? 53  ALA B O   1 
ATOM   892  C CB  . ALA B 1 53 ? 24.021  2.485   -2.726  1.00 40.39 ? 53  ALA B CB  1 
ATOM   893  N N   . GLY B 1 54 ? 24.262  0.181   0.131   1.00 44.01 ? 54  GLY B N   1 
ATOM   894  C CA  . GLY B 1 54 ? 25.146  -0.137  1.239   1.00 42.83 ? 54  GLY B CA  1 
ATOM   895  C C   . GLY B 1 54 ? 25.345  0.950   2.276   1.00 42.99 ? 54  GLY B C   1 
ATOM   896  O O   . GLY B 1 54 ? 26.174  0.812   3.174   1.00 44.02 ? 54  GLY B O   1 
ATOM   897  N N   . LYS B 1 55 ? 24.587  2.033   2.167   1.00 42.69 ? 55  LYS B N   1 
ATOM   898  C CA  . LYS B 1 55 ? 24.711  3.130   3.114   1.00 40.94 ? 55  LYS B CA  1 
ATOM   899  C C   . LYS B 1 55 ? 23.378  3.476   3.760   1.00 39.96 ? 55  LYS B C   1 
ATOM   900  O O   . LYS B 1 55 ? 22.427  3.871   3.079   1.00 38.47 ? 55  LYS B O   1 
ATOM   901  C CB  . LYS B 1 55 ? 25.287  4.364   2.412   1.00 40.18 ? 55  LYS B CB  1 
ATOM   902  N N   . ARG B 1 56 ? 23.307  3.319   5.078   1.00 38.03 ? 56  ARG B N   1 
ATOM   903  C CA  . ARG B 1 56 ? 22.089  3.653   5.791   1.00 38.48 ? 56  ARG B CA  1 
ATOM   904  C C   . ARG B 1 56 ? 21.896  5.150   5.623   1.00 39.10 ? 56  ARG B C   1 
ATOM   905  O O   . ARG B 1 56 ? 22.870  5.896   5.489   1.00 37.66 ? 56  ARG B O   1 
ATOM   906  C CB  . ARG B 1 56 ? 22.216  3.311   7.272   1.00 38.96 ? 56  ARG B CB  1 
ATOM   907  C CG  . ARG B 1 56 ? 22.325  1.832   7.556   1.00 42.73 ? 56  ARG B CG  1 
ATOM   908  C CD  . ARG B 1 56 ? 22.437  1.590   9.039   1.00 42.69 ? 56  ARG B CD  1 
ATOM   909  N NE  . ARG B 1 56 ? 23.636  2.211   9.583   1.00 45.77 ? 56  ARG B NE  1 
ATOM   910  C CZ  . ARG B 1 56 ? 23.838  2.435   10.877  1.00 46.95 ? 56  ARG B CZ  1 
ATOM   911  N NH1 . ARG B 1 56 ? 22.911  2.088   11.762  1.00 44.00 ? 56  ARG B NH1 1 
ATOM   912  N NH2 . ARG B 1 56 ? 24.966  3.005   11.284  1.00 47.74 ? 56  ARG B NH2 1 
ATOM   913  N N   . LEU B 1 57 ? 20.643  5.589   5.624   1.00 38.96 ? 57  LEU B N   1 
ATOM   914  C CA  . LEU B 1 57 ? 20.342  7.001   5.458   1.00 39.77 ? 57  LEU B CA  1 
ATOM   915  C C   . LEU B 1 57 ? 20.945  7.850   6.569   1.00 40.17 ? 57  LEU B C   1 
ATOM   916  O O   . LEU B 1 57 ? 21.320  8.998   6.344   1.00 40.29 ? 57  LEU B O   1 
ATOM   917  C CB  . LEU B 1 57 ? 18.826  7.206   5.400   1.00 39.93 ? 57  LEU B CB  1 
ATOM   918  C CG  . LEU B 1 57 ? 18.242  7.464   4.003   1.00 43.25 ? 57  LEU B CG  1 
ATOM   919  C CD1 . LEU B 1 57 ? 18.688  6.377   3.017   1.00 43.19 ? 57  LEU B CD1 1 
ATOM   920  C CD2 . LEU B 1 57 ? 16.731  7.515   4.105   1.00 43.70 ? 57  LEU B CD2 1 
ATOM   921  N N   . SER B 1 58 ? 21.045  7.275   7.763   1.00 39.42 ? 58  SER B N   1 
ATOM   922  C CA  . SER B 1 58 ? 21.596  7.985   8.907   1.00 39.48 ? 58  SER B CA  1 
ATOM   923  C C   . SER B 1 58 ? 23.107  8.150   8.781   1.00 41.11 ? 58  SER B C   1 
ATOM   924  O O   . SER B 1 58 ? 23.726  8.821   9.602   1.00 41.78 ? 58  SER B O   1 
ATOM   925  C CB  . SER B 1 58 ? 21.267  7.233   10.200  1.00 37.09 ? 58  SER B CB  1 
ATOM   926  O OG  . SER B 1 58 ? 21.912  5.974   10.226  1.00 36.45 ? 58  SER B OG  1 
ATOM   927  N N   . ASP B 1 59 ? 23.691  7.535   7.756   1.00 41.72 ? 59  ASP B N   1 
ATOM   928  C CA  . ASP B 1 59 ? 25.129  7.601   7.522   1.00 42.59 ? 59  ASP B CA  1 
ATOM   929  C C   . ASP B 1 59 ? 25.486  8.342   6.241   1.00 44.23 ? 59  ASP B C   1 
ATOM   930  O O   . ASP B 1 59 ? 26.650  8.385   5.851   1.00 44.33 ? 59  ASP B O   1 
ATOM   931  C CB  . ASP B 1 59 ? 25.720  6.192   7.447   1.00 42.94 ? 59  ASP B CB  1 
ATOM   932  C CG  . ASP B 1 59 ? 25.905  5.565   8.805   1.00 45.09 ? 59  ASP B CG  1 
ATOM   933  O OD1 . ASP B 1 59 ? 26.159  4.344   8.863   1.00 46.85 ? 59  ASP B OD1 1 
ATOM   934  O OD2 . ASP B 1 59 ? 25.809  6.291   9.817   1.00 47.53 ? 59  ASP B OD2 1 
ATOM   935  N N   . MET B 1 60 ? 24.496  8.920   5.576   1.00 46.19 ? 60  MET B N   1 
ATOM   936  C CA  . MET B 1 60 ? 24.772  9.636   4.341   1.00 49.64 ? 60  MET B CA  1 
ATOM   937  C C   . MET B 1 60 ? 25.276  11.044  4.652   1.00 51.73 ? 60  MET B C   1 
ATOM   938  O O   . MET B 1 60 ? 24.849  11.661  5.627   1.00 52.39 ? 60  MET B O   1 
ATOM   939  C CB  . MET B 1 60 ? 23.515  9.680   3.461   1.00 50.75 ? 60  MET B CB  1 
ATOM   940  C CG  . MET B 1 60 ? 22.919  8.292   3.189   1.00 51.44 ? 60  MET B CG  1 
ATOM   941  S SD  . MET B 1 60 ? 21.798  8.186   1.786   0.00 50.88 ? 60  MET B SD  1 
ATOM   942  C CE  . MET B 1 60 ? 22.547  6.830   0.872   0.00 50.80 ? 60  MET B CE  1 
ATOM   943  N N   . GLU B 1 61 ? 26.200  11.539  3.833   1.00 54.25 ? 61  GLU B N   1 
ATOM   944  C CA  . GLU B 1 61 ? 26.763  12.871  4.035   1.00 57.21 ? 61  GLU B CA  1 
ATOM   945  C C   . GLU B 1 61 ? 26.918  13.622  2.717   1.00 57.30 ? 61  GLU B C   1 
ATOM   946  O O   . GLU B 1 61 ? 26.979  13.009  1.653   1.00 58.96 ? 61  GLU B O   1 
ATOM   947  C CB  . GLU B 1 61 ? 28.125  12.768  4.727   1.00 58.03 ? 61  GLU B CB  1 
ATOM   948  C CG  . GLU B 1 61 ? 29.210  12.154  3.871   1.00 61.64 ? 61  GLU B CG  1 
ATOM   949  C CD  . GLU B 1 61 ? 30.494  11.908  4.647   1.00 64.53 ? 61  GLU B CD  1 
ATOM   950  O OE1 . GLU B 1 61 ? 30.904  12.807  5.418   1.00 62.95 ? 61  GLU B OE1 1 
ATOM   951  O OE2 . GLU B 1 61 ? 31.093  10.820  4.477   1.00 65.95 ? 61  GLU B OE2 1 
HETATM 952  C C1  . FHC C 2 .  ? -11.889 -9.223  0.456   1.00 87.28 ? 500 FHC A C1  1 
HETATM 953  C C7  . FHC C 2 .  ? -10.459 -8.931  0.233   1.00 85.74 ? 500 FHC A C7  1 
HETATM 954  C C8  . FHC C 2 .  ? -9.660  -8.501  -0.787  1.00 84.05 ? 500 FHC A C8  1 
HETATM 955  C C9  . FHC C 2 .  ? -9.972  -8.129  -2.191  1.00 83.02 ? 500 FHC A C9  1 
HETATM 956  O O3  . FHC C 2 .  ? -11.243 -8.200  -2.602  1.00 84.37 ? 500 FHC A O3  1 
HETATM 957  O O2  . FHC C 2 .  ? -9.115  -7.768  -2.964  1.00 79.41 ? 500 FHC A O2  1 
HETATM 958  F F1  . FHC C 2 .  ? -8.340  -8.385  -0.496  1.00 84.94 ? 500 FHC A F1  1 
HETATM 959  C C6  . FHC C 2 .  ? -12.286 -9.673  1.756   1.00 87.81 ? 500 FHC A C6  1 
HETATM 960  C C5  . FHC C 2 .  ? -13.635 -9.964  2.011   1.00 87.88 ? 500 FHC A C5  1 
HETATM 961  C C4  . FHC C 2 .  ? -14.626 -9.830  1.020   1.00 88.46 ? 500 FHC A C4  1 
HETATM 962  O O1  . FHC C 2 .  ? -15.936 -10.121 1.298   1.00 88.93 ? 500 FHC A O1  1 
HETATM 963  C C3  . FHC C 2 .  ? -14.254 -9.386  -0.279  1.00 88.22 ? 500 FHC A C3  1 
HETATM 964  C C2  . FHC C 2 .  ? -12.908 -9.092  -0.544  1.00 87.33 ? 500 FHC A C2  1 
HETATM 965  O O   . HOH D 3 .  ? -9.724  -16.562 10.284  1.00 28.09 ? 501 HOH A O   1 
HETATM 966  O O   . HOH D 3 .  ? -5.940  -9.441  -8.750  1.00 26.81 ? 502 HOH A O   1 
HETATM 967  O O   . HOH D 3 .  ? -0.161  -14.193 -8.584  1.00 40.33 ? 503 HOH A O   1 
HETATM 968  O O   . HOH D 3 .  ? -14.958 -22.373 -3.692  1.00 37.98 ? 504 HOH A O   1 
HETATM 969  O O   . HOH D 3 .  ? 5.045   -2.129  1.769   1.00 28.86 ? 505 HOH A O   1 
HETATM 970  O O   . HOH D 3 .  ? -8.325  -17.468 -5.897  1.00 38.69 ? 506 HOH A O   1 
HETATM 971  O O   . HOH D 3 .  ? 1.485   -6.271  -18.189 1.00 44.76 ? 507 HOH A O   1 
HETATM 972  O O   . HOH D 3 .  ? -5.759  -11.820 -11.333 1.00 52.35 ? 508 HOH A O   1 
HETATM 973  O O   . HOH D 3 .  ? -5.773  -8.753  -18.125 1.00 43.17 ? 509 HOH A O   1 
HETATM 974  O O   . HOH D 3 .  ? 1.575   -11.870 -6.354  1.00 43.06 ? 510 HOH A O   1 
HETATM 975  O O   . HOH D 3 .  ? -2.707  -15.375 1.368   1.00 50.13 ? 511 HOH A O   1 
HETATM 976  O O   . HOH D 3 .  ? -10.243 -4.003  -17.309 1.00 44.97 ? 512 HOH A O   1 
HETATM 977  O O   . HOH D 3 .  ? -16.282 -19.697 -3.272  1.00 50.40 ? 513 HOH A O   1 
HETATM 978  O O   . HOH D 3 .  ? 3.034   -8.823  -17.935 1.00 37.81 ? 514 HOH A O   1 
HETATM 979  O O   . HOH D 3 .  ? -1.341  -16.410 -6.583  1.00 64.40 ? 515 HOH A O   1 
HETATM 980  O O   . HOH D 3 .  ? -2.164  -17.041 -1.986  1.00 45.71 ? 516 HOH A O   1 
HETATM 981  O O   . HOH D 3 .  ? -12.588 -22.826 5.767   1.00 45.65 ? 517 HOH A O   1 
HETATM 982  O O   . HOH D 3 .  ? -11.103 -9.327  -8.261  1.00 69.11 ? 518 HOH A O   1 
HETATM 983  O O   . HOH D 3 .  ? -4.116  -9.910  -14.503 1.00 48.88 ? 519 HOH A O   1 
HETATM 984  O O   . HOH D 3 .  ? -0.339  -13.616 1.851   1.00 58.32 ? 520 HOH A O   1 
HETATM 985  O O   . HOH D 3 .  ? -4.707  -7.148  -20.595 1.00 57.98 ? 521 HOH A O   1 
HETATM 986  O O   . HOH D 3 .  ? -3.128  -3.263  -20.933 1.00 51.77 ? 522 HOH A O   1 
HETATM 987  O O   . HOH D 3 .  ? -15.929 -16.735 -1.626  1.00 53.67 ? 523 HOH A O   1 
HETATM 988  O O   . HOH D 3 .  ? 0.177   -20.353 -6.062  1.00 64.77 ? 524 HOH A O   1 
HETATM 989  O O   . HOH D 3 .  ? -5.310  8.790   -6.868  1.00 60.02 ? 525 HOH A O   1 
HETATM 990  O O   . HOH D 3 .  ? 5.954   -6.489  0.389   1.00 51.29 ? 526 HOH A O   1 
HETATM 991  O O   . HOH D 3 .  ? 5.980   -3.906  3.986   1.00 61.30 ? 527 HOH A O   1 
HETATM 992  O O   . HOH D 3 .  ? 0.695   -12.978 -1.628  1.00 75.15 ? 528 HOH A O   1 
HETATM 993  O O   . HOH D 3 .  ? -12.385 -0.705  -11.723 1.00 66.03 ? 529 HOH A O   1 
HETATM 994  O O   . HOH D 3 .  ? -5.479  10.820  -9.205  1.00 66.34 ? 530 HOH A O   1 
HETATM 995  O O   . HOH D 3 .  ? -4.851  0.684   -18.642 1.00 59.55 ? 531 HOH A O   1 
HETATM 996  O O   . HOH D 3 .  ? -17.229 -18.846 10.943  1.00 70.93 ? 532 HOH A O   1 
HETATM 997  O O   . HOH D 3 .  ? -1.980  -16.561 -9.555  1.00 28.69 ? 533 HOH A O   1 
HETATM 998  O O   . HOH D 3 .  ? -9.906  -14.958 -6.760  1.00 64.40 ? 534 HOH A O   1 
HETATM 999  O O   . HOH E 3 .  ? 21.901  -1.159  0.348   1.00 32.19 ? 62  HOH B O   1 
HETATM 1000 O O   . HOH E 3 .  ? 6.101   9.075   8.932   1.00 42.26 ? 63  HOH B O   1 
HETATM 1001 O O   . HOH E 3 .  ? -0.176  -5.255  2.627   1.00 36.38 ? 64  HOH B O   1 
HETATM 1002 O O   . HOH E 3 .  ? 23.768  6.168   12.159  1.00 48.96 ? 65  HOH B O   1 
HETATM 1003 O O   . HOH E 3 .  ? 25.479  2.575   6.848   1.00 51.04 ? 66  HOH B O   1 
HETATM 1004 O O   . HOH E 3 .  ? -9.482  0.203   -12.991 1.00 47.48 ? 67  HOH B O   1 
HETATM 1005 O O   . HOH E 3 .  ? 14.732  8.278   11.838  1.00 55.14 ? 68  HOH B O   1 
HETATM 1006 O O   . HOH E 3 .  ? 0.832   18.263  7.930   1.00 57.89 ? 69  HOH B O   1 
HETATM 1007 O O   . HOH E 3 .  ? 1.720   16.682  2.183   1.00 61.75 ? 70  HOH B O   1 
HETATM 1008 O O   . HOH E 3 .  ? -11.922 -6.504  -9.698  1.00 68.25 ? 71  HOH B O   1 
HETATM 1009 O O   . HOH E 3 .  ? 6.196   10.676  12.341  1.00 58.59 ? 72  HOH B O   1 
HETATM 1010 O O   . HOH E 3 .  ? 0.615   -1.128  11.261  1.00 61.53 ? 73  HOH B O   1 
HETATM 1011 O O   . HOH E 3 .  ? 11.035  1.889   14.207  1.00 57.35 ? 74  HOH B O   1 
HETATM 1012 O O   . HOH E 3 .  ? 30.445  15.493  5.941   1.00 64.99 ? 75  HOH B O   1 
HETATM 1013 O O   . HOH E 3 .  ? -1.335  15.319  3.387   1.00 50.32 ? 76  HOH B O   1 
HETATM 1014 O O   . HOH E 3 .  ? -6.910  9.342   -4.268  1.00 67.45 ? 77  HOH B O   1 
HETATM 1015 O O   . HOH E 3 .  ? 5.125   1.669   12.541  1.00 46.37 ? 78  HOH B O   1 
HETATM 1016 O O   . HOH E 3 .  ? 10.799  -1.351  11.222  1.00 66.57 ? 79  HOH B O   1 
HETATM 1017 O O   . HOH E 3 .  ? -13.393 4.370   -11.270 1.00 63.57 ? 80  HOH B O   1 
HETATM 1018 O O   . HOH E 3 .  ? 11.540  5.444   16.791  1.00 60.03 ? 81  HOH B O   1 
HETATM 1019 O O   . HOH E 3 .  ? 1.795   -7.534  3.193   1.00 61.30 ? 82  HOH B O   1 
HETATM 1020 O O   . HOH E 3 .  ? 12.880  1.187   11.696  1.00 46.37 ? 83  HOH B O   1 
# 
loop_
_pdbx_poly_seq_scheme.asym_id 
_pdbx_poly_seq_scheme.entity_id 
_pdbx_poly_seq_scheme.seq_id 
_pdbx_poly_seq_scheme.mon_id 
_pdbx_poly_seq_scheme.ndb_seq_num 
_pdbx_poly_seq_scheme.pdb_seq_num 
_pdbx_poly_seq_scheme.auth_seq_num 
_pdbx_poly_seq_scheme.pdb_mon_id 
_pdbx_poly_seq_scheme.auth_mon_id 
_pdbx_poly_seq_scheme.pdb_strand_id 
_pdbx_poly_seq_scheme.pdb_ins_code 
_pdbx_poly_seq_scheme.hetero 
A 1 1  PRO 1  1  1  PRO PRO A . n 
A 1 2  TYR 2  2  2  TYR TYR A . n 
A 1 3  VAL 3  3  3  VAL VAL A . n 
A 1 4  THR 4  4  4  THR THR A . n 
A 1 5  VAL 5  5  5  VAL VAL A . n 
A 1 6  LYS 6  6  6  LYS LYS A . n 
A 1 7  MET 7  7  7  MET MET A . n 
A 1 8  LEU 8  8  8  LEU LEU A . n 
A 1 9  GLU 9  9  9  GLU GLU A . n 
A 1 10 GLY 10 10 10 GLY GLY A . n 
A 1 11 ARG 11 11 11 ARG ARG A . n 
A 1 12 THR 12 12 12 THR THR A . n 
A 1 13 ASP 13 13 13 ASP ASP A . n 
A 1 14 GLU 14 14 14 GLU GLU A . n 
A 1 15 GLN 15 15 15 GLN GLN A . n 
A 1 16 LYS 16 16 16 LYS LYS A . n 
A 1 17 ARG 17 17 17 ARG ARG A . n 
A 1 18 ASN 18 18 18 ASN ASN A . n 
A 1 19 LEU 19 19 19 LEU LEU A . n 
A 1 20 VAL 20 20 20 VAL VAL A . n 
A 1 21 GLU 21 21 21 GLU ALA A . n 
A 1 22 LYS 22 22 22 LYS LYS A . n 
A 1 23 VAL 23 23 23 VAL VAL A . n 
A 1 24 THR 24 24 24 THR THR A . n 
A 1 25 GLU 25 25 25 GLU GLU A . n 
A 1 26 ALA 26 26 26 ALA ALA A . n 
A 1 27 VAL 27 27 27 VAL VAL A . n 
A 1 28 LYS 28 28 28 LYS LYS A . n 
A 1 29 GLU 29 29 29 GLU GLU A . n 
A 1 30 THR 30 30 30 THR THR A . n 
A 1 31 THR 31 31 31 THR THR A . n 
A 1 32 GLY 32 32 32 GLY GLY A . n 
A 1 33 ALA 33 33 33 ALA ALA A . n 
A 1 34 SER 34 34 34 SER SER A . n 
A 1 35 GLU 35 35 35 GLU GLU A . n 
A 1 36 GLU 36 36 36 GLU GLU A . n 
A 1 37 LYS 37 37 37 LYS LYS A . n 
A 1 38 ILE 38 38 38 ILE ILE A . n 
A 1 39 VAL 39 39 39 VAL VAL A . n 
A 1 40 VAL 40 40 40 VAL VAL A . n 
A 1 41 PHE 41 41 41 PHE PHE A . n 
A 1 42 ILE 42 42 42 ILE ILE A . n 
A 1 43 GLU 43 43 43 GLU GLU A . n 
A 1 44 GLU 44 44 44 GLU GLU A . n 
A 1 45 MET 45 45 45 MET MET A . n 
A 1 46 ARG 46 46 46 ARG ARG A . n 
A 1 47 LYS 47 47 47 LYS LYS A . n 
A 1 48 ASP 48 48 48 ASP ASP A . n 
A 1 49 HIS 49 49 49 HIS HIS A . n 
A 1 50 TYR 50 50 50 TYR TYR A . n 
A 1 51 ALA 51 51 51 ALA ALA A . n 
A 1 52 VAL 52 52 52 VAL VAL A . n 
A 1 53 ALA 53 53 53 ALA ALA A . n 
A 1 54 GLY 54 54 54 GLY GLY A . n 
A 1 55 LYS 55 55 55 LYS ALA A . n 
A 1 56 ARG 56 56 56 ARG ARG A . n 
A 1 57 LEU 57 57 57 LEU LEU A . n 
A 1 58 SER 58 58 58 SER SER A . n 
A 1 59 ASP 59 59 59 ASP ASP A . n 
A 1 60 MET 60 60 60 MET MET A . n 
A 1 61 GLU 61 61 61 GLU ALA A . n 
B 1 1  PRO 1  1  1  PRO PRO B . n 
B 1 2  TYR 2  2  2  TYR TYR B . n 
B 1 3  VAL 3  3  3  VAL VAL B . n 
B 1 4  THR 4  4  4  THR THR B . n 
B 1 5  VAL 5  5  5  VAL VAL B . n 
B 1 6  LYS 6  6  6  LYS LYS B . n 
B 1 7  MET 7  7  7  MET MET B . n 
B 1 8  LEU 8  8  8  LEU LEU B . n 
B 1 9  GLU 9  9  9  GLU GLU B . n 
B 1 10 GLY 10 10 10 GLY GLY B . n 
B 1 11 ARG 11 11 11 ARG ARG B . n 
B 1 12 THR 12 12 12 THR THR B . n 
B 1 13 ASP 13 13 13 ASP ASP B . n 
B 1 14 GLU 14 14 14 GLU GLU B . n 
B 1 15 GLN 15 15 15 GLN GLN B . n 
B 1 16 LYS 16 16 16 LYS LYS B . n 
B 1 17 ARG 17 17 17 ARG ARG B . n 
B 1 18 ASN 18 18 18 ASN ASN B . n 
B 1 19 LEU 19 19 19 LEU LEU B . n 
B 1 20 VAL 20 20 20 VAL VAL B . n 
B 1 21 GLU 21 21 21 GLU ALA B . n 
B 1 22 LYS 22 22 22 LYS LYS B . n 
B 1 23 VAL 23 23 23 VAL VAL B . n 
B 1 24 THR 24 24 24 THR THR B . n 
B 1 25 GLU 25 25 25 GLU GLU B . n 
B 1 26 ALA 26 26 26 ALA ALA B . n 
B 1 27 VAL 27 27 27 VAL VAL B . n 
B 1 28 LYS 28 28 28 LYS LYS B . n 
B 1 29 GLU 29 29 29 GLU ALA B . n 
B 1 30 THR 30 30 30 THR THR B . n 
B 1 31 THR 31 31 31 THR THR B . n 
B 1 32 GLY 32 32 32 GLY GLY B . n 
B 1 33 ALA 33 33 33 ALA ALA B . n 
B 1 34 SER 34 34 34 SER SER B . n 
B 1 35 GLU 35 35 35 GLU GLU B . n 
B 1 36 GLU 36 36 36 GLU GLU B . n 
B 1 37 LYS 37 37 37 LYS ALA B . n 
B 1 38 ILE 38 38 38 ILE ILE B . n 
B 1 39 VAL 39 39 39 VAL VAL B . n 
B 1 40 VAL 40 40 40 VAL VAL B . n 
B 1 41 PHE 41 41 41 PHE PHE B . n 
B 1 42 ILE 42 42 42 ILE ILE B . n 
B 1 43 GLU 43 43 43 GLU GLU B . n 
B 1 44 GLU 44 44 44 GLU GLU B . n 
B 1 45 MET 45 45 45 MET MET B . n 
B 1 46 ARG 46 46 46 ARG ARG B . n 
B 1 47 LYS 47 47 47 LYS LYS B . n 
B 1 48 ASP 48 48 48 ASP ASP B . n 
B 1 49 HIS 49 49 49 HIS HIS B . n 
B 1 50 TYR 50 50 50 TYR TYR B . n 
B 1 51 ALA 51 51 51 ALA ALA B . n 
B 1 52 VAL 52 52 52 VAL VAL B . n 
B 1 53 ALA 53 53 53 ALA ALA B . n 
B 1 54 GLY 54 54 54 GLY GLY B . n 
B 1 55 LYS 55 55 55 LYS ALA B . n 
B 1 56 ARG 56 56 56 ARG ARG B . n 
B 1 57 LEU 57 57 57 LEU LEU B . n 
B 1 58 SER 58 58 58 SER SER B . n 
B 1 59 ASP 59 59 59 ASP ASP B . n 
B 1 60 MET 60 60 60 MET MET B . n 
B 1 61 GLU 61 61 61 GLU GLU B . n 
# 
loop_
_pdbx_nonpoly_scheme.asym_id 
_pdbx_nonpoly_scheme.entity_id 
_pdbx_nonpoly_scheme.mon_id 
_pdbx_nonpoly_scheme.ndb_seq_num 
_pdbx_nonpoly_scheme.pdb_seq_num 
_pdbx_nonpoly_scheme.auth_seq_num 
_pdbx_nonpoly_scheme.pdb_mon_id 
_pdbx_nonpoly_scheme.auth_mon_id 
_pdbx_nonpoly_scheme.pdb_strand_id 
_pdbx_nonpoly_scheme.pdb_ins_code 
C 2 FHC 1  500 500 FHC FHC A . 
D 3 HOH 1  501 1   HOH WAT A . 
D 3 HOH 2  502 3   HOH WAT A . 
D 3 HOH 3  503 4   HOH WAT A . 
D 3 HOH 4  504 5   HOH WAT A . 
D 3 HOH 5  505 7   HOH WAT A . 
D 3 HOH 6  506 9   HOH WAT A . 
D 3 HOH 7  507 10  HOH WAT A . 
D 3 HOH 8  508 11  HOH WAT A . 
D 3 HOH 9  509 12  HOH WAT A . 
D 3 HOH 10 510 14  HOH WAT A . 
D 3 HOH 11 511 15  HOH WAT A . 
D 3 HOH 12 512 16  HOH WAT A . 
D 3 HOH 13 513 17  HOH WAT A . 
D 3 HOH 14 514 19  HOH WAT A . 
D 3 HOH 15 515 20  HOH WAT A . 
D 3 HOH 16 516 22  HOH WAT A . 
D 3 HOH 17 517 23  HOH WAT A . 
D 3 HOH 18 518 24  HOH WAT A . 
D 3 HOH 19 519 25  HOH WAT A . 
D 3 HOH 20 520 26  HOH WAT A . 
D 3 HOH 21 521 27  HOH WAT A . 
D 3 HOH 22 522 28  HOH WAT A . 
D 3 HOH 23 523 30  HOH WAT A . 
D 3 HOH 24 524 33  HOH WAT A . 
D 3 HOH 25 525 34  HOH WAT A . 
D 3 HOH 26 526 36  HOH WAT A . 
D 3 HOH 27 527 38  HOH WAT A . 
D 3 HOH 28 528 42  HOH WAT A . 
D 3 HOH 29 529 44  HOH WAT A . 
D 3 HOH 30 530 48  HOH WAT A . 
D 3 HOH 31 531 49  HOH WAT A . 
D 3 HOH 32 532 52  HOH WAT A . 
D 3 HOH 33 533 53  HOH WAT A . 
D 3 HOH 34 534 55  HOH WAT A . 
E 3 HOH 1  62  2   HOH WAT B . 
E 3 HOH 2  63  6   HOH WAT B . 
E 3 HOH 3  64  8   HOH WAT B . 
E 3 HOH 4  65  13  HOH WAT B . 
E 3 HOH 5  66  18  HOH WAT B . 
E 3 HOH 6  67  21  HOH WAT B . 
E 3 HOH 7  68  29  HOH WAT B . 
E 3 HOH 8  69  31  HOH WAT B . 
E 3 HOH 9  70  32  HOH WAT B . 
E 3 HOH 10 71  35  HOH WAT B . 
E 3 HOH 11 72  37  HOH WAT B . 
E 3 HOH 12 73  39  HOH WAT B . 
E 3 HOH 13 74  40  HOH WAT B . 
E 3 HOH 14 75  41  HOH WAT B . 
E 3 HOH 15 76  43  HOH WAT B . 
E 3 HOH 16 77  45  HOH WAT B . 
E 3 HOH 17 78  46  HOH WAT B . 
E 3 HOH 18 79  47  HOH WAT B . 
E 3 HOH 19 80  50  HOH WAT B . 
E 3 HOH 20 81  51  HOH WAT B . 
E 3 HOH 21 82  54  HOH WAT B . 
E 3 HOH 22 83  56  HOH WAT B . 
# 
_pdbx_struct_assembly.id                   1 
_pdbx_struct_assembly.details              author_and_software_defined_assembly 
_pdbx_struct_assembly.method_details       PISA,PQS 
_pdbx_struct_assembly.oligomeric_details   hexameric 
_pdbx_struct_assembly.oligomeric_count     6 
# 
_pdbx_struct_assembly_gen.assembly_id       1 
_pdbx_struct_assembly_gen.oper_expression   1,2,3 
_pdbx_struct_assembly_gen.asym_id_list      A,B,C,D,E 
# 
loop_
_pdbx_struct_assembly_prop.biol_id 
_pdbx_struct_assembly_prop.type 
_pdbx_struct_assembly_prop.value 
_pdbx_struct_assembly_prop.details 
1 'ABSA (A^2)' 13610 ? 
1 MORE         -29   ? 
1 'SSA (A^2)'  15480 ? 
# 
loop_
_pdbx_struct_oper_list.id 
_pdbx_struct_oper_list.type 
_pdbx_struct_oper_list.name 
_pdbx_struct_oper_list.symmetry_operation 
_pdbx_struct_oper_list.matrix[1][1] 
_pdbx_struct_oper_list.matrix[1][2] 
_pdbx_struct_oper_list.matrix[1][3] 
_pdbx_struct_oper_list.vector[1] 
_pdbx_struct_oper_list.matrix[2][1] 
_pdbx_struct_oper_list.matrix[2][2] 
_pdbx_struct_oper_list.matrix[2][3] 
_pdbx_struct_oper_list.vector[2] 
_pdbx_struct_oper_list.matrix[3][1] 
_pdbx_struct_oper_list.matrix[3][2] 
_pdbx_struct_oper_list.matrix[3][3] 
_pdbx_struct_oper_list.vector[3] 
1 'identity operation'         1_555 x,y,z 1.0000000000  0.0000000000  0.0000000000  0.0000000000  0.0000000000  1.0000000000 0.0000000000 0.0000000000   0.0000000000  0.0000000000 1.0000000000 0.0000000000  
2 'crystal symmetry operation' 5_555 z,x,y -0.4564566046 0.8348460122  -0.3077003477 17.6481785513 -0.5340275610 0.0195491748 0.8452410271 -9.9908046858  0.7116613887  0.5501363155 0.4369074298 3.6352395640  
3 'crystal symmetry operation' 9_555 y,z,x -0.4564566046 -0.5340275610 0.7116613887  0.1332029636  0.8348460122  0.0195491748 0.5501363155 -16.5380767989 -0.3077003477 0.8452410271 0.4369074298 12.2867255158 
# 
loop_
_pdbx_audit_revision_history.ordinal 
_pdbx_audit_revision_history.data_content_type 
_pdbx_audit_revision_history.major_revision 
_pdbx_audit_revision_history.minor_revision 
_pdbx_audit_revision_history.revision_date 
1 'Structure model' 1 0 2008-02-05 
2 'Structure model' 1 1 2011-07-13 
3 'Structure model' 1 2 2017-10-18 
4 'Structure model' 1 3 2023-08-30 
# 
_pdbx_audit_revision_details.ordinal             1 
_pdbx_audit_revision_details.revision_ordinal    1 
_pdbx_audit_revision_details.data_content_type   'Structure model' 
_pdbx_audit_revision_details.provider            repository 
_pdbx_audit_revision_details.type                'Initial release' 
_pdbx_audit_revision_details.description         ? 
_pdbx_audit_revision_details.details             ? 
# 
loop_
_pdbx_audit_revision_group.ordinal 
_pdbx_audit_revision_group.revision_ordinal 
_pdbx_audit_revision_group.data_content_type 
_pdbx_audit_revision_group.group 
1 2 'Structure model' 'Derived calculations'      
2 2 'Structure model' 'Version format compliance' 
3 3 'Structure model' Advisory                    
4 3 'Structure model' 'Refinement description'    
5 4 'Structure model' Advisory                    
6 4 'Structure model' 'Data collection'           
7 4 'Structure model' 'Database references'       
8 4 'Structure model' 'Derived calculations'      
9 4 'Structure model' 'Refinement description'    
# 
loop_
_pdbx_audit_revision_category.ordinal 
_pdbx_audit_revision_category.revision_ordinal 
_pdbx_audit_revision_category.data_content_type 
_pdbx_audit_revision_category.category 
1 3 'Structure model' pdbx_unobs_or_zero_occ_atoms  
2 3 'Structure model' software                      
3 4 'Structure model' chem_comp_atom                
4 4 'Structure model' chem_comp_bond                
5 4 'Structure model' database_2                    
6 4 'Structure model' pdbx_initial_refinement_model 
7 4 'Structure model' pdbx_unobs_or_zero_occ_atoms  
8 4 'Structure model' struct_site                   
# 
loop_
_pdbx_audit_revision_item.ordinal 
_pdbx_audit_revision_item.revision_ordinal 
_pdbx_audit_revision_item.data_content_type 
_pdbx_audit_revision_item.item 
1 4 'Structure model' '_database_2.pdbx_DOI'                
2 4 'Structure model' '_database_2.pdbx_database_accession' 
3 4 'Structure model' '_struct_site.pdbx_auth_asym_id'      
4 4 'Structure model' '_struct_site.pdbx_auth_comp_id'      
5 4 'Structure model' '_struct_site.pdbx_auth_seq_id'       
# 
loop_
_software.name 
_software.classification 
_software.version 
_software.citation_id 
_software.pdbx_ordinal 
ADSC   'data collection' Quantum ? 1 
CNS    refinement        .       ? 2 
MOSFLM 'data reduction'  .       ? 3 
SCALA  'data scaling'    .       ? 4 
# 
_pdbx_validate_symm_contact.id                1 
_pdbx_validate_symm_contact.PDB_model_num     1 
_pdbx_validate_symm_contact.auth_atom_id_1    O 
_pdbx_validate_symm_contact.auth_asym_id_1    A 
_pdbx_validate_symm_contact.auth_comp_id_1    HOH 
_pdbx_validate_symm_contact.auth_seq_id_1     533 
_pdbx_validate_symm_contact.PDB_ins_code_1    ? 
_pdbx_validate_symm_contact.label_alt_id_1    ? 
_pdbx_validate_symm_contact.site_symmetry_1   1_555 
_pdbx_validate_symm_contact.auth_atom_id_2    O 
_pdbx_validate_symm_contact.auth_asym_id_2    A 
_pdbx_validate_symm_contact.auth_comp_id_2    HOH 
_pdbx_validate_symm_contact.auth_seq_id_2     533 
_pdbx_validate_symm_contact.PDB_ins_code_2    ? 
_pdbx_validate_symm_contact.label_alt_id_2    ? 
_pdbx_validate_symm_contact.site_symmetry_2   48_555 
_pdbx_validate_symm_contact.dist              2.13 
# 
loop_
_pdbx_unobs_or_zero_occ_atoms.id 
_pdbx_unobs_or_zero_occ_atoms.PDB_model_num 
_pdbx_unobs_or_zero_occ_atoms.polymer_flag 
_pdbx_unobs_or_zero_occ_atoms.occupancy_flag 
_pdbx_unobs_or_zero_occ_atoms.auth_asym_id 
_pdbx_unobs_or_zero_occ_atoms.auth_comp_id 
_pdbx_unobs_or_zero_occ_atoms.auth_seq_id 
_pdbx_unobs_or_zero_occ_atoms.PDB_ins_code 
_pdbx_unobs_or_zero_occ_atoms.auth_atom_id 
_pdbx_unobs_or_zero_occ_atoms.label_alt_id 
_pdbx_unobs_or_zero_occ_atoms.label_asym_id 
_pdbx_unobs_or_zero_occ_atoms.label_comp_id 
_pdbx_unobs_or_zero_occ_atoms.label_seq_id 
_pdbx_unobs_or_zero_occ_atoms.label_atom_id 
1  1 Y 1 A GLU 21 ? CG  ? A GLU 21 CG  
2  1 Y 1 A GLU 21 ? CD  ? A GLU 21 CD  
3  1 Y 1 A GLU 21 ? OE1 ? A GLU 21 OE1 
4  1 Y 1 A GLU 21 ? OE2 ? A GLU 21 OE2 
5  1 Y 0 A GLU 25 ? OE1 ? A GLU 25 OE1 
6  1 Y 0 A GLU 35 ? CD  ? A GLU 35 CD  
7  1 Y 0 A GLU 35 ? OE1 ? A GLU 35 OE1 
8  1 Y 0 A GLU 35 ? OE2 ? A GLU 35 OE2 
9  1 Y 0 A GLU 36 ? CD  ? A GLU 36 CD  
10 1 Y 0 A GLU 36 ? OE2 ? A GLU 36 OE2 
11 1 Y 1 A LYS 55 ? CG  ? A LYS 55 CG  
12 1 Y 1 A LYS 55 ? CD  ? A LYS 55 CD  
13 1 Y 1 A LYS 55 ? CE  ? A LYS 55 CE  
14 1 Y 1 A LYS 55 ? NZ  ? A LYS 55 NZ  
15 1 Y 1 A GLU 61 ? CG  ? A GLU 61 CG  
16 1 Y 1 A GLU 61 ? CD  ? A GLU 61 CD  
17 1 Y 1 A GLU 61 ? OE1 ? A GLU 61 OE1 
18 1 Y 1 A GLU 61 ? OE2 ? A GLU 61 OE2 
19 1 Y 0 B GLU 14 ? OE1 ? B GLU 14 OE1 
20 1 Y 1 B GLU 21 ? CG  ? B GLU 21 CG  
21 1 Y 1 B GLU 21 ? CD  ? B GLU 21 CD  
22 1 Y 1 B GLU 21 ? OE1 ? B GLU 21 OE1 
23 1 Y 1 B GLU 21 ? OE2 ? B GLU 21 OE2 
24 1 Y 1 B GLU 29 ? CG  ? B GLU 29 CG  
25 1 Y 1 B GLU 29 ? CD  ? B GLU 29 CD  
26 1 Y 1 B GLU 29 ? OE1 ? B GLU 29 OE1 
27 1 Y 1 B GLU 29 ? OE2 ? B GLU 29 OE2 
28 1 Y 1 B LYS 37 ? CG  ? B LYS 37 CG  
29 1 Y 1 B LYS 37 ? CD  ? B LYS 37 CD  
30 1 Y 1 B LYS 37 ? CE  ? B LYS 37 CE  
31 1 Y 1 B LYS 37 ? NZ  ? B LYS 37 NZ  
32 1 Y 1 B LYS 55 ? CG  ? B LYS 55 CG  
33 1 Y 1 B LYS 55 ? CD  ? B LYS 55 CD  
34 1 Y 1 B LYS 55 ? CE  ? B LYS 55 CE  
35 1 Y 1 B LYS 55 ? NZ  ? B LYS 55 NZ  
36 1 Y 0 B MET 60 ? SD  ? B MET 60 SD  
37 1 Y 0 B MET 60 ? CE  ? B MET 60 CE  
# 
loop_
_chem_comp_atom.comp_id 
_chem_comp_atom.atom_id 
_chem_comp_atom.type_symbol 
_chem_comp_atom.pdbx_aromatic_flag 
_chem_comp_atom.pdbx_stereo_config 
_chem_comp_atom.pdbx_ordinal 
ALA N    N N N 1   
ALA CA   C N S 2   
ALA C    C N N 3   
ALA O    O N N 4   
ALA CB   C N N 5   
ALA OXT  O N N 6   
ALA H    H N N 7   
ALA H2   H N N 8   
ALA HA   H N N 9   
ALA HB1  H N N 10  
ALA HB2  H N N 11  
ALA HB3  H N N 12  
ALA HXT  H N N 13  
ARG N    N N N 14  
ARG CA   C N S 15  
ARG C    C N N 16  
ARG O    O N N 17  
ARG CB   C N N 18  
ARG CG   C N N 19  
ARG CD   C N N 20  
ARG NE   N N N 21  
ARG CZ   C N N 22  
ARG NH1  N N N 23  
ARG NH2  N N N 24  
ARG OXT  O N N 25  
ARG H    H N N 26  
ARG H2   H N N 27  
ARG HA   H N N 28  
ARG HB2  H N N 29  
ARG HB3  H N N 30  
ARG HG2  H N N 31  
ARG HG3  H N N 32  
ARG HD2  H N N 33  
ARG HD3  H N N 34  
ARG HE   H N N 35  
ARG HH11 H N N 36  
ARG HH12 H N N 37  
ARG HH21 H N N 38  
ARG HH22 H N N 39  
ARG HXT  H N N 40  
ASN N    N N N 41  
ASN CA   C N S 42  
ASN C    C N N 43  
ASN O    O N N 44  
ASN CB   C N N 45  
ASN CG   C N N 46  
ASN OD1  O N N 47  
ASN ND2  N N N 48  
ASN OXT  O N N 49  
ASN H    H N N 50  
ASN H2   H N N 51  
ASN HA   H N N 52  
ASN HB2  H N N 53  
ASN HB3  H N N 54  
ASN HD21 H N N 55  
ASN HD22 H N N 56  
ASN HXT  H N N 57  
ASP N    N N N 58  
ASP CA   C N S 59  
ASP C    C N N 60  
ASP O    O N N 61  
ASP CB   C N N 62  
ASP CG   C N N 63  
ASP OD1  O N N 64  
ASP OD2  O N N 65  
ASP OXT  O N N 66  
ASP H    H N N 67  
ASP H2   H N N 68  
ASP HA   H N N 69  
ASP HB2  H N N 70  
ASP HB3  H N N 71  
ASP HD2  H N N 72  
ASP HXT  H N N 73  
FHC C1   C Y N 74  
FHC C7   C N N 75  
FHC C8   C N N 76  
FHC C9   C N N 77  
FHC O3   O N N 78  
FHC O2   O N N 79  
FHC F1   F N N 80  
FHC C6   C Y N 81  
FHC C5   C Y N 82  
FHC C4   C Y N 83  
FHC O1   O N N 84  
FHC C3   C Y N 85  
FHC C2   C Y N 86  
FHC HC7  H N N 87  
FHC HC6  H N N 88  
FHC HC5  H N N 89  
FHC HO1  H N N 90  
FHC HC3  H N N 91  
FHC HC2  H N N 92  
GLN N    N N N 93  
GLN CA   C N S 94  
GLN C    C N N 95  
GLN O    O N N 96  
GLN CB   C N N 97  
GLN CG   C N N 98  
GLN CD   C N N 99  
GLN OE1  O N N 100 
GLN NE2  N N N 101 
GLN OXT  O N N 102 
GLN H    H N N 103 
GLN H2   H N N 104 
GLN HA   H N N 105 
GLN HB2  H N N 106 
GLN HB3  H N N 107 
GLN HG2  H N N 108 
GLN HG3  H N N 109 
GLN HE21 H N N 110 
GLN HE22 H N N 111 
GLN HXT  H N N 112 
GLU N    N N N 113 
GLU CA   C N S 114 
GLU C    C N N 115 
GLU O    O N N 116 
GLU CB   C N N 117 
GLU CG   C N N 118 
GLU CD   C N N 119 
GLU OE1  O N N 120 
GLU OE2  O N N 121 
GLU OXT  O N N 122 
GLU H    H N N 123 
GLU H2   H N N 124 
GLU HA   H N N 125 
GLU HB2  H N N 126 
GLU HB3  H N N 127 
GLU HG2  H N N 128 
GLU HG3  H N N 129 
GLU HE2  H N N 130 
GLU HXT  H N N 131 
GLY N    N N N 132 
GLY CA   C N N 133 
GLY C    C N N 134 
GLY O    O N N 135 
GLY OXT  O N N 136 
GLY H    H N N 137 
GLY H2   H N N 138 
GLY HA2  H N N 139 
GLY HA3  H N N 140 
GLY HXT  H N N 141 
HIS N    N N N 142 
HIS CA   C N S 143 
HIS C    C N N 144 
HIS O    O N N 145 
HIS CB   C N N 146 
HIS CG   C Y N 147 
HIS ND1  N Y N 148 
HIS CD2  C Y N 149 
HIS CE1  C Y N 150 
HIS NE2  N Y N 151 
HIS OXT  O N N 152 
HIS H    H N N 153 
HIS H2   H N N 154 
HIS HA   H N N 155 
HIS HB2  H N N 156 
HIS HB3  H N N 157 
HIS HD1  H N N 158 
HIS HD2  H N N 159 
HIS HE1  H N N 160 
HIS HE2  H N N 161 
HIS HXT  H N N 162 
HOH O    O N N 163 
HOH H1   H N N 164 
HOH H2   H N N 165 
ILE N    N N N 166 
ILE CA   C N S 167 
ILE C    C N N 168 
ILE O    O N N 169 
ILE CB   C N S 170 
ILE CG1  C N N 171 
ILE CG2  C N N 172 
ILE CD1  C N N 173 
ILE OXT  O N N 174 
ILE H    H N N 175 
ILE H2   H N N 176 
ILE HA   H N N 177 
ILE HB   H N N 178 
ILE HG12 H N N 179 
ILE HG13 H N N 180 
ILE HG21 H N N 181 
ILE HG22 H N N 182 
ILE HG23 H N N 183 
ILE HD11 H N N 184 
ILE HD12 H N N 185 
ILE HD13 H N N 186 
ILE HXT  H N N 187 
LEU N    N N N 188 
LEU CA   C N S 189 
LEU C    C N N 190 
LEU O    O N N 191 
LEU CB   C N N 192 
LEU CG   C N N 193 
LEU CD1  C N N 194 
LEU CD2  C N N 195 
LEU OXT  O N N 196 
LEU H    H N N 197 
LEU H2   H N N 198 
LEU HA   H N N 199 
LEU HB2  H N N 200 
LEU HB3  H N N 201 
LEU HG   H N N 202 
LEU HD11 H N N 203 
LEU HD12 H N N 204 
LEU HD13 H N N 205 
LEU HD21 H N N 206 
LEU HD22 H N N 207 
LEU HD23 H N N 208 
LEU HXT  H N N 209 
LYS N    N N N 210 
LYS CA   C N S 211 
LYS C    C N N 212 
LYS O    O N N 213 
LYS CB   C N N 214 
LYS CG   C N N 215 
LYS CD   C N N 216 
LYS CE   C N N 217 
LYS NZ   N N N 218 
LYS OXT  O N N 219 
LYS H    H N N 220 
LYS H2   H N N 221 
LYS HA   H N N 222 
LYS HB2  H N N 223 
LYS HB3  H N N 224 
LYS HG2  H N N 225 
LYS HG3  H N N 226 
LYS HD2  H N N 227 
LYS HD3  H N N 228 
LYS HE2  H N N 229 
LYS HE3  H N N 230 
LYS HZ1  H N N 231 
LYS HZ2  H N N 232 
LYS HZ3  H N N 233 
LYS HXT  H N N 234 
MET N    N N N 235 
MET CA   C N S 236 
MET C    C N N 237 
MET O    O N N 238 
MET CB   C N N 239 
MET CG   C N N 240 
MET SD   S N N 241 
MET CE   C N N 242 
MET OXT  O N N 243 
MET H    H N N 244 
MET H2   H N N 245 
MET HA   H N N 246 
MET HB2  H N N 247 
MET HB3  H N N 248 
MET HG2  H N N 249 
MET HG3  H N N 250 
MET HE1  H N N 251 
MET HE2  H N N 252 
MET HE3  H N N 253 
MET HXT  H N N 254 
PHE N    N N N 255 
PHE CA   C N S 256 
PHE C    C N N 257 
PHE O    O N N 258 
PHE CB   C N N 259 
PHE CG   C Y N 260 
PHE CD1  C Y N 261 
PHE CD2  C Y N 262 
PHE CE1  C Y N 263 
PHE CE2  C Y N 264 
PHE CZ   C Y N 265 
PHE OXT  O N N 266 
PHE H    H N N 267 
PHE H2   H N N 268 
PHE HA   H N N 269 
PHE HB2  H N N 270 
PHE HB3  H N N 271 
PHE HD1  H N N 272 
PHE HD2  H N N 273 
PHE HE1  H N N 274 
PHE HE2  H N N 275 
PHE HZ   H N N 276 
PHE HXT  H N N 277 
PRO N    N N N 278 
PRO CA   C N S 279 
PRO C    C N N 280 
PRO O    O N N 281 
PRO CB   C N N 282 
PRO CG   C N N 283 
PRO CD   C N N 284 
PRO OXT  O N N 285 
PRO H    H N N 286 
PRO HA   H N N 287 
PRO HB2  H N N 288 
PRO HB3  H N N 289 
PRO HG2  H N N 290 
PRO HG3  H N N 291 
PRO HD2  H N N 292 
PRO HD3  H N N 293 
PRO HXT  H N N 294 
SER N    N N N 295 
SER CA   C N S 296 
SER C    C N N 297 
SER O    O N N 298 
SER CB   C N N 299 
SER OG   O N N 300 
SER OXT  O N N 301 
SER H    H N N 302 
SER H2   H N N 303 
SER HA   H N N 304 
SER HB2  H N N 305 
SER HB3  H N N 306 
SER HG   H N N 307 
SER HXT  H N N 308 
THR N    N N N 309 
THR CA   C N S 310 
THR C    C N N 311 
THR O    O N N 312 
THR CB   C N R 313 
THR OG1  O N N 314 
THR CG2  C N N 315 
THR OXT  O N N 316 
THR H    H N N 317 
THR H2   H N N 318 
THR HA   H N N 319 
THR HB   H N N 320 
THR HG1  H N N 321 
THR HG21 H N N 322 
THR HG22 H N N 323 
THR HG23 H N N 324 
THR HXT  H N N 325 
TYR N    N N N 326 
TYR CA   C N S 327 
TYR C    C N N 328 
TYR O    O N N 329 
TYR CB   C N N 330 
TYR CG   C Y N 331 
TYR CD1  C Y N 332 
TYR CD2  C Y N 333 
TYR CE1  C Y N 334 
TYR CE2  C Y N 335 
TYR CZ   C Y N 336 
TYR OH   O N N 337 
TYR OXT  O N N 338 
TYR H    H N N 339 
TYR H2   H N N 340 
TYR HA   H N N 341 
TYR HB2  H N N 342 
TYR HB3  H N N 343 
TYR HD1  H N N 344 
TYR HD2  H N N 345 
TYR HE1  H N N 346 
TYR HE2  H N N 347 
TYR HH   H N N 348 
TYR HXT  H N N 349 
VAL N    N N N 350 
VAL CA   C N S 351 
VAL C    C N N 352 
VAL O    O N N 353 
VAL CB   C N N 354 
VAL CG1  C N N 355 
VAL CG2  C N N 356 
VAL OXT  O N N 357 
VAL H    H N N 358 
VAL H2   H N N 359 
VAL HA   H N N 360 
VAL HB   H N N 361 
VAL HG11 H N N 362 
VAL HG12 H N N 363 
VAL HG13 H N N 364 
VAL HG21 H N N 365 
VAL HG22 H N N 366 
VAL HG23 H N N 367 
VAL HXT  H N N 368 
# 
loop_
_chem_comp_bond.comp_id 
_chem_comp_bond.atom_id_1 
_chem_comp_bond.atom_id_2 
_chem_comp_bond.value_order 
_chem_comp_bond.pdbx_aromatic_flag 
_chem_comp_bond.pdbx_stereo_config 
_chem_comp_bond.pdbx_ordinal 
ALA N   CA   sing N N 1   
ALA N   H    sing N N 2   
ALA N   H2   sing N N 3   
ALA CA  C    sing N N 4   
ALA CA  CB   sing N N 5   
ALA CA  HA   sing N N 6   
ALA C   O    doub N N 7   
ALA C   OXT  sing N N 8   
ALA CB  HB1  sing N N 9   
ALA CB  HB2  sing N N 10  
ALA CB  HB3  sing N N 11  
ALA OXT HXT  sing N N 12  
ARG N   CA   sing N N 13  
ARG N   H    sing N N 14  
ARG N   H2   sing N N 15  
ARG CA  C    sing N N 16  
ARG CA  CB   sing N N 17  
ARG CA  HA   sing N N 18  
ARG C   O    doub N N 19  
ARG C   OXT  sing N N 20  
ARG CB  CG   sing N N 21  
ARG CB  HB2  sing N N 22  
ARG CB  HB3  sing N N 23  
ARG CG  CD   sing N N 24  
ARG CG  HG2  sing N N 25  
ARG CG  HG3  sing N N 26  
ARG CD  NE   sing N N 27  
ARG CD  HD2  sing N N 28  
ARG CD  HD3  sing N N 29  
ARG NE  CZ   sing N N 30  
ARG NE  HE   sing N N 31  
ARG CZ  NH1  sing N N 32  
ARG CZ  NH2  doub N N 33  
ARG NH1 HH11 sing N N 34  
ARG NH1 HH12 sing N N 35  
ARG NH2 HH21 sing N N 36  
ARG NH2 HH22 sing N N 37  
ARG OXT HXT  sing N N 38  
ASN N   CA   sing N N 39  
ASN N   H    sing N N 40  
ASN N   H2   sing N N 41  
ASN CA  C    sing N N 42  
ASN CA  CB   sing N N 43  
ASN CA  HA   sing N N 44  
ASN C   O    doub N N 45  
ASN C   OXT  sing N N 46  
ASN CB  CG   sing N N 47  
ASN CB  HB2  sing N N 48  
ASN CB  HB3  sing N N 49  
ASN CG  OD1  doub N N 50  
ASN CG  ND2  sing N N 51  
ASN ND2 HD21 sing N N 52  
ASN ND2 HD22 sing N N 53  
ASN OXT HXT  sing N N 54  
ASP N   CA   sing N N 55  
ASP N   H    sing N N 56  
ASP N   H2   sing N N 57  
ASP CA  C    sing N N 58  
ASP CA  CB   sing N N 59  
ASP CA  HA   sing N N 60  
ASP C   O    doub N N 61  
ASP C   OXT  sing N N 62  
ASP CB  CG   sing N N 63  
ASP CB  HB2  sing N N 64  
ASP CB  HB3  sing N N 65  
ASP CG  OD1  doub N N 66  
ASP CG  OD2  sing N N 67  
ASP OD2 HD2  sing N N 68  
ASP OXT HXT  sing N N 69  
FHC C1  C7   sing N N 70  
FHC C1  C6   sing Y N 71  
FHC C1  C2   doub Y N 72  
FHC C7  C8   doub N E 73  
FHC C7  HC7  sing N N 74  
FHC C8  C9   sing N N 75  
FHC C8  F1   sing N N 76  
FHC C9  O3   doub N N 77  
FHC C9  O2   sing N N 78  
FHC C6  C5   doub Y N 79  
FHC C6  HC6  sing N N 80  
FHC C5  C4   sing Y N 81  
FHC C5  HC5  sing N N 82  
FHC C4  O1   sing N N 83  
FHC C4  C3   doub Y N 84  
FHC O1  HO1  sing N N 85  
FHC C3  C2   sing Y N 86  
FHC C3  HC3  sing N N 87  
FHC C2  HC2  sing N N 88  
GLN N   CA   sing N N 89  
GLN N   H    sing N N 90  
GLN N   H2   sing N N 91  
GLN CA  C    sing N N 92  
GLN CA  CB   sing N N 93  
GLN CA  HA   sing N N 94  
GLN C   O    doub N N 95  
GLN C   OXT  sing N N 96  
GLN CB  CG   sing N N 97  
GLN CB  HB2  sing N N 98  
GLN CB  HB3  sing N N 99  
GLN CG  CD   sing N N 100 
GLN CG  HG2  sing N N 101 
GLN CG  HG3  sing N N 102 
GLN CD  OE1  doub N N 103 
GLN CD  NE2  sing N N 104 
GLN NE2 HE21 sing N N 105 
GLN NE2 HE22 sing N N 106 
GLN OXT HXT  sing N N 107 
GLU N   CA   sing N N 108 
GLU N   H    sing N N 109 
GLU N   H2   sing N N 110 
GLU CA  C    sing N N 111 
GLU CA  CB   sing N N 112 
GLU CA  HA   sing N N 113 
GLU C   O    doub N N 114 
GLU C   OXT  sing N N 115 
GLU CB  CG   sing N N 116 
GLU CB  HB2  sing N N 117 
GLU CB  HB3  sing N N 118 
GLU CG  CD   sing N N 119 
GLU CG  HG2  sing N N 120 
GLU CG  HG3  sing N N 121 
GLU CD  OE1  doub N N 122 
GLU CD  OE2  sing N N 123 
GLU OE2 HE2  sing N N 124 
GLU OXT HXT  sing N N 125 
GLY N   CA   sing N N 126 
GLY N   H    sing N N 127 
GLY N   H2   sing N N 128 
GLY CA  C    sing N N 129 
GLY CA  HA2  sing N N 130 
GLY CA  HA3  sing N N 131 
GLY C   O    doub N N 132 
GLY C   OXT  sing N N 133 
GLY OXT HXT  sing N N 134 
HIS N   CA   sing N N 135 
HIS N   H    sing N N 136 
HIS N   H2   sing N N 137 
HIS CA  C    sing N N 138 
HIS CA  CB   sing N N 139 
HIS CA  HA   sing N N 140 
HIS C   O    doub N N 141 
HIS C   OXT  sing N N 142 
HIS CB  CG   sing N N 143 
HIS CB  HB2  sing N N 144 
HIS CB  HB3  sing N N 145 
HIS CG  ND1  sing Y N 146 
HIS CG  CD2  doub Y N 147 
HIS ND1 CE1  doub Y N 148 
HIS ND1 HD1  sing N N 149 
HIS CD2 NE2  sing Y N 150 
HIS CD2 HD2  sing N N 151 
HIS CE1 NE2  sing Y N 152 
HIS CE1 HE1  sing N N 153 
HIS NE2 HE2  sing N N 154 
HIS OXT HXT  sing N N 155 
HOH O   H1   sing N N 156 
HOH O   H2   sing N N 157 
ILE N   CA   sing N N 158 
ILE N   H    sing N N 159 
ILE N   H2   sing N N 160 
ILE CA  C    sing N N 161 
ILE CA  CB   sing N N 162 
ILE CA  HA   sing N N 163 
ILE C   O    doub N N 164 
ILE C   OXT  sing N N 165 
ILE CB  CG1  sing N N 166 
ILE CB  CG2  sing N N 167 
ILE CB  HB   sing N N 168 
ILE CG1 CD1  sing N N 169 
ILE CG1 HG12 sing N N 170 
ILE CG1 HG13 sing N N 171 
ILE CG2 HG21 sing N N 172 
ILE CG2 HG22 sing N N 173 
ILE CG2 HG23 sing N N 174 
ILE CD1 HD11 sing N N 175 
ILE CD1 HD12 sing N N 176 
ILE CD1 HD13 sing N N 177 
ILE OXT HXT  sing N N 178 
LEU N   CA   sing N N 179 
LEU N   H    sing N N 180 
LEU N   H2   sing N N 181 
LEU CA  C    sing N N 182 
LEU CA  CB   sing N N 183 
LEU CA  HA   sing N N 184 
LEU C   O    doub N N 185 
LEU C   OXT  sing N N 186 
LEU CB  CG   sing N N 187 
LEU CB  HB2  sing N N 188 
LEU CB  HB3  sing N N 189 
LEU CG  CD1  sing N N 190 
LEU CG  CD2  sing N N 191 
LEU CG  HG   sing N N 192 
LEU CD1 HD11 sing N N 193 
LEU CD1 HD12 sing N N 194 
LEU CD1 HD13 sing N N 195 
LEU CD2 HD21 sing N N 196 
LEU CD2 HD22 sing N N 197 
LEU CD2 HD23 sing N N 198 
LEU OXT HXT  sing N N 199 
LYS N   CA   sing N N 200 
LYS N   H    sing N N 201 
LYS N   H2   sing N N 202 
LYS CA  C    sing N N 203 
LYS CA  CB   sing N N 204 
LYS CA  HA   sing N N 205 
LYS C   O    doub N N 206 
LYS C   OXT  sing N N 207 
LYS CB  CG   sing N N 208 
LYS CB  HB2  sing N N 209 
LYS CB  HB3  sing N N 210 
LYS CG  CD   sing N N 211 
LYS CG  HG2  sing N N 212 
LYS CG  HG3  sing N N 213 
LYS CD  CE   sing N N 214 
LYS CD  HD2  sing N N 215 
LYS CD  HD3  sing N N 216 
LYS CE  NZ   sing N N 217 
LYS CE  HE2  sing N N 218 
LYS CE  HE3  sing N N 219 
LYS NZ  HZ1  sing N N 220 
LYS NZ  HZ2  sing N N 221 
LYS NZ  HZ3  sing N N 222 
LYS OXT HXT  sing N N 223 
MET N   CA   sing N N 224 
MET N   H    sing N N 225 
MET N   H2   sing N N 226 
MET CA  C    sing N N 227 
MET CA  CB   sing N N 228 
MET CA  HA   sing N N 229 
MET C   O    doub N N 230 
MET C   OXT  sing N N 231 
MET CB  CG   sing N N 232 
MET CB  HB2  sing N N 233 
MET CB  HB3  sing N N 234 
MET CG  SD   sing N N 235 
MET CG  HG2  sing N N 236 
MET CG  HG3  sing N N 237 
MET SD  CE   sing N N 238 
MET CE  HE1  sing N N 239 
MET CE  HE2  sing N N 240 
MET CE  HE3  sing N N 241 
MET OXT HXT  sing N N 242 
PHE N   CA   sing N N 243 
PHE N   H    sing N N 244 
PHE N   H2   sing N N 245 
PHE CA  C    sing N N 246 
PHE CA  CB   sing N N 247 
PHE CA  HA   sing N N 248 
PHE C   O    doub N N 249 
PHE C   OXT  sing N N 250 
PHE CB  CG   sing N N 251 
PHE CB  HB2  sing N N 252 
PHE CB  HB3  sing N N 253 
PHE CG  CD1  doub Y N 254 
PHE CG  CD2  sing Y N 255 
PHE CD1 CE1  sing Y N 256 
PHE CD1 HD1  sing N N 257 
PHE CD2 CE2  doub Y N 258 
PHE CD2 HD2  sing N N 259 
PHE CE1 CZ   doub Y N 260 
PHE CE1 HE1  sing N N 261 
PHE CE2 CZ   sing Y N 262 
PHE CE2 HE2  sing N N 263 
PHE CZ  HZ   sing N N 264 
PHE OXT HXT  sing N N 265 
PRO N   CA   sing N N 266 
PRO N   CD   sing N N 267 
PRO N   H    sing N N 268 
PRO CA  C    sing N N 269 
PRO CA  CB   sing N N 270 
PRO CA  HA   sing N N 271 
PRO C   O    doub N N 272 
PRO C   OXT  sing N N 273 
PRO CB  CG   sing N N 274 
PRO CB  HB2  sing N N 275 
PRO CB  HB3  sing N N 276 
PRO CG  CD   sing N N 277 
PRO CG  HG2  sing N N 278 
PRO CG  HG3  sing N N 279 
PRO CD  HD2  sing N N 280 
PRO CD  HD3  sing N N 281 
PRO OXT HXT  sing N N 282 
SER N   CA   sing N N 283 
SER N   H    sing N N 284 
SER N   H2   sing N N 285 
SER CA  C    sing N N 286 
SER CA  CB   sing N N 287 
SER CA  HA   sing N N 288 
SER C   O    doub N N 289 
SER C   OXT  sing N N 290 
SER CB  OG   sing N N 291 
SER CB  HB2  sing N N 292 
SER CB  HB3  sing N N 293 
SER OG  HG   sing N N 294 
SER OXT HXT  sing N N 295 
THR N   CA   sing N N 296 
THR N   H    sing N N 297 
THR N   H2   sing N N 298 
THR CA  C    sing N N 299 
THR CA  CB   sing N N 300 
THR CA  HA   sing N N 301 
THR C   O    doub N N 302 
THR C   OXT  sing N N 303 
THR CB  OG1  sing N N 304 
THR CB  CG2  sing N N 305 
THR CB  HB   sing N N 306 
THR OG1 HG1  sing N N 307 
THR CG2 HG21 sing N N 308 
THR CG2 HG22 sing N N 309 
THR CG2 HG23 sing N N 310 
THR OXT HXT  sing N N 311 
TYR N   CA   sing N N 312 
TYR N   H    sing N N 313 
TYR N   H2   sing N N 314 
TYR CA  C    sing N N 315 
TYR CA  CB   sing N N 316 
TYR CA  HA   sing N N 317 
TYR C   O    doub N N 318 
TYR C   OXT  sing N N 319 
TYR CB  CG   sing N N 320 
TYR CB  HB2  sing N N 321 
TYR CB  HB3  sing N N 322 
TYR CG  CD1  doub Y N 323 
TYR CG  CD2  sing Y N 324 
TYR CD1 CE1  sing Y N 325 
TYR CD1 HD1  sing N N 326 
TYR CD2 CE2  doub Y N 327 
TYR CD2 HD2  sing N N 328 
TYR CE1 CZ   doub Y N 329 
TYR CE1 HE1  sing N N 330 
TYR CE2 CZ   sing Y N 331 
TYR CE2 HE2  sing N N 332 
TYR CZ  OH   sing N N 333 
TYR OH  HH   sing N N 334 
TYR OXT HXT  sing N N 335 
VAL N   CA   sing N N 336 
VAL N   H    sing N N 337 
VAL N   H2   sing N N 338 
VAL CA  C    sing N N 339 
VAL CA  CB   sing N N 340 
VAL CA  HA   sing N N 341 
VAL C   O    doub N N 342 
VAL C   OXT  sing N N 343 
VAL CB  CG1  sing N N 344 
VAL CB  CG2  sing N N 345 
VAL CB  HB   sing N N 346 
VAL CG1 HG11 sing N N 347 
VAL CG1 HG12 sing N N 348 
VAL CG1 HG13 sing N N 349 
VAL CG2 HG21 sing N N 350 
VAL CG2 HG22 sing N N 351 
VAL CG2 HG23 sing N N 352 
VAL OXT HXT  sing N N 353 
# 
loop_
_pdbx_entity_nonpoly.entity_id 
_pdbx_entity_nonpoly.name 
_pdbx_entity_nonpoly.comp_id 
2 '2-FLUORO-3-(4-HYDROXYPHENYL)-2E-PROPENEOATE' FHC 
3 water                                         HOH 
# 
_pdbx_initial_refinement_model.id               1 
_pdbx_initial_refinement_model.entity_id_list   ? 
_pdbx_initial_refinement_model.type             'experimental model' 
_pdbx_initial_refinement_model.source_name      PDB 
_pdbx_initial_refinement_model.accession_code   2OP8 
_pdbx_initial_refinement_model.details          'PDB entry 2OP8' 
# 
